data_1EVS
# 
_entry.id   1EVS 
# 
_audit_conform.dict_name       mmcif_pdbx.dic 
_audit_conform.dict_version    5.397 
_audit_conform.dict_location   http://mmcif.pdb.org/dictionaries/ascii/mmcif_pdbx.dic 
# 
loop_
_database_2.database_id 
_database_2.database_code 
_database_2.pdbx_database_accession 
_database_2.pdbx_DOI 
PDB   1EVS         pdb_00001evs 10.2210/pdb1evs/pdb 
RCSB  RCSB010937   ?            ?                   
WWPDB D_1000010937 ?            ?                   
# 
loop_
_pdbx_audit_revision_history.ordinal 
_pdbx_audit_revision_history.data_content_type 
_pdbx_audit_revision_history.major_revision 
_pdbx_audit_revision_history.minor_revision 
_pdbx_audit_revision_history.revision_date 
1 'Structure model' 1 0 2000-09-13 
2 'Structure model' 1 1 2008-04-27 
3 'Structure model' 1 2 2011-07-13 
4 'Structure model' 1 3 2018-01-31 
5 'Structure model' 1 4 2024-10-30 
# 
_pdbx_audit_revision_details.ordinal             1 
_pdbx_audit_revision_details.revision_ordinal    1 
_pdbx_audit_revision_details.data_content_type   'Structure model' 
_pdbx_audit_revision_details.provider            repository 
_pdbx_audit_revision_details.type                'Initial release' 
_pdbx_audit_revision_details.description         ? 
_pdbx_audit_revision_details.details             ? 
# 
loop_
_pdbx_audit_revision_group.ordinal 
_pdbx_audit_revision_group.revision_ordinal 
_pdbx_audit_revision_group.data_content_type 
_pdbx_audit_revision_group.group 
1 2 'Structure model' 'Version format compliance' 
2 3 'Structure model' 'Version format compliance' 
3 4 'Structure model' 'Experimental preparation'  
4 5 'Structure model' 'Data collection'           
5 5 'Structure model' 'Database references'       
6 5 'Structure model' 'Structure summary'         
# 
loop_
_pdbx_audit_revision_category.ordinal 
_pdbx_audit_revision_category.revision_ordinal 
_pdbx_audit_revision_category.data_content_type 
_pdbx_audit_revision_category.category 
1 4 'Structure model' exptl_crystal_grow        
2 5 'Structure model' chem_comp_atom            
3 5 'Structure model' chem_comp_bond            
4 5 'Structure model' database_2                
5 5 'Structure model' pdbx_entry_details        
6 5 'Structure model' pdbx_modification_feature 
# 
loop_
_pdbx_audit_revision_item.ordinal 
_pdbx_audit_revision_item.revision_ordinal 
_pdbx_audit_revision_item.data_content_type 
_pdbx_audit_revision_item.item 
1 4 'Structure model' '_exptl_crystal_grow.temp'            
2 5 'Structure model' '_database_2.pdbx_DOI'                
3 5 'Structure model' '_database_2.pdbx_database_accession' 
# 
_pdbx_database_status.status_code                     REL 
_pdbx_database_status.entry_id                        1EVS 
_pdbx_database_status.recvd_initial_deposition_date   2000-04-20 
_pdbx_database_status.deposit_site                    RCSB 
_pdbx_database_status.process_site                    RCSB 
_pdbx_database_status.SG_entry                        . 
_pdbx_database_status.pdb_format_compatible           Y 
_pdbx_database_status.status_code_mr                  ? 
_pdbx_database_status.status_code_sf                  ? 
_pdbx_database_status.status_code_cs                  ? 
_pdbx_database_status.methods_development_category    ? 
_pdbx_database_status.status_code_nmr_data            ? 
# 
loop_
_audit_author.name 
_audit_author.pdbx_ordinal 
'Deller, M.C.' 1 
'Hudson, K.R.' 2 
'Ikemizu, S.'  3 
'Bravo, J.'    4 
'Jones, E.Y.'  5 
'Heath, J.K.'  6 
# 
_citation.id                        primary 
_citation.title                     'Crystal structure and functional dissection of the cytostatic cytokine oncostatin M.' 
_citation.journal_abbrev            'Structure Fold.Des.' 
_citation.journal_volume            8 
_citation.page_first                863 
_citation.page_last                 874 
_citation.year                      2000 
_citation.journal_id_ASTM           FODEFH 
_citation.country                   UK 
_citation.journal_id_ISSN           0969-2126 
_citation.journal_id_CSD            1263 
_citation.book_publisher            ? 
_citation.pdbx_database_id_PubMed   10997905 
_citation.pdbx_database_id_DOI      '10.1016/S0969-2126(00)00176-3' 
# 
loop_
_citation_author.citation_id 
_citation_author.name 
_citation_author.ordinal 
_citation_author.identifier_ORCID 
primary 'Deller, M.C.' 1 ? 
primary 'Hudson, K.R.' 2 ? 
primary 'Ikemizu, S.'  3 ? 
primary 'Bravo, J.'    4 ? 
primary 'Jones, E.Y.'  5 ? 
primary 'Heath, J.K.'  6 ? 
# 
loop_
_entity.id 
_entity.type 
_entity.src_method 
_entity.pdbx_description 
_entity.formula_weight 
_entity.pdbx_number_of_molecules 
_entity.pdbx_ec 
_entity.pdbx_mutation 
_entity.pdbx_fragment 
_entity.details 
1 polymer man 'ONCOSTATIN M' 21143.250 1   ? ? ? 'C-TERMINAL TRUNCATION' 
2 water   nat water          18.015    116 ? ? ? ?                       
# 
_entity_poly.entity_id                      1 
_entity_poly.type                           'polypeptide(L)' 
_entity_poly.nstd_linkage                   no 
_entity_poly.nstd_monomer                   no 
_entity_poly.pdbx_seq_one_letter_code       
;AAIGSCSKEYRVLLGQLQKQTDLMQDTSRLLDPYIRIQGLDVPKLREHCRERPGAFPSEETLRGLGRRGFLQTLNATLGC
VLHRLADLEQRLPKAQDLERSGLNIEDLEKLQMARPNILGLRNNIYCMAQLLDNSDTAEPTKAGRGASQPPTPTPASDAF
QRKLEGCRFLHGYHRFMHSVGRVFSKW
;
_entity_poly.pdbx_seq_one_letter_code_can   
;AAIGSCSKEYRVLLGQLQKQTDLMQDTSRLLDPYIRIQGLDVPKLREHCRERPGAFPSEETLRGLGRRGFLQTLNATLGC
VLHRLADLEQRLPKAQDLERSGLNIEDLEKLQMARPNILGLRNNIYCMAQLLDNSDTAEPTKAGRGASQPPTPTPASDAF
QRKLEGCRFLHGYHRFMHSVGRVFSKW
;
_entity_poly.pdbx_strand_id                 A 
_entity_poly.pdbx_target_identifier         ? 
# 
_pdbx_entity_nonpoly.entity_id   2 
_pdbx_entity_nonpoly.name        water 
_pdbx_entity_nonpoly.comp_id     HOH 
# 
loop_
_entity_poly_seq.entity_id 
_entity_poly_seq.num 
_entity_poly_seq.mon_id 
_entity_poly_seq.hetero 
1 1   ALA n 
1 2   ALA n 
1 3   ILE n 
1 4   GLY n 
1 5   SER n 
1 6   CYS n 
1 7   SER n 
1 8   LYS n 
1 9   GLU n 
1 10  TYR n 
1 11  ARG n 
1 12  VAL n 
1 13  LEU n 
1 14  LEU n 
1 15  GLY n 
1 16  GLN n 
1 17  LEU n 
1 18  GLN n 
1 19  LYS n 
1 20  GLN n 
1 21  THR n 
1 22  ASP n 
1 23  LEU n 
1 24  MET n 
1 25  GLN n 
1 26  ASP n 
1 27  THR n 
1 28  SER n 
1 29  ARG n 
1 30  LEU n 
1 31  LEU n 
1 32  ASP n 
1 33  PRO n 
1 34  TYR n 
1 35  ILE n 
1 36  ARG n 
1 37  ILE n 
1 38  GLN n 
1 39  GLY n 
1 40  LEU n 
1 41  ASP n 
1 42  VAL n 
1 43  PRO n 
1 44  LYS n 
1 45  LEU n 
1 46  ARG n 
1 47  GLU n 
1 48  HIS n 
1 49  CYS n 
1 50  ARG n 
1 51  GLU n 
1 52  ARG n 
1 53  PRO n 
1 54  GLY n 
1 55  ALA n 
1 56  PHE n 
1 57  PRO n 
1 58  SER n 
1 59  GLU n 
1 60  GLU n 
1 61  THR n 
1 62  LEU n 
1 63  ARG n 
1 64  GLY n 
1 65  LEU n 
1 66  GLY n 
1 67  ARG n 
1 68  ARG n 
1 69  GLY n 
1 70  PHE n 
1 71  LEU n 
1 72  GLN n 
1 73  THR n 
1 74  LEU n 
1 75  ASN n 
1 76  ALA n 
1 77  THR n 
1 78  LEU n 
1 79  GLY n 
1 80  CYS n 
1 81  VAL n 
1 82  LEU n 
1 83  HIS n 
1 84  ARG n 
1 85  LEU n 
1 86  ALA n 
1 87  ASP n 
1 88  LEU n 
1 89  GLU n 
1 90  GLN n 
1 91  ARG n 
1 92  LEU n 
1 93  PRO n 
1 94  LYS n 
1 95  ALA n 
1 96  GLN n 
1 97  ASP n 
1 98  LEU n 
1 99  GLU n 
1 100 ARG n 
1 101 SER n 
1 102 GLY n 
1 103 LEU n 
1 104 ASN n 
1 105 ILE n 
1 106 GLU n 
1 107 ASP n 
1 108 LEU n 
1 109 GLU n 
1 110 LYS n 
1 111 LEU n 
1 112 GLN n 
1 113 MET n 
1 114 ALA n 
1 115 ARG n 
1 116 PRO n 
1 117 ASN n 
1 118 ILE n 
1 119 LEU n 
1 120 GLY n 
1 121 LEU n 
1 122 ARG n 
1 123 ASN n 
1 124 ASN n 
1 125 ILE n 
1 126 TYR n 
1 127 CYS n 
1 128 MET n 
1 129 ALA n 
1 130 GLN n 
1 131 LEU n 
1 132 LEU n 
1 133 ASP n 
1 134 ASN n 
1 135 SER n 
1 136 ASP n 
1 137 THR n 
1 138 ALA n 
1 139 GLU n 
1 140 PRO n 
1 141 THR n 
1 142 LYS n 
1 143 ALA n 
1 144 GLY n 
1 145 ARG n 
1 146 GLY n 
1 147 ALA n 
1 148 SER n 
1 149 GLN n 
1 150 PRO n 
1 151 PRO n 
1 152 THR n 
1 153 PRO n 
1 154 THR n 
1 155 PRO n 
1 156 ALA n 
1 157 SER n 
1 158 ASP n 
1 159 ALA n 
1 160 PHE n 
1 161 GLN n 
1 162 ARG n 
1 163 LYS n 
1 164 LEU n 
1 165 GLU n 
1 166 GLY n 
1 167 CYS n 
1 168 ARG n 
1 169 PHE n 
1 170 LEU n 
1 171 HIS n 
1 172 GLY n 
1 173 TYR n 
1 174 HIS n 
1 175 ARG n 
1 176 PHE n 
1 177 MET n 
1 178 HIS n 
1 179 SER n 
1 180 VAL n 
1 181 GLY n 
1 182 ARG n 
1 183 VAL n 
1 184 PHE n 
1 185 SER n 
1 186 LYS n 
1 187 TRP n 
# 
_entity_src_gen.entity_id                          1 
_entity_src_gen.pdbx_src_id                        1 
_entity_src_gen.pdbx_alt_source_flag               sample 
_entity_src_gen.pdbx_seq_type                      ? 
_entity_src_gen.pdbx_beg_seq_num                   ? 
_entity_src_gen.pdbx_end_seq_num                   ? 
_entity_src_gen.gene_src_common_name               human 
_entity_src_gen.gene_src_genus                     Homo 
_entity_src_gen.pdbx_gene_src_gene                 ? 
_entity_src_gen.gene_src_species                   ? 
_entity_src_gen.gene_src_strain                    ? 
_entity_src_gen.gene_src_tissue                    ? 
_entity_src_gen.gene_src_tissue_fraction           ? 
_entity_src_gen.gene_src_details                   ? 
_entity_src_gen.pdbx_gene_src_fragment             ? 
_entity_src_gen.pdbx_gene_src_scientific_name      'Homo sapiens' 
_entity_src_gen.pdbx_gene_src_ncbi_taxonomy_id     9606 
_entity_src_gen.pdbx_gene_src_variant              ? 
_entity_src_gen.pdbx_gene_src_cell_line            ? 
_entity_src_gen.pdbx_gene_src_atcc                 ? 
_entity_src_gen.pdbx_gene_src_organ                ? 
_entity_src_gen.pdbx_gene_src_organelle            ? 
_entity_src_gen.pdbx_gene_src_cell                 ? 
_entity_src_gen.pdbx_gene_src_cellular_location    ? 
_entity_src_gen.host_org_common_name               ? 
_entity_src_gen.pdbx_host_org_scientific_name      'Escherichia coli' 
_entity_src_gen.pdbx_host_org_ncbi_taxonomy_id     562 
_entity_src_gen.host_org_genus                     Escherichia 
_entity_src_gen.pdbx_host_org_gene                 ? 
_entity_src_gen.pdbx_host_org_organ                ? 
_entity_src_gen.host_org_species                   ? 
_entity_src_gen.pdbx_host_org_tissue               ? 
_entity_src_gen.pdbx_host_org_tissue_fraction      ? 
_entity_src_gen.pdbx_host_org_strain               JM109 
_entity_src_gen.pdbx_host_org_variant              ? 
_entity_src_gen.pdbx_host_org_cell_line            ? 
_entity_src_gen.pdbx_host_org_atcc                 ? 
_entity_src_gen.pdbx_host_org_culture_collection   ? 
_entity_src_gen.pdbx_host_org_cell                 ? 
_entity_src_gen.pdbx_host_org_organelle            ? 
_entity_src_gen.pdbx_host_org_cellular_location    ? 
_entity_src_gen.pdbx_host_org_vector_type          PLASMID 
_entity_src_gen.pdbx_host_org_vector               ? 
_entity_src_gen.host_org_details                   ? 
_entity_src_gen.expression_system_id               ? 
_entity_src_gen.plasmid_name                       PGEX-2T 
_entity_src_gen.plasmid_details                    ? 
_entity_src_gen.pdbx_description                   ? 
# 
loop_
_chem_comp.id 
_chem_comp.type 
_chem_comp.mon_nstd_flag 
_chem_comp.name 
_chem_comp.pdbx_synonyms 
_chem_comp.formula 
_chem_comp.formula_weight 
ALA 'L-peptide linking' y ALANINE         ? 'C3 H7 N O2'     89.093  
ARG 'L-peptide linking' y ARGININE        ? 'C6 H15 N4 O2 1' 175.209 
ASN 'L-peptide linking' y ASPARAGINE      ? 'C4 H8 N2 O3'    132.118 
ASP 'L-peptide linking' y 'ASPARTIC ACID' ? 'C4 H7 N O4'     133.103 
CYS 'L-peptide linking' y CYSTEINE        ? 'C3 H7 N O2 S'   121.158 
GLN 'L-peptide linking' y GLUTAMINE       ? 'C5 H10 N2 O3'   146.144 
GLU 'L-peptide linking' y 'GLUTAMIC ACID' ? 'C5 H9 N O4'     147.129 
GLY 'peptide linking'   y GLYCINE         ? 'C2 H5 N O2'     75.067  
HIS 'L-peptide linking' y HISTIDINE       ? 'C6 H10 N3 O2 1' 156.162 
HOH non-polymer         . WATER           ? 'H2 O'           18.015  
ILE 'L-peptide linking' y ISOLEUCINE      ? 'C6 H13 N O2'    131.173 
LEU 'L-peptide linking' y LEUCINE         ? 'C6 H13 N O2'    131.173 
LYS 'L-peptide linking' y LYSINE          ? 'C6 H15 N2 O2 1' 147.195 
MET 'L-peptide linking' y METHIONINE      ? 'C5 H11 N O2 S'  149.211 
PHE 'L-peptide linking' y PHENYLALANINE   ? 'C9 H11 N O2'    165.189 
PRO 'L-peptide linking' y PROLINE         ? 'C5 H9 N O2'     115.130 
SER 'L-peptide linking' y SERINE          ? 'C3 H7 N O3'     105.093 
THR 'L-peptide linking' y THREONINE       ? 'C4 H9 N O3'     119.119 
TRP 'L-peptide linking' y TRYPTOPHAN      ? 'C11 H12 N2 O2'  204.225 
TYR 'L-peptide linking' y TYROSINE        ? 'C9 H11 N O3'    181.189 
VAL 'L-peptide linking' y VALINE          ? 'C5 H11 N O2'    117.146 
# 
loop_
_pdbx_poly_seq_scheme.asym_id 
_pdbx_poly_seq_scheme.entity_id 
_pdbx_poly_seq_scheme.seq_id 
_pdbx_poly_seq_scheme.mon_id 
_pdbx_poly_seq_scheme.ndb_seq_num 
_pdbx_poly_seq_scheme.pdb_seq_num 
_pdbx_poly_seq_scheme.auth_seq_num 
_pdbx_poly_seq_scheme.pdb_mon_id 
_pdbx_poly_seq_scheme.auth_mon_id 
_pdbx_poly_seq_scheme.pdb_strand_id 
_pdbx_poly_seq_scheme.pdb_ins_code 
_pdbx_poly_seq_scheme.hetero 
A 1 1   ALA 1   1   ?   ?   ?   A . n 
A 1 2   ALA 2   2   ?   ?   ?   A . n 
A 1 3   ILE 3   3   ?   ?   ?   A . n 
A 1 4   GLY 4   4   4   GLY GLY A . n 
A 1 5   SER 5   5   5   SER SER A . n 
A 1 6   CYS 6   6   6   CYS CYS A . n 
A 1 7   SER 7   7   7   SER SER A . n 
A 1 8   LYS 8   8   8   LYS LYS A . n 
A 1 9   GLU 9   9   9   GLU GLU A . n 
A 1 10  TYR 10  10  10  TYR TYR A . n 
A 1 11  ARG 11  11  11  ARG ARG A . n 
A 1 12  VAL 12  12  12  VAL VAL A . n 
A 1 13  LEU 13  13  13  LEU LEU A . n 
A 1 14  LEU 14  14  14  LEU LEU A . n 
A 1 15  GLY 15  15  15  GLY GLY A . n 
A 1 16  GLN 16  16  16  GLN GLN A . n 
A 1 17  LEU 17  17  17  LEU LEU A . n 
A 1 18  GLN 18  18  18  GLN GLN A . n 
A 1 19  LYS 19  19  19  LYS LYS A . n 
A 1 20  GLN 20  20  20  GLN GLN A . n 
A 1 21  THR 21  21  21  THR THR A . n 
A 1 22  ASP 22  22  22  ASP ASP A . n 
A 1 23  LEU 23  23  23  LEU LEU A . n 
A 1 24  MET 24  24  24  MET MET A . n 
A 1 25  GLN 25  25  25  GLN GLN A . n 
A 1 26  ASP 26  26  26  ASP ASP A . n 
A 1 27  THR 27  27  27  THR THR A . n 
A 1 28  SER 28  28  28  SER SER A . n 
A 1 29  ARG 29  29  29  ARG ARG A . n 
A 1 30  LEU 30  30  30  LEU LEU A . n 
A 1 31  LEU 31  31  31  LEU LEU A . n 
A 1 32  ASP 32  32  32  ASP ASP A . n 
A 1 33  PRO 33  33  33  PRO PRO A . n 
A 1 34  TYR 34  34  34  TYR TYR A . n 
A 1 35  ILE 35  35  35  ILE ILE A . n 
A 1 36  ARG 36  36  36  ARG ARG A . n 
A 1 37  ILE 37  37  37  ILE ILE A . n 
A 1 38  GLN 38  38  38  GLN GLN A . n 
A 1 39  GLY 39  39  39  GLY GLY A . n 
A 1 40  LEU 40  40  40  LEU LEU A . n 
A 1 41  ASP 41  41  41  ASP ASP A . n 
A 1 42  VAL 42  42  42  VAL VAL A . n 
A 1 43  PRO 43  43  43  PRO PRO A . n 
A 1 44  LYS 44  44  44  LYS LYS A . n 
A 1 45  LEU 45  45  45  LEU LEU A . n 
A 1 46  ARG 46  46  46  ARG ARG A . n 
A 1 47  GLU 47  47  47  GLU GLU A . n 
A 1 48  HIS 48  48  48  HIS HIS A . n 
A 1 49  CYS 49  49  49  CYS CYS A . n 
A 1 50  ARG 50  50  50  ARG ARG A . n 
A 1 51  GLU 51  51  51  GLU GLU A . n 
A 1 52  ARG 52  52  52  ARG ARG A . n 
A 1 53  PRO 53  53  53  PRO PRO A . n 
A 1 54  GLY 54  54  54  GLY GLY A . n 
A 1 55  ALA 55  55  55  ALA ALA A . n 
A 1 56  PHE 56  56  56  PHE PHE A . n 
A 1 57  PRO 57  57  57  PRO PRO A . n 
A 1 58  SER 58  58  58  SER SER A . n 
A 1 59  GLU 59  59  59  GLU GLU A . n 
A 1 60  GLU 60  60  60  GLU GLU A . n 
A 1 61  THR 61  61  61  THR THR A . n 
A 1 62  LEU 62  62  62  LEU LEU A . n 
A 1 63  ARG 63  63  63  ARG ARG A . n 
A 1 64  GLY 64  64  64  GLY GLY A . n 
A 1 65  LEU 65  65  65  LEU LEU A . n 
A 1 66  GLY 66  66  66  GLY GLY A . n 
A 1 67  ARG 67  67  67  ARG ARG A . n 
A 1 68  ARG 68  68  68  ARG ARG A . n 
A 1 69  GLY 69  69  69  GLY GLY A . n 
A 1 70  PHE 70  70  70  PHE PHE A . n 
A 1 71  LEU 71  71  71  LEU LEU A . n 
A 1 72  GLN 72  72  72  GLN GLN A . n 
A 1 73  THR 73  73  73  THR THR A . n 
A 1 74  LEU 74  74  74  LEU LEU A . n 
A 1 75  ASN 75  75  75  ASN ASN A . n 
A 1 76  ALA 76  76  76  ALA ALA A . n 
A 1 77  THR 77  77  77  THR THR A . n 
A 1 78  LEU 78  78  78  LEU LEU A . n 
A 1 79  GLY 79  79  79  GLY GLY A . n 
A 1 80  CYS 80  80  80  CYS CYS A . n 
A 1 81  VAL 81  81  81  VAL VAL A . n 
A 1 82  LEU 82  82  82  LEU LEU A . n 
A 1 83  HIS 83  83  83  HIS HIS A . n 
A 1 84  ARG 84  84  84  ARG ARG A . n 
A 1 85  LEU 85  85  85  LEU LEU A . n 
A 1 86  ALA 86  86  86  ALA ALA A . n 
A 1 87  ASP 87  87  87  ASP ASP A . n 
A 1 88  LEU 88  88  88  LEU LEU A . n 
A 1 89  GLU 89  89  89  GLU GLU A . n 
A 1 90  GLN 90  90  90  GLN GLN A . n 
A 1 91  ARG 91  91  91  ARG ARG A . n 
A 1 92  LEU 92  92  92  LEU LEU A . n 
A 1 93  PRO 93  93  93  PRO PRO A . n 
A 1 94  LYS 94  94  94  LYS LYS A . n 
A 1 95  ALA 95  95  95  ALA ALA A . n 
A 1 96  GLN 96  96  96  GLN GLN A . n 
A 1 97  ASP 97  97  97  ASP ASP A . n 
A 1 98  LEU 98  98  98  LEU LEU A . n 
A 1 99  GLU 99  99  99  GLU GLU A . n 
A 1 100 ARG 100 100 100 ARG ARG A . n 
A 1 101 SER 101 101 101 SER SER A . n 
A 1 102 GLY 102 102 102 GLY GLY A . n 
A 1 103 LEU 103 103 103 LEU LEU A . n 
A 1 104 ASN 104 104 104 ASN ASN A . n 
A 1 105 ILE 105 105 105 ILE ILE A . n 
A 1 106 GLU 106 106 106 GLU GLU A . n 
A 1 107 ASP 107 107 107 ASP ASP A . n 
A 1 108 LEU 108 108 108 LEU LEU A . n 
A 1 109 GLU 109 109 109 GLU GLU A . n 
A 1 110 LYS 110 110 110 LYS LYS A . n 
A 1 111 LEU 111 111 111 LEU LEU A . n 
A 1 112 GLN 112 112 112 GLN GLN A . n 
A 1 113 MET 113 113 113 MET MET A . n 
A 1 114 ALA 114 114 114 ALA ALA A . n 
A 1 115 ARG 115 115 115 ARG ARG A . n 
A 1 116 PRO 116 116 116 PRO PRO A . n 
A 1 117 ASN 117 117 117 ASN ASN A . n 
A 1 118 ILE 118 118 118 ILE ILE A . n 
A 1 119 LEU 119 119 119 LEU LEU A . n 
A 1 120 GLY 120 120 120 GLY GLY A . n 
A 1 121 LEU 121 121 121 LEU LEU A . n 
A 1 122 ARG 122 122 122 ARG ARG A . n 
A 1 123 ASN 123 123 123 ASN ASN A . n 
A 1 124 ASN 124 124 124 ASN ASN A . n 
A 1 125 ILE 125 125 125 ILE ILE A . n 
A 1 126 TYR 126 126 126 TYR TYR A . n 
A 1 127 CYS 127 127 127 CYS CYS A . n 
A 1 128 MET 128 128 128 MET MET A . n 
A 1 129 ALA 129 129 129 ALA ALA A . n 
A 1 130 GLN 130 130 130 GLN GLN A . n 
A 1 131 LEU 131 131 131 LEU LEU A . n 
A 1 132 LEU 132 132 132 LEU LEU A . n 
A 1 133 ASP 133 133 133 ASP ASP A . n 
A 1 134 ASN 134 134 134 ASN ASN A . n 
A 1 135 SER 135 135 ?   ?   ?   A . n 
A 1 136 ASP 136 136 ?   ?   ?   A . n 
A 1 137 THR 137 137 ?   ?   ?   A . n 
A 1 138 ALA 138 138 ?   ?   ?   A . n 
A 1 139 GLU 139 139 ?   ?   ?   A . n 
A 1 140 PRO 140 140 ?   ?   ?   A . n 
A 1 141 THR 141 141 ?   ?   ?   A . n 
A 1 142 LYS 142 142 ?   ?   ?   A . n 
A 1 143 ALA 143 143 ?   ?   ?   A . n 
A 1 144 GLY 144 144 ?   ?   ?   A . n 
A 1 145 ARG 145 145 ?   ?   ?   A . n 
A 1 146 GLY 146 146 ?   ?   ?   A . n 
A 1 147 ALA 147 147 ?   ?   ?   A . n 
A 1 148 SER 148 148 ?   ?   ?   A . n 
A 1 149 GLN 149 149 ?   ?   ?   A . n 
A 1 150 PRO 150 150 ?   ?   ?   A . n 
A 1 151 PRO 151 151 ?   ?   ?   A . n 
A 1 152 THR 152 152 ?   ?   ?   A . n 
A 1 153 PRO 153 153 ?   ?   ?   A . n 
A 1 154 THR 154 154 ?   ?   ?   A . n 
A 1 155 PRO 155 155 ?   ?   ?   A . n 
A 1 156 ALA 156 156 156 ALA ALA A . n 
A 1 157 SER 157 157 157 SER SER A . n 
A 1 158 ASP 158 158 158 ASP ASP A . n 
A 1 159 ALA 159 159 159 ALA ALA A . n 
A 1 160 PHE 160 160 160 PHE PHE A . n 
A 1 161 GLN 161 161 161 GLN GLN A . n 
A 1 162 ARG 162 162 162 ARG ARG A . n 
A 1 163 LYS 163 163 163 LYS LYS A . n 
A 1 164 LEU 164 164 164 LEU LEU A . n 
A 1 165 GLU 165 165 165 GLU GLU A . n 
A 1 166 GLY 166 166 166 GLY GLY A . n 
A 1 167 CYS 167 167 167 CYS CYS A . n 
A 1 168 ARG 168 168 168 ARG ARG A . n 
A 1 169 PHE 169 169 169 PHE PHE A . n 
A 1 170 LEU 170 170 170 LEU LEU A . n 
A 1 171 HIS 171 171 171 HIS HIS A . n 
A 1 172 GLY 172 172 172 GLY GLY A . n 
A 1 173 TYR 173 173 173 TYR TYR A . n 
A 1 174 HIS 174 174 174 HIS HIS A . n 
A 1 175 ARG 175 175 175 ARG ARG A . n 
A 1 176 PHE 176 176 176 PHE PHE A . n 
A 1 177 MET 177 177 177 MET MET A . n 
A 1 178 HIS 178 178 178 HIS HIS A . n 
A 1 179 SER 179 179 179 SER SER A . n 
A 1 180 VAL 180 180 180 VAL VAL A . n 
A 1 181 GLY 181 181 181 GLY GLY A . n 
A 1 182 ARG 182 182 182 ARG ARG A . n 
A 1 183 VAL 183 183 183 VAL VAL A . n 
A 1 184 PHE 184 184 184 PHE PHE A . n 
A 1 185 SER 185 185 185 SER SER A . n 
A 1 186 LYS 186 186 186 LYS LYS A . n 
A 1 187 TRP 187 187 187 TRP TRP A . n 
# 
loop_
_pdbx_nonpoly_scheme.asym_id 
_pdbx_nonpoly_scheme.entity_id 
_pdbx_nonpoly_scheme.mon_id 
_pdbx_nonpoly_scheme.ndb_seq_num 
_pdbx_nonpoly_scheme.pdb_seq_num 
_pdbx_nonpoly_scheme.auth_seq_num 
_pdbx_nonpoly_scheme.pdb_mon_id 
_pdbx_nonpoly_scheme.auth_mon_id 
_pdbx_nonpoly_scheme.pdb_strand_id 
_pdbx_nonpoly_scheme.pdb_ins_code 
B 2 HOH 1   1167 1167 HOH WAT A . 
B 2 HOH 2   1168 1168 HOH WAT A . 
B 2 HOH 3   1169 1169 HOH WAT A . 
B 2 HOH 4   1170 1170 HOH WAT A . 
B 2 HOH 5   1171 1171 HOH WAT A . 
B 2 HOH 6   1172 1172 HOH WAT A . 
B 2 HOH 7   1173 1173 HOH WAT A . 
B 2 HOH 8   1174 1174 HOH WAT A . 
B 2 HOH 9   1175 1175 HOH WAT A . 
B 2 HOH 10  1176 1176 HOH WAT A . 
B 2 HOH 11  1177 1177 HOH WAT A . 
B 2 HOH 12  1178 1178 HOH WAT A . 
B 2 HOH 13  1179 1179 HOH WAT A . 
B 2 HOH 14  1180 1180 HOH WAT A . 
B 2 HOH 15  1182 1182 HOH WAT A . 
B 2 HOH 16  1183 1183 HOH WAT A . 
B 2 HOH 17  1184 1184 HOH WAT A . 
B 2 HOH 18  1185 1185 HOH WAT A . 
B 2 HOH 19  1186 1186 HOH WAT A . 
B 2 HOH 20  1187 1187 HOH WAT A . 
B 2 HOH 21  1188 1188 HOH WAT A . 
B 2 HOH 22  1189 1189 HOH WAT A . 
B 2 HOH 23  1190 1190 HOH WAT A . 
B 2 HOH 24  1191 1191 HOH WAT A . 
B 2 HOH 25  1192 1192 HOH WAT A . 
B 2 HOH 26  1193 1193 HOH WAT A . 
B 2 HOH 27  1194 1194 HOH WAT A . 
B 2 HOH 28  1195 1195 HOH WAT A . 
B 2 HOH 29  1196 1196 HOH WAT A . 
B 2 HOH 30  1197 1197 HOH WAT A . 
B 2 HOH 31  1198 1198 HOH WAT A . 
B 2 HOH 32  1199 1199 HOH WAT A . 
B 2 HOH 33  1200 1200 HOH WAT A . 
B 2 HOH 34  1201 1201 HOH WAT A . 
B 2 HOH 35  1202 1202 HOH WAT A . 
B 2 HOH 36  1203 1203 HOH WAT A . 
B 2 HOH 37  1204 1204 HOH WAT A . 
B 2 HOH 38  1205 1205 HOH WAT A . 
B 2 HOH 39  1206 1206 HOH WAT A . 
B 2 HOH 40  1207 1207 HOH WAT A . 
B 2 HOH 41  1208 1208 HOH WAT A . 
B 2 HOH 42  1209 1209 HOH WAT A . 
B 2 HOH 43  1210 1210 HOH WAT A . 
B 2 HOH 44  1211 1211 HOH WAT A . 
B 2 HOH 45  1212 1212 HOH WAT A . 
B 2 HOH 46  1214 1214 HOH WAT A . 
B 2 HOH 47  1215 1215 HOH WAT A . 
B 2 HOH 48  1216 1216 HOH WAT A . 
B 2 HOH 49  1217 1217 HOH WAT A . 
B 2 HOH 50  1218 1218 HOH WAT A . 
B 2 HOH 51  1219 1219 HOH WAT A . 
B 2 HOH 52  1220 1220 HOH WAT A . 
B 2 HOH 53  1221 1221 HOH WAT A . 
B 2 HOH 54  1222 1222 HOH WAT A . 
B 2 HOH 55  1224 1224 HOH WAT A . 
B 2 HOH 56  1225 1225 HOH WAT A . 
B 2 HOH 57  1226 1226 HOH WAT A . 
B 2 HOH 58  1227 1227 HOH WAT A . 
B 2 HOH 59  1228 1228 HOH WAT A . 
B 2 HOH 60  1229 1229 HOH WAT A . 
B 2 HOH 61  1230 1230 HOH WAT A . 
B 2 HOH 62  1231 1231 HOH WAT A . 
B 2 HOH 63  1232 1232 HOH WAT A . 
B 2 HOH 64  1233 1233 HOH WAT A . 
B 2 HOH 65  1234 1234 HOH WAT A . 
B 2 HOH 66  1235 1235 HOH WAT A . 
B 2 HOH 67  1237 1237 HOH WAT A . 
B 2 HOH 68  1238 1238 HOH WAT A . 
B 2 HOH 69  1240 1240 HOH WAT A . 
B 2 HOH 70  1241 1241 HOH WAT A . 
B 2 HOH 71  1242 1242 HOH WAT A . 
B 2 HOH 72  1243 1243 HOH WAT A . 
B 2 HOH 73  1244 1244 HOH WAT A . 
B 2 HOH 74  1245 1245 HOH WAT A . 
B 2 HOH 75  1246 1246 HOH WAT A . 
B 2 HOH 76  1247 1247 HOH WAT A . 
B 2 HOH 77  1248 1248 HOH WAT A . 
B 2 HOH 78  1249 1249 HOH WAT A . 
B 2 HOH 79  1250 1250 HOH WAT A . 
B 2 HOH 80  1251 1251 HOH WAT A . 
B 2 HOH 81  1252 1252 HOH WAT A . 
B 2 HOH 82  1253 1253 HOH WAT A . 
B 2 HOH 83  1254 1254 HOH WAT A . 
B 2 HOH 84  1255 1255 HOH WAT A . 
B 2 HOH 85  1256 1256 HOH WAT A . 
B 2 HOH 86  1257 1257 HOH WAT A . 
B 2 HOH 87  1258 1258 HOH WAT A . 
B 2 HOH 88  1259 1259 HOH WAT A . 
B 2 HOH 89  1260 1260 HOH WAT A . 
B 2 HOH 90  1261 1261 HOH WAT A . 
B 2 HOH 91  1262 1262 HOH WAT A . 
B 2 HOH 92  1263 1263 HOH WAT A . 
B 2 HOH 93  1264 1264 HOH WAT A . 
B 2 HOH 94  1265 1265 HOH WAT A . 
B 2 HOH 95  1266 1266 HOH WAT A . 
B 2 HOH 96  1267 1267 HOH WAT A . 
B 2 HOH 97  1268 1268 HOH WAT A . 
B 2 HOH 98  1269 1269 HOH WAT A . 
B 2 HOH 99  1270 1270 HOH WAT A . 
B 2 HOH 100 1271 1271 HOH WAT A . 
B 2 HOH 101 1273 1273 HOH WAT A . 
B 2 HOH 102 1274 1274 HOH WAT A . 
B 2 HOH 103 1275 1275 HOH WAT A . 
B 2 HOH 104 1276 1276 HOH WAT A . 
B 2 HOH 105 1277 1277 HOH WAT A . 
B 2 HOH 106 1278 1278 HOH WAT A . 
B 2 HOH 107 1279 1279 HOH WAT A . 
B 2 HOH 108 1280 1280 HOH WAT A . 
B 2 HOH 109 1281 1281 HOH WAT A . 
B 2 HOH 110 1282 1282 HOH WAT A . 
B 2 HOH 111 1283 1283 HOH WAT A . 
B 2 HOH 112 1284 1284 HOH WAT A . 
B 2 HOH 113 1285 1285 HOH WAT A . 
B 2 HOH 114 1286 1286 HOH WAT A . 
B 2 HOH 115 1287 1287 HOH WAT A . 
B 2 HOH 116 1288 1288 HOH WAT A . 
# 
loop_
_software.name 
_software.classification 
_software.version 
_software.citation_id 
_software.pdbx_ordinal 
DENZO     'data reduction' . ? 1 
SCALEPACK 'data scaling'   . ? 2 
SHARP     phasing          . ? 3 
CNS       refinement       . ? 4 
# 
_cell.entry_id           1EVS 
_cell.length_a           35.887 
_cell.length_b           53.285 
_cell.length_c           106.694 
_cell.angle_alpha        90.00 
_cell.angle_beta         90.00 
_cell.angle_gamma        90.00 
_cell.Z_PDB              4 
_cell.pdbx_unique_axis   ? 
# 
_symmetry.entry_id                         1EVS 
_symmetry.space_group_name_H-M             'P 21 21 21' 
_symmetry.pdbx_full_space_group_name_H-M   ? 
_symmetry.cell_setting                     ? 
_symmetry.Int_Tables_number                19 
# 
_exptl.entry_id          1EVS 
_exptl.method            'X-RAY DIFFRACTION' 
_exptl.crystals_number   1 
# 
_exptl_crystal.id                    1 
_exptl_crystal.density_meas          ? 
_exptl_crystal.density_percent_sol   48.99 
_exptl_crystal.density_Matthews      2.41 
_exptl_crystal.description           ? 
# 
_exptl_crystal_grow.crystal_id      1 
_exptl_crystal_grow.method          'VAPOR DIFFUSION, HANGING DROP' 
_exptl_crystal_grow.pH              7.5 
_exptl_crystal_grow.temp            295.0 
_exptl_crystal_grow.temp_details    ? 
_exptl_crystal_grow.pdbx_details    'PEG 35000, ammonium acetate, pH 7.5, VAPOR DIFFUSION, HANGING DROP, temperature 22K' 
_exptl_crystal_grow.pdbx_pH_range   ? 
# 
_diffrn.id                     1 
_diffrn.ambient_temp           100 
_diffrn.ambient_temp_details   ? 
_diffrn.crystal_id             1 
# 
_diffrn_detector.diffrn_id              1 
_diffrn_detector.detector               'IMAGE PLATE' 
_diffrn_detector.type                   MARRESEARCH 
_diffrn_detector.pdbx_collection_date   1998-11-22 
_diffrn_detector.details                ? 
# 
_diffrn_radiation.diffrn_id                        1 
_diffrn_radiation.wavelength_id                    1 
_diffrn_radiation.monochromator                    ? 
_diffrn_radiation.pdbx_monochromatic_or_laue_m_l   M 
_diffrn_radiation.pdbx_diffrn_protocol             'SINGLE WAVELENGTH' 
_diffrn_radiation.pdbx_scattering_type             x-ray 
# 
_diffrn_radiation_wavelength.id           1 
_diffrn_radiation_wavelength.wavelength   0.9793 
_diffrn_radiation_wavelength.wt           1.0 
# 
_diffrn_source.diffrn_id                   1 
_diffrn_source.source                      SYNCHROTRON 
_diffrn_source.type                        'ESRF BEAMLINE BM14' 
_diffrn_source.pdbx_wavelength             0.9793 
_diffrn_source.pdbx_synchrotron_site       ESRF 
_diffrn_source.pdbx_synchrotron_beamline   BM14 
_diffrn_source.pdbx_wavelength_list        ? 
# 
_reflns.entry_id                     1EVS 
_reflns.observed_criterion_sigma_I   ? 
_reflns.observed_criterion_sigma_F   ? 
_reflns.d_resolution_low             20 
_reflns.d_resolution_high            2.2 
_reflns.number_obs                   10513 
_reflns.number_all                   43901 
_reflns.percent_possible_obs         96.5 
_reflns.pdbx_Rmerge_I_obs            0.083 
_reflns.pdbx_Rsym_value              ? 
_reflns.pdbx_netI_over_sigmaI        13.2 
_reflns.B_iso_Wilson_estimate        ? 
_reflns.pdbx_redundancy              4.2 
_reflns.R_free_details               ? 
_reflns.limit_h_max                  ? 
_reflns.limit_h_min                  ? 
_reflns.limit_k_max                  ? 
_reflns.limit_k_min                  ? 
_reflns.limit_l_max                  ? 
_reflns.limit_l_min                  ? 
_reflns.observed_criterion_F_max     ? 
_reflns.observed_criterion_F_min     ? 
_reflns.pdbx_diffrn_id               1 
_reflns.pdbx_ordinal                 1 
# 
_reflns_shell.d_res_high             2.20 
_reflns_shell.d_res_low              2.25 
_reflns_shell.percent_possible_obs   ? 
_reflns_shell.percent_possible_all   98.2 
_reflns_shell.Rmerge_I_obs           0.376 
_reflns_shell.meanI_over_sigI_obs    ? 
_reflns_shell.pdbx_Rsym_value        ? 
_reflns_shell.pdbx_redundancy        ? 
_reflns_shell.number_unique_all      ? 
_reflns_shell.pdbx_diffrn_id         ? 
_reflns_shell.pdbx_ordinal           1 
# 
_refine.entry_id                                 1EVS 
_refine.ls_number_reflns_obs                     9410 
_refine.ls_number_reflns_all                     10492 
_refine.pdbx_ls_sigma_I                          ? 
_refine.pdbx_ls_sigma_F                          0 
_refine.pdbx_data_cutoff_high_absF               ? 
_refine.pdbx_data_cutoff_low_absF                ? 
_refine.ls_d_res_low                             20.0 
_refine.ls_d_res_high                            2.2 
_refine.ls_percent_reflns_obs                    86.1 
_refine.ls_R_factor_obs                          ? 
_refine.ls_R_factor_all                          ? 
_refine.ls_R_factor_R_work                       0.205 
_refine.ls_R_factor_R_free                       0.261 
_refine.ls_R_factor_R_free_error                 ? 
_refine.ls_R_factor_R_free_error_details         ? 
_refine.ls_percent_reflns_R_free                 ? 
_refine.ls_number_reflns_R_free                  1082 
_refine.ls_number_parameters                     ? 
_refine.ls_number_restraints                     ? 
_refine.occupancy_min                            ? 
_refine.occupancy_max                            ? 
_refine.B_iso_mean                               ? 
_refine.aniso_B[1][1]                            ? 
_refine.aniso_B[2][2]                            ? 
_refine.aniso_B[3][3]                            ? 
_refine.aniso_B[1][2]                            ? 
_refine.aniso_B[1][3]                            ? 
_refine.aniso_B[2][3]                            ? 
_refine.solvent_model_details                    ? 
_refine.solvent_model_param_ksol                 ? 
_refine.solvent_model_param_bsol                 ? 
_refine.pdbx_ls_cross_valid_method               ? 
_refine.details                                  ? 
_refine.pdbx_starting_model                      ? 
_refine.pdbx_method_to_determine_struct          ? 
_refine.pdbx_isotropic_thermal_model             ? 
_refine.pdbx_stereochemistry_target_values       'Engh & Huber' 
_refine.pdbx_stereochem_target_val_spec_case     ? 
_refine.pdbx_R_Free_selection_details            random 
_refine.pdbx_overall_ESU_R_Free                  ? 
_refine.overall_SU_B                             ? 
_refine.ls_redundancy_reflns_obs                 ? 
_refine.B_iso_min                                ? 
_refine.B_iso_max                                ? 
_refine.overall_SU_ML                            ? 
_refine.pdbx_overall_ESU_R                       ? 
_refine.pdbx_data_cutoff_high_rms_absF           ? 
_refine.pdbx_refine_id                           'X-RAY DIFFRACTION' 
_refine.pdbx_diffrn_id                           1 
_refine.pdbx_TLS_residual_ADP_flag               ? 
_refine.correlation_coeff_Fo_to_Fc               ? 
_refine.correlation_coeff_Fo_to_Fc_free          ? 
_refine.pdbx_solvent_vdw_probe_radii             ? 
_refine.pdbx_solvent_ion_probe_radii             ? 
_refine.pdbx_solvent_shrinkage_radii             ? 
_refine.pdbx_overall_phase_error                 ? 
_refine.overall_SU_R_Cruickshank_DPI             ? 
_refine.pdbx_overall_SU_R_free_Cruickshank_DPI   ? 
_refine.pdbx_overall_SU_R_Blow_DPI               ? 
_refine.pdbx_overall_SU_R_free_Blow_DPI          ? 
# 
_refine_hist.pdbx_refine_id                   'X-RAY DIFFRACTION' 
_refine_hist.cycle_id                         LAST 
_refine_hist.pdbx_number_atoms_protein        1319 
_refine_hist.pdbx_number_atoms_nucleic_acid   0 
_refine_hist.pdbx_number_atoms_ligand         0 
_refine_hist.number_atoms_solvent             116 
_refine_hist.number_atoms_total               1435 
_refine_hist.d_res_high                       2.2 
_refine_hist.d_res_low                        20.0 
# 
loop_
_refine_ls_restr.type 
_refine_ls_restr.dev_ideal 
_refine_ls_restr.dev_ideal_target 
_refine_ls_restr.weight 
_refine_ls_restr.number 
_refine_ls_restr.pdbx_refine_id 
_refine_ls_restr.pdbx_restraint_function 
c_bond_d           0.0147 ? ? ? 'X-RAY DIFFRACTION' ? 
c_angle_deg        1.7997 ? ? ? 'X-RAY DIFFRACTION' ? 
c_torsion_impr_deg 1.0381 ? ? ? 'X-RAY DIFFRACTION' ? 
# 
_struct.entry_id                  1EVS 
_struct.title                     'CRYSTAL STRUCTURE OF HUMAN ONCOSTATIN M' 
_struct.pdbx_model_details        ? 
_struct.pdbx_CASP_flag            ? 
_struct.pdbx_model_type_details   ? 
# 
_struct_keywords.entry_id        1EVS 
_struct_keywords.pdbx_keywords   CYTOKINE 
_struct_keywords.text            '4-helix bundle, gp130 binding cytokine, CYTOKINE' 
# 
loop_
_struct_asym.id 
_struct_asym.pdbx_blank_PDB_chainid_flag 
_struct_asym.pdbx_modified 
_struct_asym.entity_id 
_struct_asym.details 
A N N 1 ? 
B N N 2 ? 
# 
_struct_ref.id                         1 
_struct_ref.db_code                    ONCM_HUMAN 
_struct_ref.db_name                    UNP 
_struct_ref.entity_id                  1 
_struct_ref.pdbx_db_accession          P13725 
_struct_ref.pdbx_align_begin           26 
_struct_ref.pdbx_seq_one_letter_code   
;AAIGSCSKEYRVLLGQLQKQTDLMQDTSRLLDPYIRIQGLDVPKLREHCRERPGAFPSEETLRGLGRRGFLQTLNATLGC
VLHRLADLEQRLPKAQDLERSGLNIEDLEKLQMARPNILGLRNNIYCMAQLLDNSDTAEPTKAGRGASQPPTPTPASDAF
QRKLEGCRFLHGYHRFMHSVGRVFSKW
;
_struct_ref.pdbx_db_isoform            ? 
# 
_struct_ref_seq.align_id                      1 
_struct_ref_seq.ref_id                        1 
_struct_ref_seq.pdbx_PDB_id_code              1EVS 
_struct_ref_seq.pdbx_strand_id                A 
_struct_ref_seq.seq_align_beg                 1 
_struct_ref_seq.pdbx_seq_align_beg_ins_code   ? 
_struct_ref_seq.seq_align_end                 187 
_struct_ref_seq.pdbx_seq_align_end_ins_code   ? 
_struct_ref_seq.pdbx_db_accession             P13725 
_struct_ref_seq.db_align_beg                  26 
_struct_ref_seq.pdbx_db_align_beg_ins_code    ? 
_struct_ref_seq.db_align_end                  212 
_struct_ref_seq.pdbx_db_align_end_ins_code    ? 
_struct_ref_seq.pdbx_auth_seq_align_beg       1 
_struct_ref_seq.pdbx_auth_seq_align_end       187 
# 
_pdbx_struct_assembly.id                   1 
_pdbx_struct_assembly.details              author_defined_assembly 
_pdbx_struct_assembly.method_details       ? 
_pdbx_struct_assembly.oligomeric_details   monomeric 
_pdbx_struct_assembly.oligomeric_count     1 
# 
_pdbx_struct_assembly_gen.assembly_id       1 
_pdbx_struct_assembly_gen.oper_expression   1 
_pdbx_struct_assembly_gen.asym_id_list      A,B 
# 
_pdbx_struct_oper_list.id                   1 
_pdbx_struct_oper_list.type                 'identity operation' 
_pdbx_struct_oper_list.name                 1_555 
_pdbx_struct_oper_list.symmetry_operation   x,y,z 
_pdbx_struct_oper_list.matrix[1][1]         1.0000000000 
_pdbx_struct_oper_list.matrix[1][2]         0.0000000000 
_pdbx_struct_oper_list.matrix[1][3]         0.0000000000 
_pdbx_struct_oper_list.vector[1]            0.0000000000 
_pdbx_struct_oper_list.matrix[2][1]         0.0000000000 
_pdbx_struct_oper_list.matrix[2][2]         1.0000000000 
_pdbx_struct_oper_list.matrix[2][3]         0.0000000000 
_pdbx_struct_oper_list.vector[2]            0.0000000000 
_pdbx_struct_oper_list.matrix[3][1]         0.0000000000 
_pdbx_struct_oper_list.matrix[3][2]         0.0000000000 
_pdbx_struct_oper_list.matrix[3][3]         1.0000000000 
_pdbx_struct_oper_list.vector[3]            0.0000000000 
# 
_struct_biol.id   1 
# 
loop_
_struct_conf.conf_type_id 
_struct_conf.id 
_struct_conf.pdbx_PDB_helix_id 
_struct_conf.beg_label_comp_id 
_struct_conf.beg_label_asym_id 
_struct_conf.beg_label_seq_id 
_struct_conf.pdbx_beg_PDB_ins_code 
_struct_conf.end_label_comp_id 
_struct_conf.end_label_asym_id 
_struct_conf.end_label_seq_id 
_struct_conf.pdbx_end_PDB_ins_code 
_struct_conf.beg_auth_comp_id 
_struct_conf.beg_auth_asym_id 
_struct_conf.beg_auth_seq_id 
_struct_conf.end_auth_comp_id 
_struct_conf.end_auth_asym_id 
_struct_conf.end_auth_seq_id 
_struct_conf.pdbx_PDB_helix_class 
_struct_conf.details 
_struct_conf.pdbx_PDB_helix_length 
HELX_P HELX_P1  1  GLU A 9   ? GLN A 25  ? GLU A 9   GLN A 25  1 ? 17 
HELX_P HELX_P2  2  ASP A 26  ? ARG A 29  ? ASP A 26  ARG A 29  5 ? 4  
HELX_P HELX_P3  3  LEU A 30  ? GLN A 38  ? LEU A 30  GLN A 38  1 ? 9  
HELX_P HELX_P4  4  VAL A 42  ? GLU A 47  ? VAL A 42  GLU A 47  1 ? 6  
HELX_P HELX_P5  5  SER A 58  ? LEU A 65  ? SER A 58  LEU A 65  1 ? 8  
HELX_P HELX_P6  6  GLY A 66  ? ARG A 91  ? GLY A 66  ARG A 91  1 ? 26 
HELX_P HELX_P7  7  LYS A 94  ? GLN A 96  ? LYS A 94  GLN A 96  5 ? 3  
HELX_P HELX_P8  8  ASP A 97  ? GLY A 102 ? ASP A 97  GLY A 102 1 ? 6  
HELX_P HELX_P9  9  ASN A 104 ? LEU A 132 ? ASN A 104 LEU A 132 1 ? 29 
HELX_P HELX_P10 10 ASP A 158 ? LYS A 186 ? ASP A 158 LYS A 186 1 ? 29 
# 
_struct_conf_type.id          HELX_P 
_struct_conf_type.criteria    ? 
_struct_conf_type.reference   ? 
# 
loop_
_struct_conn.id 
_struct_conn.conn_type_id 
_struct_conn.pdbx_leaving_atom_flag 
_struct_conn.pdbx_PDB_id 
_struct_conn.ptnr1_label_asym_id 
_struct_conn.ptnr1_label_comp_id 
_struct_conn.ptnr1_label_seq_id 
_struct_conn.ptnr1_label_atom_id 
_struct_conn.pdbx_ptnr1_label_alt_id 
_struct_conn.pdbx_ptnr1_PDB_ins_code 
_struct_conn.pdbx_ptnr1_standard_comp_id 
_struct_conn.ptnr1_symmetry 
_struct_conn.ptnr2_label_asym_id 
_struct_conn.ptnr2_label_comp_id 
_struct_conn.ptnr2_label_seq_id 
_struct_conn.ptnr2_label_atom_id 
_struct_conn.pdbx_ptnr2_label_alt_id 
_struct_conn.pdbx_ptnr2_PDB_ins_code 
_struct_conn.ptnr1_auth_asym_id 
_struct_conn.ptnr1_auth_comp_id 
_struct_conn.ptnr1_auth_seq_id 
_struct_conn.ptnr2_auth_asym_id 
_struct_conn.ptnr2_auth_comp_id 
_struct_conn.ptnr2_auth_seq_id 
_struct_conn.ptnr2_symmetry 
_struct_conn.pdbx_ptnr3_label_atom_id 
_struct_conn.pdbx_ptnr3_label_seq_id 
_struct_conn.pdbx_ptnr3_label_comp_id 
_struct_conn.pdbx_ptnr3_label_asym_id 
_struct_conn.pdbx_ptnr3_label_alt_id 
_struct_conn.pdbx_ptnr3_PDB_ins_code 
_struct_conn.details 
_struct_conn.pdbx_dist_value 
_struct_conn.pdbx_value_order 
_struct_conn.pdbx_role 
disulf1 disulf ? ? A CYS 6  SG ? ? ? 1_555 A CYS 127 SG ? ? A CYS 6  A CYS 127 1_555 ? ? ? ? ? ? ? 2.037 ? ? 
disulf2 disulf ? ? A CYS 49 SG ? ? ? 1_555 A CYS 167 SG ? ? A CYS 49 A CYS 167 1_555 ? ? ? ? ? ? ? 2.009 ? ? 
# 
_struct_conn_type.id          disulf 
_struct_conn_type.criteria    ? 
_struct_conn_type.reference   ? 
# 
loop_
_pdbx_modification_feature.ordinal 
_pdbx_modification_feature.label_comp_id 
_pdbx_modification_feature.label_asym_id 
_pdbx_modification_feature.label_seq_id 
_pdbx_modification_feature.label_alt_id 
_pdbx_modification_feature.modified_residue_label_comp_id 
_pdbx_modification_feature.modified_residue_label_asym_id 
_pdbx_modification_feature.modified_residue_label_seq_id 
_pdbx_modification_feature.modified_residue_label_alt_id 
_pdbx_modification_feature.auth_comp_id 
_pdbx_modification_feature.auth_asym_id 
_pdbx_modification_feature.auth_seq_id 
_pdbx_modification_feature.PDB_ins_code 
_pdbx_modification_feature.symmetry 
_pdbx_modification_feature.modified_residue_auth_comp_id 
_pdbx_modification_feature.modified_residue_auth_asym_id 
_pdbx_modification_feature.modified_residue_auth_seq_id 
_pdbx_modification_feature.modified_residue_PDB_ins_code 
_pdbx_modification_feature.modified_residue_symmetry 
_pdbx_modification_feature.comp_id_linking_atom 
_pdbx_modification_feature.modified_residue_id_linking_atom 
_pdbx_modification_feature.modified_residue_id 
_pdbx_modification_feature.ref_pcm_id 
_pdbx_modification_feature.ref_comp_id 
_pdbx_modification_feature.type 
_pdbx_modification_feature.category 
1 CYS A 6  ? CYS A 127 ? CYS A 6  ? 1_555 CYS A 127 ? 1_555 SG SG . . . None 'Disulfide bridge' 
2 CYS A 49 ? CYS A 167 ? CYS A 49 ? 1_555 CYS A 167 ? 1_555 SG SG . . . None 'Disulfide bridge' 
# 
_pdbx_entry_details.entry_id                   1EVS 
_pdbx_entry_details.compound_details           ? 
_pdbx_entry_details.source_details             ? 
_pdbx_entry_details.nonpolymer_details         ? 
_pdbx_entry_details.sequence_details           ? 
_pdbx_entry_details.has_ligand_of_interest     ? 
_pdbx_entry_details.has_protein_modification   Y 
# 
loop_
_pdbx_validate_rmsd_angle.id 
_pdbx_validate_rmsd_angle.PDB_model_num 
_pdbx_validate_rmsd_angle.auth_atom_id_1 
_pdbx_validate_rmsd_angle.auth_asym_id_1 
_pdbx_validate_rmsd_angle.auth_comp_id_1 
_pdbx_validate_rmsd_angle.auth_seq_id_1 
_pdbx_validate_rmsd_angle.PDB_ins_code_1 
_pdbx_validate_rmsd_angle.label_alt_id_1 
_pdbx_validate_rmsd_angle.auth_atom_id_2 
_pdbx_validate_rmsd_angle.auth_asym_id_2 
_pdbx_validate_rmsd_angle.auth_comp_id_2 
_pdbx_validate_rmsd_angle.auth_seq_id_2 
_pdbx_validate_rmsd_angle.PDB_ins_code_2 
_pdbx_validate_rmsd_angle.label_alt_id_2 
_pdbx_validate_rmsd_angle.auth_atom_id_3 
_pdbx_validate_rmsd_angle.auth_asym_id_3 
_pdbx_validate_rmsd_angle.auth_comp_id_3 
_pdbx_validate_rmsd_angle.auth_seq_id_3 
_pdbx_validate_rmsd_angle.PDB_ins_code_3 
_pdbx_validate_rmsd_angle.label_alt_id_3 
_pdbx_validate_rmsd_angle.angle_value 
_pdbx_validate_rmsd_angle.angle_target_value 
_pdbx_validate_rmsd_angle.angle_deviation 
_pdbx_validate_rmsd_angle.angle_standard_deviation 
_pdbx_validate_rmsd_angle.linker_flag 
1 1 N  A GLU 9  ? ? CA A GLU 9  ? ? C  A GLU 9  ? ? 94.05  111.00 -16.95 2.70 N 
2 1 N  A LEU 65 ? ? CA A LEU 65 ? ? C  A LEU 65 ? ? 128.91 111.00 17.91  2.70 N 
3 1 CA A LEU 92 ? ? CB A LEU 92 ? ? CG A LEU 92 ? ? 132.11 115.30 16.81  2.30 N 
# 
loop_
_pdbx_validate_torsion.id 
_pdbx_validate_torsion.PDB_model_num 
_pdbx_validate_torsion.auth_comp_id 
_pdbx_validate_torsion.auth_asym_id 
_pdbx_validate_torsion.auth_seq_id 
_pdbx_validate_torsion.PDB_ins_code 
_pdbx_validate_torsion.label_alt_id 
_pdbx_validate_torsion.phi 
_pdbx_validate_torsion.psi 
1 1 SER A 5  ? ? -44.46  161.14 
2 1 CYS A 6  ? ? -118.88 73.54  
3 1 LEU A 30 ? ? -140.04 -61.13 
4 1 CYS A 49 ? ? -103.72 43.31  
# 
loop_
_pdbx_unobs_or_zero_occ_residues.id 
_pdbx_unobs_or_zero_occ_residues.PDB_model_num 
_pdbx_unobs_or_zero_occ_residues.polymer_flag 
_pdbx_unobs_or_zero_occ_residues.occupancy_flag 
_pdbx_unobs_or_zero_occ_residues.auth_asym_id 
_pdbx_unobs_or_zero_occ_residues.auth_comp_id 
_pdbx_unobs_or_zero_occ_residues.auth_seq_id 
_pdbx_unobs_or_zero_occ_residues.PDB_ins_code 
_pdbx_unobs_or_zero_occ_residues.label_asym_id 
_pdbx_unobs_or_zero_occ_residues.label_comp_id 
_pdbx_unobs_or_zero_occ_residues.label_seq_id 
1  1 Y 1 A ALA 1   ? A ALA 1   
2  1 Y 1 A ALA 2   ? A ALA 2   
3  1 Y 1 A ILE 3   ? A ILE 3   
4  1 Y 1 A SER 135 ? A SER 135 
5  1 Y 1 A ASP 136 ? A ASP 136 
6  1 Y 1 A THR 137 ? A THR 137 
7  1 Y 1 A ALA 138 ? A ALA 138 
8  1 Y 1 A GLU 139 ? A GLU 139 
9  1 Y 1 A PRO 140 ? A PRO 140 
10 1 Y 1 A THR 141 ? A THR 141 
11 1 Y 1 A LYS 142 ? A LYS 142 
12 1 Y 1 A ALA 143 ? A ALA 143 
13 1 Y 1 A GLY 144 ? A GLY 144 
14 1 Y 1 A ARG 145 ? A ARG 145 
15 1 Y 1 A GLY 146 ? A GLY 146 
16 1 Y 1 A ALA 147 ? A ALA 147 
17 1 Y 1 A SER 148 ? A SER 148 
18 1 Y 1 A GLN 149 ? A GLN 149 
19 1 Y 1 A PRO 150 ? A PRO 150 
20 1 Y 1 A PRO 151 ? A PRO 151 
21 1 Y 1 A THR 152 ? A THR 152 
22 1 Y 1 A PRO 153 ? A PRO 153 
23 1 Y 1 A THR 154 ? A THR 154 
24 1 Y 1 A PRO 155 ? A PRO 155 
# 
loop_
_chem_comp_atom.comp_id 
_chem_comp_atom.atom_id 
_chem_comp_atom.type_symbol 
_chem_comp_atom.pdbx_aromatic_flag 
_chem_comp_atom.pdbx_stereo_config 
_chem_comp_atom.pdbx_ordinal 
ALA N    N N N 1   
ALA CA   C N S 2   
ALA C    C N N 3   
ALA O    O N N 4   
ALA CB   C N N 5   
ALA OXT  O N N 6   
ALA H    H N N 7   
ALA H2   H N N 8   
ALA HA   H N N 9   
ALA HB1  H N N 10  
ALA HB2  H N N 11  
ALA HB3  H N N 12  
ALA HXT  H N N 13  
ARG N    N N N 14  
ARG CA   C N S 15  
ARG C    C N N 16  
ARG O    O N N 17  
ARG CB   C N N 18  
ARG CG   C N N 19  
ARG CD   C N N 20  
ARG NE   N N N 21  
ARG CZ   C N N 22  
ARG NH1  N N N 23  
ARG NH2  N N N 24  
ARG OXT  O N N 25  
ARG H    H N N 26  
ARG H2   H N N 27  
ARG HA   H N N 28  
ARG HB2  H N N 29  
ARG HB3  H N N 30  
ARG HG2  H N N 31  
ARG HG3  H N N 32  
ARG HD2  H N N 33  
ARG HD3  H N N 34  
ARG HE   H N N 35  
ARG HH11 H N N 36  
ARG HH12 H N N 37  
ARG HH21 H N N 38  
ARG HH22 H N N 39  
ARG HXT  H N N 40  
ASN N    N N N 41  
ASN CA   C N S 42  
ASN C    C N N 43  
ASN O    O N N 44  
ASN CB   C N N 45  
ASN CG   C N N 46  
ASN OD1  O N N 47  
ASN ND2  N N N 48  
ASN OXT  O N N 49  
ASN H    H N N 50  
ASN H2   H N N 51  
ASN HA   H N N 52  
ASN HB2  H N N 53  
ASN HB3  H N N 54  
ASN HD21 H N N 55  
ASN HD22 H N N 56  
ASN HXT  H N N 57  
ASP N    N N N 58  
ASP CA   C N S 59  
ASP C    C N N 60  
ASP O    O N N 61  
ASP CB   C N N 62  
ASP CG   C N N 63  
ASP OD1  O N N 64  
ASP OD2  O N N 65  
ASP OXT  O N N 66  
ASP H    H N N 67  
ASP H2   H N N 68  
ASP HA   H N N 69  
ASP HB2  H N N 70  
ASP HB3  H N N 71  
ASP HD2  H N N 72  
ASP HXT  H N N 73  
CYS N    N N N 74  
CYS CA   C N R 75  
CYS C    C N N 76  
CYS O    O N N 77  
CYS CB   C N N 78  
CYS SG   S N N 79  
CYS OXT  O N N 80  
CYS H    H N N 81  
CYS H2   H N N 82  
CYS HA   H N N 83  
CYS HB2  H N N 84  
CYS HB3  H N N 85  
CYS HG   H N N 86  
CYS HXT  H N N 87  
GLN N    N N N 88  
GLN CA   C N S 89  
GLN C    C N N 90  
GLN O    O N N 91  
GLN CB   C N N 92  
GLN CG   C N N 93  
GLN CD   C N N 94  
GLN OE1  O N N 95  
GLN NE2  N N N 96  
GLN OXT  O N N 97  
GLN H    H N N 98  
GLN H2   H N N 99  
GLN HA   H N N 100 
GLN HB2  H N N 101 
GLN HB3  H N N 102 
GLN HG2  H N N 103 
GLN HG3  H N N 104 
GLN HE21 H N N 105 
GLN HE22 H N N 106 
GLN HXT  H N N 107 
GLU N    N N N 108 
GLU CA   C N S 109 
GLU C    C N N 110 
GLU O    O N N 111 
GLU CB   C N N 112 
GLU CG   C N N 113 
GLU CD   C N N 114 
GLU OE1  O N N 115 
GLU OE2  O N N 116 
GLU OXT  O N N 117 
GLU H    H N N 118 
GLU H2   H N N 119 
GLU HA   H N N 120 
GLU HB2  H N N 121 
GLU HB3  H N N 122 
GLU HG2  H N N 123 
GLU HG3  H N N 124 
GLU HE2  H N N 125 
GLU HXT  H N N 126 
GLY N    N N N 127 
GLY CA   C N N 128 
GLY C    C N N 129 
GLY O    O N N 130 
GLY OXT  O N N 131 
GLY H    H N N 132 
GLY H2   H N N 133 
GLY HA2  H N N 134 
GLY HA3  H N N 135 
GLY HXT  H N N 136 
HIS N    N N N 137 
HIS CA   C N S 138 
HIS C    C N N 139 
HIS O    O N N 140 
HIS CB   C N N 141 
HIS CG   C Y N 142 
HIS ND1  N Y N 143 
HIS CD2  C Y N 144 
HIS CE1  C Y N 145 
HIS NE2  N Y N 146 
HIS OXT  O N N 147 
HIS H    H N N 148 
HIS H2   H N N 149 
HIS HA   H N N 150 
HIS HB2  H N N 151 
HIS HB3  H N N 152 
HIS HD1  H N N 153 
HIS HD2  H N N 154 
HIS HE1  H N N 155 
HIS HE2  H N N 156 
HIS HXT  H N N 157 
HOH O    O N N 158 
HOH H1   H N N 159 
HOH H2   H N N 160 
ILE N    N N N 161 
ILE CA   C N S 162 
ILE C    C N N 163 
ILE O    O N N 164 
ILE CB   C N S 165 
ILE CG1  C N N 166 
ILE CG2  C N N 167 
ILE CD1  C N N 168 
ILE OXT  O N N 169 
ILE H    H N N 170 
ILE H2   H N N 171 
ILE HA   H N N 172 
ILE HB   H N N 173 
ILE HG12 H N N 174 
ILE HG13 H N N 175 
ILE HG21 H N N 176 
ILE HG22 H N N 177 
ILE HG23 H N N 178 
ILE HD11 H N N 179 
ILE HD12 H N N 180 
ILE HD13 H N N 181 
ILE HXT  H N N 182 
LEU N    N N N 183 
LEU CA   C N S 184 
LEU C    C N N 185 
LEU O    O N N 186 
LEU CB   C N N 187 
LEU CG   C N N 188 
LEU CD1  C N N 189 
LEU CD2  C N N 190 
LEU OXT  O N N 191 
LEU H    H N N 192 
LEU H2   H N N 193 
LEU HA   H N N 194 
LEU HB2  H N N 195 
LEU HB3  H N N 196 
LEU HG   H N N 197 
LEU HD11 H N N 198 
LEU HD12 H N N 199 
LEU HD13 H N N 200 
LEU HD21 H N N 201 
LEU HD22 H N N 202 
LEU HD23 H N N 203 
LEU HXT  H N N 204 
LYS N    N N N 205 
LYS CA   C N S 206 
LYS C    C N N 207 
LYS O    O N N 208 
LYS CB   C N N 209 
LYS CG   C N N 210 
LYS CD   C N N 211 
LYS CE   C N N 212 
LYS NZ   N N N 213 
LYS OXT  O N N 214 
LYS H    H N N 215 
LYS H2   H N N 216 
LYS HA   H N N 217 
LYS HB2  H N N 218 
LYS HB3  H N N 219 
LYS HG2  H N N 220 
LYS HG3  H N N 221 
LYS HD2  H N N 222 
LYS HD3  H N N 223 
LYS HE2  H N N 224 
LYS HE3  H N N 225 
LYS HZ1  H N N 226 
LYS HZ2  H N N 227 
LYS HZ3  H N N 228 
LYS HXT  H N N 229 
MET N    N N N 230 
MET CA   C N S 231 
MET C    C N N 232 
MET O    O N N 233 
MET CB   C N N 234 
MET CG   C N N 235 
MET SD   S N N 236 
MET CE   C N N 237 
MET OXT  O N N 238 
MET H    H N N 239 
MET H2   H N N 240 
MET HA   H N N 241 
MET HB2  H N N 242 
MET HB3  H N N 243 
MET HG2  H N N 244 
MET HG3  H N N 245 
MET HE1  H N N 246 
MET HE2  H N N 247 
MET HE3  H N N 248 
MET HXT  H N N 249 
PHE N    N N N 250 
PHE CA   C N S 251 
PHE C    C N N 252 
PHE O    O N N 253 
PHE CB   C N N 254 
PHE CG   C Y N 255 
PHE CD1  C Y N 256 
PHE CD2  C Y N 257 
PHE CE1  C Y N 258 
PHE CE2  C Y N 259 
PHE CZ   C Y N 260 
PHE OXT  O N N 261 
PHE H    H N N 262 
PHE H2   H N N 263 
PHE HA   H N N 264 
PHE HB2  H N N 265 
PHE HB3  H N N 266 
PHE HD1  H N N 267 
PHE HD2  H N N 268 
PHE HE1  H N N 269 
PHE HE2  H N N 270 
PHE HZ   H N N 271 
PHE HXT  H N N 272 
PRO N    N N N 273 
PRO CA   C N S 274 
PRO C    C N N 275 
PRO O    O N N 276 
PRO CB   C N N 277 
PRO CG   C N N 278 
PRO CD   C N N 279 
PRO OXT  O N N 280 
PRO H    H N N 281 
PRO HA   H N N 282 
PRO HB2  H N N 283 
PRO HB3  H N N 284 
PRO HG2  H N N 285 
PRO HG3  H N N 286 
PRO HD2  H N N 287 
PRO HD3  H N N 288 
PRO HXT  H N N 289 
SER N    N N N 290 
SER CA   C N S 291 
SER C    C N N 292 
SER O    O N N 293 
SER CB   C N N 294 
SER OG   O N N 295 
SER OXT  O N N 296 
SER H    H N N 297 
SER H2   H N N 298 
SER HA   H N N 299 
SER HB2  H N N 300 
SER HB3  H N N 301 
SER HG   H N N 302 
SER HXT  H N N 303 
THR N    N N N 304 
THR CA   C N S 305 
THR C    C N N 306 
THR O    O N N 307 
THR CB   C N R 308 
THR OG1  O N N 309 
THR CG2  C N N 310 
THR OXT  O N N 311 
THR H    H N N 312 
THR H2   H N N 313 
THR HA   H N N 314 
THR HB   H N N 315 
THR HG1  H N N 316 
THR HG21 H N N 317 
THR HG22 H N N 318 
THR HG23 H N N 319 
THR HXT  H N N 320 
TRP N    N N N 321 
TRP CA   C N S 322 
TRP C    C N N 323 
TRP O    O N N 324 
TRP CB   C N N 325 
TRP CG   C Y N 326 
TRP CD1  C Y N 327 
TRP CD2  C Y N 328 
TRP NE1  N Y N 329 
TRP CE2  C Y N 330 
TRP CE3  C Y N 331 
TRP CZ2  C Y N 332 
TRP CZ3  C Y N 333 
TRP CH2  C Y N 334 
TRP OXT  O N N 335 
TRP H    H N N 336 
TRP H2   H N N 337 
TRP HA   H N N 338 
TRP HB2  H N N 339 
TRP HB3  H N N 340 
TRP HD1  H N N 341 
TRP HE1  H N N 342 
TRP HE3  H N N 343 
TRP HZ2  H N N 344 
TRP HZ3  H N N 345 
TRP HH2  H N N 346 
TRP HXT  H N N 347 
TYR N    N N N 348 
TYR CA   C N S 349 
TYR C    C N N 350 
TYR O    O N N 351 
TYR CB   C N N 352 
TYR CG   C Y N 353 
TYR CD1  C Y N 354 
TYR CD2  C Y N 355 
TYR CE1  C Y N 356 
TYR CE2  C Y N 357 
TYR CZ   C Y N 358 
TYR OH   O N N 359 
TYR OXT  O N N 360 
TYR H    H N N 361 
TYR H2   H N N 362 
TYR HA   H N N 363 
TYR HB2  H N N 364 
TYR HB3  H N N 365 
TYR HD1  H N N 366 
TYR HD2  H N N 367 
TYR HE1  H N N 368 
TYR HE2  H N N 369 
TYR HH   H N N 370 
TYR HXT  H N N 371 
VAL N    N N N 372 
VAL CA   C N S 373 
VAL C    C N N 374 
VAL O    O N N 375 
VAL CB   C N N 376 
VAL CG1  C N N 377 
VAL CG2  C N N 378 
VAL OXT  O N N 379 
VAL H    H N N 380 
VAL H2   H N N 381 
VAL HA   H N N 382 
VAL HB   H N N 383 
VAL HG11 H N N 384 
VAL HG12 H N N 385 
VAL HG13 H N N 386 
VAL HG21 H N N 387 
VAL HG22 H N N 388 
VAL HG23 H N N 389 
VAL HXT  H N N 390 
# 
loop_
_chem_comp_bond.comp_id 
_chem_comp_bond.atom_id_1 
_chem_comp_bond.atom_id_2 
_chem_comp_bond.value_order 
_chem_comp_bond.pdbx_aromatic_flag 
_chem_comp_bond.pdbx_stereo_config 
_chem_comp_bond.pdbx_ordinal 
ALA N   CA   sing N N 1   
ALA N   H    sing N N 2   
ALA N   H2   sing N N 3   
ALA CA  C    sing N N 4   
ALA CA  CB   sing N N 5   
ALA CA  HA   sing N N 6   
ALA C   O    doub N N 7   
ALA C   OXT  sing N N 8   
ALA CB  HB1  sing N N 9   
ALA CB  HB2  sing N N 10  
ALA CB  HB3  sing N N 11  
ALA OXT HXT  sing N N 12  
ARG N   CA   sing N N 13  
ARG N   H    sing N N 14  
ARG N   H2   sing N N 15  
ARG CA  C    sing N N 16  
ARG CA  CB   sing N N 17  
ARG CA  HA   sing N N 18  
ARG C   O    doub N N 19  
ARG C   OXT  sing N N 20  
ARG CB  CG   sing N N 21  
ARG CB  HB2  sing N N 22  
ARG CB  HB3  sing N N 23  
ARG CG  CD   sing N N 24  
ARG CG  HG2  sing N N 25  
ARG CG  HG3  sing N N 26  
ARG CD  NE   sing N N 27  
ARG CD  HD2  sing N N 28  
ARG CD  HD3  sing N N 29  
ARG NE  CZ   sing N N 30  
ARG NE  HE   sing N N 31  
ARG CZ  NH1  sing N N 32  
ARG CZ  NH2  doub N N 33  
ARG NH1 HH11 sing N N 34  
ARG NH1 HH12 sing N N 35  
ARG NH2 HH21 sing N N 36  
ARG NH2 HH22 sing N N 37  
ARG OXT HXT  sing N N 38  
ASN N   CA   sing N N 39  
ASN N   H    sing N N 40  
ASN N   H2   sing N N 41  
ASN CA  C    sing N N 42  
ASN CA  CB   sing N N 43  
ASN CA  HA   sing N N 44  
ASN C   O    doub N N 45  
ASN C   OXT  sing N N 46  
ASN CB  CG   sing N N 47  
ASN CB  HB2  sing N N 48  
ASN CB  HB3  sing N N 49  
ASN CG  OD1  doub N N 50  
ASN CG  ND2  sing N N 51  
ASN ND2 HD21 sing N N 52  
ASN ND2 HD22 sing N N 53  
ASN OXT HXT  sing N N 54  
ASP N   CA   sing N N 55  
ASP N   H    sing N N 56  
ASP N   H2   sing N N 57  
ASP CA  C    sing N N 58  
ASP CA  CB   sing N N 59  
ASP CA  HA   sing N N 60  
ASP C   O    doub N N 61  
ASP C   OXT  sing N N 62  
ASP CB  CG   sing N N 63  
ASP CB  HB2  sing N N 64  
ASP CB  HB3  sing N N 65  
ASP CG  OD1  doub N N 66  
ASP CG  OD2  sing N N 67  
ASP OD2 HD2  sing N N 68  
ASP OXT HXT  sing N N 69  
CYS N   CA   sing N N 70  
CYS N   H    sing N N 71  
CYS N   H2   sing N N 72  
CYS CA  C    sing N N 73  
CYS CA  CB   sing N N 74  
CYS CA  HA   sing N N 75  
CYS C   O    doub N N 76  
CYS C   OXT  sing N N 77  
CYS CB  SG   sing N N 78  
CYS CB  HB2  sing N N 79  
CYS CB  HB3  sing N N 80  
CYS SG  HG   sing N N 81  
CYS OXT HXT  sing N N 82  
GLN N   CA   sing N N 83  
GLN N   H    sing N N 84  
GLN N   H2   sing N N 85  
GLN CA  C    sing N N 86  
GLN CA  CB   sing N N 87  
GLN CA  HA   sing N N 88  
GLN C   O    doub N N 89  
GLN C   OXT  sing N N 90  
GLN CB  CG   sing N N 91  
GLN CB  HB2  sing N N 92  
GLN CB  HB3  sing N N 93  
GLN CG  CD   sing N N 94  
GLN CG  HG2  sing N N 95  
GLN CG  HG3  sing N N 96  
GLN CD  OE1  doub N N 97  
GLN CD  NE2  sing N N 98  
GLN NE2 HE21 sing N N 99  
GLN NE2 HE22 sing N N 100 
GLN OXT HXT  sing N N 101 
GLU N   CA   sing N N 102 
GLU N   H    sing N N 103 
GLU N   H2   sing N N 104 
GLU CA  C    sing N N 105 
GLU CA  CB   sing N N 106 
GLU CA  HA   sing N N 107 
GLU C   O    doub N N 108 
GLU C   OXT  sing N N 109 
GLU CB  CG   sing N N 110 
GLU CB  HB2  sing N N 111 
GLU CB  HB3  sing N N 112 
GLU CG  CD   sing N N 113 
GLU CG  HG2  sing N N 114 
GLU CG  HG3  sing N N 115 
GLU CD  OE1  doub N N 116 
GLU CD  OE2  sing N N 117 
GLU OE2 HE2  sing N N 118 
GLU OXT HXT  sing N N 119 
GLY N   CA   sing N N 120 
GLY N   H    sing N N 121 
GLY N   H2   sing N N 122 
GLY CA  C    sing N N 123 
GLY CA  HA2  sing N N 124 
GLY CA  HA3  sing N N 125 
GLY C   O    doub N N 126 
GLY C   OXT  sing N N 127 
GLY OXT HXT  sing N N 128 
HIS N   CA   sing N N 129 
HIS N   H    sing N N 130 
HIS N   H2   sing N N 131 
HIS CA  C    sing N N 132 
HIS CA  CB   sing N N 133 
HIS CA  HA   sing N N 134 
HIS C   O    doub N N 135 
HIS C   OXT  sing N N 136 
HIS CB  CG   sing N N 137 
HIS CB  HB2  sing N N 138 
HIS CB  HB3  sing N N 139 
HIS CG  ND1  sing Y N 140 
HIS CG  CD2  doub Y N 141 
HIS ND1 CE1  doub Y N 142 
HIS ND1 HD1  sing N N 143 
HIS CD2 NE2  sing Y N 144 
HIS CD2 HD2  sing N N 145 
HIS CE1 NE2  sing Y N 146 
HIS CE1 HE1  sing N N 147 
HIS NE2 HE2  sing N N 148 
HIS OXT HXT  sing N N 149 
HOH O   H1   sing N N 150 
HOH O   H2   sing N N 151 
ILE N   CA   sing N N 152 
ILE N   H    sing N N 153 
ILE N   H2   sing N N 154 
ILE CA  C    sing N N 155 
ILE CA  CB   sing N N 156 
ILE CA  HA   sing N N 157 
ILE C   O    doub N N 158 
ILE C   OXT  sing N N 159 
ILE CB  CG1  sing N N 160 
ILE CB  CG2  sing N N 161 
ILE CB  HB   sing N N 162 
ILE CG1 CD1  sing N N 163 
ILE CG1 HG12 sing N N 164 
ILE CG1 HG13 sing N N 165 
ILE CG2 HG21 sing N N 166 
ILE CG2 HG22 sing N N 167 
ILE CG2 HG23 sing N N 168 
ILE CD1 HD11 sing N N 169 
ILE CD1 HD12 sing N N 170 
ILE CD1 HD13 sing N N 171 
ILE OXT HXT  sing N N 172 
LEU N   CA   sing N N 173 
LEU N   H    sing N N 174 
LEU N   H2   sing N N 175 
LEU CA  C    sing N N 176 
LEU CA  CB   sing N N 177 
LEU CA  HA   sing N N 178 
LEU C   O    doub N N 179 
LEU C   OXT  sing N N 180 
LEU CB  CG   sing N N 181 
LEU CB  HB2  sing N N 182 
LEU CB  HB3  sing N N 183 
LEU CG  CD1  sing N N 184 
LEU CG  CD2  sing N N 185 
LEU CG  HG   sing N N 186 
LEU CD1 HD11 sing N N 187 
LEU CD1 HD12 sing N N 188 
LEU CD1 HD13 sing N N 189 
LEU CD2 HD21 sing N N 190 
LEU CD2 HD22 sing N N 191 
LEU CD2 HD23 sing N N 192 
LEU OXT HXT  sing N N 193 
LYS N   CA   sing N N 194 
LYS N   H    sing N N 195 
LYS N   H2   sing N N 196 
LYS CA  C    sing N N 197 
LYS CA  CB   sing N N 198 
LYS CA  HA   sing N N 199 
LYS C   O    doub N N 200 
LYS C   OXT  sing N N 201 
LYS CB  CG   sing N N 202 
LYS CB  HB2  sing N N 203 
LYS CB  HB3  sing N N 204 
LYS CG  CD   sing N N 205 
LYS CG  HG2  sing N N 206 
LYS CG  HG3  sing N N 207 
LYS CD  CE   sing N N 208 
LYS CD  HD2  sing N N 209 
LYS CD  HD3  sing N N 210 
LYS CE  NZ   sing N N 211 
LYS CE  HE2  sing N N 212 
LYS CE  HE3  sing N N 213 
LYS NZ  HZ1  sing N N 214 
LYS NZ  HZ2  sing N N 215 
LYS NZ  HZ3  sing N N 216 
LYS OXT HXT  sing N N 217 
MET N   CA   sing N N 218 
MET N   H    sing N N 219 
MET N   H2   sing N N 220 
MET CA  C    sing N N 221 
MET CA  CB   sing N N 222 
MET CA  HA   sing N N 223 
MET C   O    doub N N 224 
MET C   OXT  sing N N 225 
MET CB  CG   sing N N 226 
MET CB  HB2  sing N N 227 
MET CB  HB3  sing N N 228 
MET CG  SD   sing N N 229 
MET CG  HG2  sing N N 230 
MET CG  HG3  sing N N 231 
MET SD  CE   sing N N 232 
MET CE  HE1  sing N N 233 
MET CE  HE2  sing N N 234 
MET CE  HE3  sing N N 235 
MET OXT HXT  sing N N 236 
PHE N   CA   sing N N 237 
PHE N   H    sing N N 238 
PHE N   H2   sing N N 239 
PHE CA  C    sing N N 240 
PHE CA  CB   sing N N 241 
PHE CA  HA   sing N N 242 
PHE C   O    doub N N 243 
PHE C   OXT  sing N N 244 
PHE CB  CG   sing N N 245 
PHE CB  HB2  sing N N 246 
PHE CB  HB3  sing N N 247 
PHE CG  CD1  doub Y N 248 
PHE CG  CD2  sing Y N 249 
PHE CD1 CE1  sing Y N 250 
PHE CD1 HD1  sing N N 251 
PHE CD2 CE2  doub Y N 252 
PHE CD2 HD2  sing N N 253 
PHE CE1 CZ   doub Y N 254 
PHE CE1 HE1  sing N N 255 
PHE CE2 CZ   sing Y N 256 
PHE CE2 HE2  sing N N 257 
PHE CZ  HZ   sing N N 258 
PHE OXT HXT  sing N N 259 
PRO N   CA   sing N N 260 
PRO N   CD   sing N N 261 
PRO N   H    sing N N 262 
PRO CA  C    sing N N 263 
PRO CA  CB   sing N N 264 
PRO CA  HA   sing N N 265 
PRO C   O    doub N N 266 
PRO C   OXT  sing N N 267 
PRO CB  CG   sing N N 268 
PRO CB  HB2  sing N N 269 
PRO CB  HB3  sing N N 270 
PRO CG  CD   sing N N 271 
PRO CG  HG2  sing N N 272 
PRO CG  HG3  sing N N 273 
PRO CD  HD2  sing N N 274 
PRO CD  HD3  sing N N 275 
PRO OXT HXT  sing N N 276 
SER N   CA   sing N N 277 
SER N   H    sing N N 278 
SER N   H2   sing N N 279 
SER CA  C    sing N N 280 
SER CA  CB   sing N N 281 
SER CA  HA   sing N N 282 
SER C   O    doub N N 283 
SER C   OXT  sing N N 284 
SER CB  OG   sing N N 285 
SER CB  HB2  sing N N 286 
SER CB  HB3  sing N N 287 
SER OG  HG   sing N N 288 
SER OXT HXT  sing N N 289 
THR N   CA   sing N N 290 
THR N   H    sing N N 291 
THR N   H2   sing N N 292 
THR CA  C    sing N N 293 
THR CA  CB   sing N N 294 
THR CA  HA   sing N N 295 
THR C   O    doub N N 296 
THR C   OXT  sing N N 297 
THR CB  OG1  sing N N 298 
THR CB  CG2  sing N N 299 
THR CB  HB   sing N N 300 
THR OG1 HG1  sing N N 301 
THR CG2 HG21 sing N N 302 
THR CG2 HG22 sing N N 303 
THR CG2 HG23 sing N N 304 
THR OXT HXT  sing N N 305 
TRP N   CA   sing N N 306 
TRP N   H    sing N N 307 
TRP N   H2   sing N N 308 
TRP CA  C    sing N N 309 
TRP CA  CB   sing N N 310 
TRP CA  HA   sing N N 311 
TRP C   O    doub N N 312 
TRP C   OXT  sing N N 313 
TRP CB  CG   sing N N 314 
TRP CB  HB2  sing N N 315 
TRP CB  HB3  sing N N 316 
TRP CG  CD1  doub Y N 317 
TRP CG  CD2  sing Y N 318 
TRP CD1 NE1  sing Y N 319 
TRP CD1 HD1  sing N N 320 
TRP CD2 CE2  doub Y N 321 
TRP CD2 CE3  sing Y N 322 
TRP NE1 CE2  sing Y N 323 
TRP NE1 HE1  sing N N 324 
TRP CE2 CZ2  sing Y N 325 
TRP CE3 CZ3  doub Y N 326 
TRP CE3 HE3  sing N N 327 
TRP CZ2 CH2  doub Y N 328 
TRP CZ2 HZ2  sing N N 329 
TRP CZ3 CH2  sing Y N 330 
TRP CZ3 HZ3  sing N N 331 
TRP CH2 HH2  sing N N 332 
TRP OXT HXT  sing N N 333 
TYR N   CA   sing N N 334 
TYR N   H    sing N N 335 
TYR N   H2   sing N N 336 
TYR CA  C    sing N N 337 
TYR CA  CB   sing N N 338 
TYR CA  HA   sing N N 339 
TYR C   O    doub N N 340 
TYR C   OXT  sing N N 341 
TYR CB  CG   sing N N 342 
TYR CB  HB2  sing N N 343 
TYR CB  HB3  sing N N 344 
TYR CG  CD1  doub Y N 345 
TYR CG  CD2  sing Y N 346 
TYR CD1 CE1  sing Y N 347 
TYR CD1 HD1  sing N N 348 
TYR CD2 CE2  doub Y N 349 
TYR CD2 HD2  sing N N 350 
TYR CE1 CZ   doub Y N 351 
TYR CE1 HE1  sing N N 352 
TYR CE2 CZ   sing Y N 353 
TYR CE2 HE2  sing N N 354 
TYR CZ  OH   sing N N 355 
TYR OH  HH   sing N N 356 
TYR OXT HXT  sing N N 357 
VAL N   CA   sing N N 358 
VAL N   H    sing N N 359 
VAL N   H2   sing N N 360 
VAL CA  C    sing N N 361 
VAL CA  CB   sing N N 362 
VAL CA  HA   sing N N 363 
VAL C   O    doub N N 364 
VAL C   OXT  sing N N 365 
VAL CB  CG1  sing N N 366 
VAL CB  CG2  sing N N 367 
VAL CB  HB   sing N N 368 
VAL CG1 HG11 sing N N 369 
VAL CG1 HG12 sing N N 370 
VAL CG1 HG13 sing N N 371 
VAL CG2 HG21 sing N N 372 
VAL CG2 HG22 sing N N 373 
VAL CG2 HG23 sing N N 374 
VAL OXT HXT  sing N N 375 
# 
_atom_sites.entry_id                    1EVS 
_atom_sites.fract_transf_matrix[1][1]   -0.00435305 
_atom_sites.fract_transf_matrix[1][2]   0.02695465 
_atom_sites.fract_transf_matrix[1][3]   0.00556381 
_atom_sites.fract_transf_matrix[2][1]   0.01850039 
_atom_sites.fract_transf_matrix[2][2]   0.00310260 
_atom_sites.fract_transf_matrix[2][3]   -0.00055651 
_atom_sites.fract_transf_matrix[3][1]   -0.00057827 
_atom_sites.fract_transf_matrix[3][2]   0.00180150 
_atom_sites.fract_transf_matrix[3][3]   -0.00918005 
_atom_sites.fract_transf_vector[1]      0.620070 
_atom_sites.fract_transf_vector[2]      0.460389 
_atom_sites.fract_transf_vector[3]      0.362427 
# 
loop_
_atom_type.symbol 
C 
N 
O 
S 
# 
loop_
_atom_site.group_PDB 
_atom_site.id 
_atom_site.type_symbol 
_atom_site.label_atom_id 
_atom_site.label_alt_id 
_atom_site.label_comp_id 
_atom_site.label_asym_id 
_atom_site.label_entity_id 
_atom_site.label_seq_id 
_atom_site.pdbx_PDB_ins_code 
_atom_site.Cartn_x 
_atom_site.Cartn_y 
_atom_site.Cartn_z 
_atom_site.occupancy 
_atom_site.B_iso_or_equiv 
_atom_site.pdbx_formal_charge 
_atom_site.auth_seq_id 
_atom_site.auth_comp_id 
_atom_site.auth_asym_id 
_atom_site.auth_atom_id 
_atom_site.pdbx_PDB_model_num 
ATOM   1    N N   . GLY A 1 4   ? -16.360 -8.095  -4.991  1.00 65.89 ? 4    GLY A N   1 
ATOM   2    C CA  . GLY A 1 4   ? -16.315 -8.577  -6.413  1.00 66.12 ? 4    GLY A CA  1 
ATOM   3    C C   . GLY A 1 4   ? -17.375 -7.931  -7.289  1.00 64.50 ? 4    GLY A C   1 
ATOM   4    O O   . GLY A 1 4   ? -17.071 -7.057  -8.099  1.00 64.50 ? 4    GLY A O   1 
ATOM   5    N N   . SER A 1 5   ? -18.621 -8.370  -7.135  1.00 50.60 ? 5    SER A N   1 
ATOM   6    C CA  . SER A 1 5   ? -19.718 -7.800  -7.898  1.00 47.95 ? 5    SER A CA  1 
ATOM   7    C C   . SER A 1 5   ? -19.594 -6.259  -7.905  1.00 47.53 ? 5    SER A C   1 
ATOM   8    O O   . SER A 1 5   ? -18.898 -5.653  -7.067  1.00 45.39 ? 5    SER A O   1 
ATOM   9    C CB  . SER A 1 5   ? -21.061 -8.229  -7.293  1.00 45.13 ? 5    SER A CB  1 
ATOM   10   O OG  . SER A 1 5   ? -22.170 -7.650  -7.970  1.00 45.88 ? 5    SER A OG  1 
ATOM   11   N N   . CYS A 1 6   ? -20.276 -5.641  -8.863  1.00 42.46 ? 6    CYS A N   1 
ATOM   12   C CA  . CYS A 1 6   ? -20.249 -4.202  -9.031  1.00 39.95 ? 6    CYS A CA  1 
ATOM   13   C C   . CYS A 1 6   ? -21.656 -3.614  -8.862  1.00 43.08 ? 6    CYS A C   1 
ATOM   14   O O   . CYS A 1 6   ? -22.312 -3.249  -9.833  1.00 42.42 ? 6    CYS A O   1 
ATOM   15   C CB  . CYS A 1 6   ? -19.659 -3.874  -10.417 1.00 37.37 ? 6    CYS A CB  1 
ATOM   16   S SG  . CYS A 1 6   ? -17.850 -4.157  -10.558 1.00 27.05 ? 6    CYS A SG  1 
ATOM   17   N N   . SER A 1 7   ? -22.117 -3.577  -7.614  1.00 71.38 ? 7    SER A N   1 
ATOM   18   C CA  . SER A 1 7   ? -23.420 -3.018  -7.261  1.00 76.20 ? 7    SER A CA  1 
ATOM   19   C C   . SER A 1 7   ? -23.089 -1.539  -7.222  1.00 76.99 ? 7    SER A C   1 
ATOM   20   O O   . SER A 1 7   ? -22.414 -1.072  -6.299  1.00 78.03 ? 7    SER A O   1 
ATOM   21   C CB  . SER A 1 7   ? -23.851 -3.508  -5.870  1.00 73.56 ? 7    SER A CB  1 
ATOM   22   O OG  . SER A 1 7   ? -25.151 -3.044  -5.530  1.00 75.89 ? 7    SER A OG  1 
ATOM   23   N N   . LYS A 1 8   ? -23.553 -0.781  -8.207  1.00 78.21 ? 8    LYS A N   1 
ATOM   24   C CA  . LYS A 1 8   ? -23.137 0.600   -8.203  1.00 75.66 ? 8    LYS A CA  1 
ATOM   25   C C   . LYS A 1 8   ? -23.999 1.781   -8.558  1.00 73.47 ? 8    LYS A C   1 
ATOM   26   O O   . LYS A 1 8   ? -24.658 1.845   -9.601  1.00 73.60 ? 8    LYS A O   1 
ATOM   27   C CB  . LYS A 1 8   ? -21.882 0.735   -9.053  1.00 42.77 ? 8    LYS A CB  1 
ATOM   28   C CG  . LYS A 1 8   ? -20.844 -0.331  -8.835  1.00 43.40 ? 8    LYS A CG  1 
ATOM   29   C CD  . LYS A 1 8   ? -20.418 -0.899  -10.181 1.00 44.80 ? 8    LYS A CD  1 
ATOM   30   C CE  . LYS A 1 8   ? -20.005 0.194   -11.149 1.00 40.97 ? 8    LYS A CE  1 
ATOM   31   N NZ  . LYS A 1 8   ? -19.729 -0.376  -12.471 1.00 43.18 ? 8    LYS A NZ  1 
ATOM   32   N N   . GLU A 1 9   ? -23.913 2.734   -7.646  1.00 47.73 ? 9    GLU A N   1 
ATOM   33   C CA  . GLU A 1 9   ? -24.495 4.047   -7.749  1.00 43.19 ? 9    GLU A CA  1 
ATOM   34   C C   . GLU A 1 9   ? -23.133 4.781   -7.606  1.00 38.44 ? 9    GLU A C   1 
ATOM   35   O O   . GLU A 1 9   ? -22.335 4.490   -6.711  1.00 37.04 ? 9    GLU A O   1 
ATOM   36   C CB  . GLU A 1 9   ? -25.384 4.367   -6.551  1.00 66.58 ? 9    GLU A CB  1 
ATOM   37   C CG  . GLU A 1 9   ? -26.560 3.429   -6.366  1.00 75.03 ? 9    GLU A CG  1 
ATOM   38   C CD  . GLU A 1 9   ? -27.244 3.620   -5.019  1.00 77.60 ? 9    GLU A CD  1 
ATOM   39   O OE1 . GLU A 1 9   ? -27.772 4.726   -4.768  1.00 79.30 ? 9    GLU A OE1 1 
ATOM   40   O OE2 . GLU A 1 9   ? -27.245 2.665   -4.210  1.00 79.41 ? 9    GLU A OE2 1 
ATOM   41   N N   . TYR A 1 10  ? -22.853 5.682   -8.515  1.00 25.21 ? 10   TYR A N   1 
ATOM   42   C CA  . TYR A 1 10  ? -21.629 6.430   -8.513  1.00 23.18 ? 10   TYR A CA  1 
ATOM   43   C C   . TYR A 1 10  ? -21.212 7.027   -7.166  1.00 23.02 ? 10   TYR A C   1 
ATOM   44   O O   . TYR A 1 10  ? -20.050 6.924   -6.754  1.00 19.47 ? 10   TYR A O   1 
ATOM   45   C CB  . TYR A 1 10  ? -21.751 7.548   -9.562  1.00 24.50 ? 10   TYR A CB  1 
ATOM   46   C CG  . TYR A 1 10  ? -20.640 8.526   -9.550  1.00 20.39 ? 10   TYR A CG  1 
ATOM   47   C CD1 . TYR A 1 10  ? -19.434 8.257   -10.188 1.00 21.77 ? 10   TYR A CD1 1 
ATOM   48   C CD2 . TYR A 1 10  ? -20.777 9.715   -8.886  1.00 21.60 ? 10   TYR A CD2 1 
ATOM   49   C CE1 . TYR A 1 10  ? -18.397 9.174   -10.151 1.00 19.66 ? 10   TYR A CE1 1 
ATOM   50   C CE2 . TYR A 1 10  ? -19.744 10.627  -8.826  1.00 22.31 ? 10   TYR A CE2 1 
ATOM   51   C CZ  . TYR A 1 10  ? -18.554 10.360  -9.457  1.00 22.97 ? 10   TYR A CZ  1 
ATOM   52   O OH  . TYR A 1 10  ? -17.501 11.277  -9.331  1.00 23.70 ? 10   TYR A OH  1 
ATOM   53   N N   . ARG A 1 11  ? -22.145 7.673   -6.488  1.00 25.59 ? 11   ARG A N   1 
ATOM   54   C CA  . ARG A 1 11  ? -21.797 8.307   -5.235  1.00 28.09 ? 11   ARG A CA  1 
ATOM   55   C C   . ARG A 1 11  ? -21.497 7.309   -4.120  1.00 24.53 ? 11   ARG A C   1 
ATOM   56   O O   . ARG A 1 11  ? -20.691 7.589   -3.231  1.00 25.03 ? 11   ARG A O   1 
ATOM   57   C CB  . ARG A 1 11  ? -22.911 9.286   -4.816  1.00 41.36 ? 11   ARG A CB  1 
ATOM   58   C CG  . ARG A 1 11  ? -22.881 10.641  -5.571  1.00 47.85 ? 11   ARG A CG  1 
ATOM   59   C CD  . ARG A 1 11  ? -21.931 11.637  -4.888  1.00 51.55 ? 11   ARG A CD  1 
ATOM   60   N NE  . ARG A 1 11  ? -21.238 12.525  -5.824  1.00 52.97 ? 11   ARG A NE  1 
ATOM   61   C CZ  . ARG A 1 11  ? -20.179 13.263  -5.499  1.00 53.54 ? 11   ARG A CZ  1 
ATOM   62   N NH1 . ARG A 1 11  ? -19.699 13.231  -4.257  1.00 53.93 ? 11   ARG A NH1 1 
ATOM   63   N NH2 . ARG A 1 11  ? -19.566 13.990  -6.423  1.00 50.59 ? 11   ARG A NH2 1 
ATOM   64   N N   . VAL A 1 12  ? -22.124 6.149   -4.151  1.00 23.23 ? 12   VAL A N   1 
ATOM   65   C CA  . VAL A 1 12  ? -21.835 5.209   -3.107  1.00 25.13 ? 12   VAL A CA  1 
ATOM   66   C C   . VAL A 1 12  ? -20.437 4.624   -3.322  1.00 24.21 ? 12   VAL A C   1 
ATOM   67   O O   . VAL A 1 12  ? -19.639 4.543   -2.388  1.00 26.37 ? 12   VAL A O   1 
ATOM   68   C CB  . VAL A 1 12  ? -22.875 4.078   -3.053  1.00 35.46 ? 12   VAL A CB  1 
ATOM   69   C CG1 . VAL A 1 12  ? -22.895 3.323   -4.350  1.00 40.54 ? 12   VAL A CG1 1 
ATOM   70   C CG2 . VAL A 1 12  ? -22.526 3.125   -1.937  1.00 33.34 ? 12   VAL A CG2 1 
ATOM   71   N N   . LEU A 1 13  ? -20.140 4.249   -4.560  1.00 20.73 ? 13   LEU A N   1 
ATOM   72   C CA  . LEU A 1 13  ? -18.856 3.678   -4.906  1.00 18.17 ? 13   LEU A CA  1 
ATOM   73   C C   . LEU A 1 13  ? -17.742 4.678   -4.582  1.00 16.40 ? 13   LEU A C   1 
ATOM   74   O O   . LEU A 1 13  ? -16.740 4.315   -3.982  1.00 12.66 ? 13   LEU A O   1 
ATOM   75   C CB  . LEU A 1 13  ? -18.857 3.311   -6.395  1.00 21.35 ? 13   LEU A CB  1 
ATOM   76   C CG  . LEU A 1 13  ? -17.712 2.514   -7.028  1.00 20.60 ? 13   LEU A CG  1 
ATOM   77   C CD1 . LEU A 1 13  ? -17.431 1.253   -6.212  1.00 17.57 ? 13   LEU A CD1 1 
ATOM   78   C CD2 . LEU A 1 13  ? -18.106 2.169   -8.474  1.00 20.58 ? 13   LEU A CD2 1 
ATOM   79   N N   . LEU A 1 14  ? -17.935 5.945   -4.965  1.00 19.18 ? 14   LEU A N   1 
ATOM   80   C CA  . LEU A 1 14  ? -16.922 6.960   -4.723  1.00 17.50 ? 14   LEU A CA  1 
ATOM   81   C C   . LEU A 1 14  ? -16.718 7.058   -3.197  1.00 18.66 ? 14   LEU A C   1 
ATOM   82   O O   . LEU A 1 14  ? -15.592 7.167   -2.720  1.00 15.54 ? 14   LEU A O   1 
ATOM   83   C CB  . LEU A 1 14  ? -17.368 8.297   -5.311  1.00 14.35 ? 14   LEU A CB  1 
ATOM   84   C CG  . LEU A 1 14  ? -16.578 9.568   -4.902  1.00 17.63 ? 14   LEU A CG  1 
ATOM   85   C CD1 . LEU A 1 14  ? -15.099 9.363   -5.150  1.00 6.36  ? 14   LEU A CD1 1 
ATOM   86   C CD2 . LEU A 1 14  ? -17.145 10.828  -5.678  1.00 11.78 ? 14   LEU A CD2 1 
ATOM   87   N N   . GLY A 1 15  ? -17.810 6.963   -2.439  1.00 14.88 ? 15   GLY A N   1 
ATOM   88   C CA  . GLY A 1 15  ? -17.689 7.044   -1.006  1.00 13.02 ? 15   GLY A CA  1 
ATOM   89   C C   . GLY A 1 15  ? -16.832 5.895   -0.499  1.00 17.04 ? 15   GLY A C   1 
ATOM   90   O O   . GLY A 1 15  ? -16.018 6.079   0.440   1.00 17.38 ? 15   GLY A O   1 
ATOM   91   N N   . GLN A 1 16  ? -17.003 4.712   -1.094  1.00 10.12 ? 16   GLN A N   1 
ATOM   92   C CA  . GLN A 1 16  ? -16.224 3.531   -0.693  1.00 13.56 ? 16   GLN A CA  1 
ATOM   93   C C   . GLN A 1 16  ? -14.724 3.682   -1.035  1.00 14.40 ? 16   GLN A C   1 
ATOM   94   O O   . GLN A 1 16  ? -13.846 3.239   -0.295  1.00 11.94 ? 16   GLN A O   1 
ATOM   95   C CB  . GLN A 1 16  ? -16.795 2.249   -1.381  1.00 15.75 ? 16   GLN A CB  1 
ATOM   96   C CG  . GLN A 1 16  ? -18.072 1.799   -0.693  1.00 17.35 ? 16   GLN A CG  1 
ATOM   97   C CD  . GLN A 1 16  ? -18.914 0.766   -1.446  1.00 22.40 ? 16   GLN A CD  1 
ATOM   98   O OE1 . GLN A 1 16  ? -19.796 0.138   -0.848  1.00 29.76 ? 16   GLN A OE1 1 
ATOM   99   N NE2 . GLN A 1 16  ? -18.682 0.603   -2.728  1.00 18.82 ? 16   GLN A NE2 1 
ATOM   100  N N   . LEU A 1 17  ? -14.450 4.267   -2.193  1.00 16.90 ? 17   LEU A N   1 
ATOM   101  C CA  . LEU A 1 17  ? -13.088 4.467   -2.624  1.00 17.33 ? 17   LEU A CA  1 
ATOM   102  C C   . LEU A 1 17  ? -12.400 5.547   -1.752  1.00 18.53 ? 17   LEU A C   1 
ATOM   103  O O   . LEU A 1 17  ? -11.225 5.388   -1.377  1.00 20.74 ? 17   LEU A O   1 
ATOM   104  C CB  . LEU A 1 17  ? -13.085 4.866   -4.105  1.00 17.43 ? 17   LEU A CB  1 
ATOM   105  C CG  . LEU A 1 17  ? -13.386 3.810   -5.175  1.00 14.59 ? 17   LEU A CG  1 
ATOM   106  C CD1 . LEU A 1 17  ? -13.674 4.525   -6.465  1.00 11.43 ? 17   LEU A CD1 1 
ATOM   107  C CD2 . LEU A 1 17  ? -12.202 2.822   -5.354  1.00 10.18 ? 17   LEU A CD2 1 
ATOM   108  N N   . GLN A 1 18  ? -13.112 6.633   -1.432  1.00 16.89 ? 18   GLN A N   1 
ATOM   109  C CA  . GLN A 1 18  ? -12.541 7.694   -0.585  1.00 19.42 ? 18   GLN A CA  1 
ATOM   110  C C   . GLN A 1 18  ? -12.198 7.105   0.785   1.00 19.79 ? 18   GLN A C   1 
ATOM   111  O O   . GLN A 1 18  ? -11.111 7.293   1.309   1.00 19.20 ? 18   GLN A O   1 
ATOM   112  C CB  . GLN A 1 18  ? -13.538 8.851   -0.414  1.00 19.42 ? 18   GLN A CB  1 
ATOM   113  C CG  . GLN A 1 18  ? -13.693 9.755   -1.678  1.00 19.93 ? 18   GLN A CG  1 
ATOM   114  C CD  . GLN A 1 18  ? -14.875 10.716  -1.593  1.00 20.41 ? 18   GLN A CD  1 
ATOM   115  O OE1 . GLN A 1 18  ? -14.897 11.764  -2.255  1.00 21.40 ? 18   GLN A OE1 1 
ATOM   116  N NE2 . GLN A 1 18  ? -15.870 10.355  -0.809  1.00 20.11 ? 18   GLN A NE2 1 
ATOM   117  N N   . LYS A 1 19  ? -13.141 6.362   1.340   1.00 19.16 ? 19   LYS A N   1 
ATOM   118  C CA  . LYS A 1 19  ? -12.955 5.765   2.636   1.00 21.53 ? 19   LYS A CA  1 
ATOM   119  C C   . LYS A 1 19  ? -11.777 4.784   2.661   1.00 18.45 ? 19   LYS A C   1 
ATOM   120  O O   . LYS A 1 19  ? -10.900 4.886   3.518   1.00 15.35 ? 19   LYS A O   1 
ATOM   121  C CB  . LYS A 1 19  ? -14.233 5.028   3.053   1.00 28.11 ? 19   LYS A CB  1 
ATOM   122  C CG  . LYS A 1 19  ? -14.116 4.278   4.379   1.00 33.88 ? 19   LYS A CG  1 
ATOM   123  C CD  . LYS A 1 19  ? -14.590 5.144   5.524   1.00 40.01 ? 19   LYS A CD  1 
ATOM   124  C CE  . LYS A 1 19  ? -14.853 4.334   6.806   1.00 39.33 ? 19   LYS A CE  1 
ATOM   125  N NZ  . LYS A 1 19  ? -13.594 3.933   7.459   1.00 42.95 ? 19   LYS A NZ  1 
ATOM   126  N N   . GLN A 1 20  ? -11.770 3.820   1.742   1.00 18.55 ? 20   GLN A N   1 
ATOM   127  C CA  . GLN A 1 20  ? -10.689 2.854   1.757   1.00 16.82 ? 20   GLN A CA  1 
ATOM   128  C C   . GLN A 1 20  ? -9.297  3.470   1.500   1.00 17.27 ? 20   GLN A C   1 
ATOM   129  O O   . GLN A 1 20  ? -8.338  3.117   2.182   1.00 13.67 ? 20   GLN A O   1 
ATOM   130  C CB  . GLN A 1 20  ? -10.945 1.731   0.748   1.00 19.14 ? 20   GLN A CB  1 
ATOM   131  C CG  . GLN A 1 20  ? -9.909  0.623   0.839   1.00 27.18 ? 20   GLN A CG  1 
ATOM   132  C CD  . GLN A 1 20  ? -10.298 -0.651  0.092   1.00 33.51 ? 20   GLN A CD  1 
ATOM   133  O OE1 . GLN A 1 20  ? -11.183 -0.629  -0.782  1.00 32.56 ? 20   GLN A OE1 1 
ATOM   134  N NE2 . GLN A 1 20  ? -9.624  -1.775  0.429   1.00 31.97 ? 20   GLN A NE2 1 
ATOM   135  N N   . THR A 1 21  ? -9.187  4.387   0.540   1.00 14.52 ? 21   THR A N   1 
ATOM   136  C CA  . THR A 1 21  ? -7.864  4.931   0.248   1.00 18.39 ? 21   THR A CA  1 
ATOM   137  C C   . THR A 1 21  ? -7.360  5.818   1.393   1.00 20.44 ? 21   THR A C   1 
ATOM   138  O O   . THR A 1 21  ? -6.173  5.788   1.709   1.00 20.26 ? 21   THR A O   1 
ATOM   139  C CB  . THR A 1 21  ? -7.855  5.731   -1.105  1.00 17.84 ? 21   THR A CB  1 
ATOM   140  O OG1 . THR A 1 21  ? -8.776  6.853   -1.031  1.00 16.64 ? 21   THR A OG1 1 
ATOM   141  C CG2 . THR A 1 21  ? -8.246  4.777   -2.274  1.00 11.89 ? 21   THR A CG2 1 
ATOM   142  N N   . ASP A 1 22  ? -8.256  6.581   2.029   1.00 20.15 ? 22   ASP A N   1 
ATOM   143  C CA  . ASP A 1 22  ? -7.854  7.436   3.142   1.00 23.54 ? 22   ASP A CA  1 
ATOM   144  C C   . ASP A 1 22  ? -7.393  6.604   4.322   1.00 23.17 ? 22   ASP A C   1 
ATOM   145  O O   . ASP A 1 22  ? -6.565  7.049   5.095   1.00 22.65 ? 22   ASP A O   1 
ATOM   146  C CB  . ASP A 1 22  ? -8.990  8.366   3.588   1.00 47.70 ? 22   ASP A CB  1 
ATOM   147  C CG  . ASP A 1 22  ? -9.069  9.626   2.744   1.00 57.10 ? 22   ASP A CG  1 
ATOM   148  O OD1 . ASP A 1 22  ? -9.960  10.455  3.014   1.00 62.17 ? 22   ASP A OD1 1 
ATOM   149  O OD2 . ASP A 1 22  ? -8.240  9.790   1.809   1.00 62.66 ? 22   ASP A OD2 1 
ATOM   150  N N   . LEU A 1 23  ? -7.940  5.404   4.455   1.00 25.02 ? 23   LEU A N   1 
ATOM   151  C CA  . LEU A 1 23  ? -7.556  4.503   5.511   1.00 26.29 ? 23   LEU A CA  1 
ATOM   152  C C   . LEU A 1 23  ? -6.156  3.887   5.239   1.00 29.34 ? 23   LEU A C   1 
ATOM   153  O O   . LEU A 1 23  ? -5.330  3.783   6.162   1.00 30.87 ? 23   LEU A O   1 
ATOM   154  C CB  . LEU A 1 23  ? -8.585  3.387   5.604   1.00 33.49 ? 23   LEU A CB  1 
ATOM   155  C CG  . LEU A 1 23  ? -9.003  2.842   6.964   1.00 40.78 ? 23   LEU A CG  1 
ATOM   156  C CD1 . LEU A 1 23  ? -9.478  3.969   7.870   1.00 39.45 ? 23   LEU A CD1 1 
ATOM   157  C CD2 . LEU A 1 23  ? -10.122 1.813   6.749   1.00 40.76 ? 23   LEU A CD2 1 
ATOM   158  N N   . MET A 1 24  ? -5.895  3.470   3.990   1.00 22.03 ? 24   MET A N   1 
ATOM   159  C CA  . MET A 1 24  ? -4.614  2.823   3.628   1.00 23.00 ? 24   MET A CA  1 
ATOM   160  C C   . MET A 1 24  ? -3.320  3.657   3.740   1.00 22.64 ? 24   MET A C   1 
ATOM   161  O O   . MET A 1 24  ? -2.219  3.100   3.668   1.00 21.40 ? 24   MET A O   1 
ATOM   162  C CB  . MET A 1 24  ? -4.709  2.233   2.199   1.00 23.96 ? 24   MET A CB  1 
ATOM   163  C CG  . MET A 1 24  ? -5.728  1.101   2.129   1.00 25.34 ? 24   MET A CG  1 
ATOM   164  S SD  . MET A 1 24  ? -6.448  0.851   0.504   1.00 26.20 ? 24   MET A SD  1 
ATOM   165  C CE  . MET A 1 24  ? -5.297  -0.247  -0.237  1.00 24.92 ? 24   MET A CE  1 
ATOM   166  N N   . GLN A 1 25  ? -3.467  4.969   3.910   1.00 24.37 ? 25   GLN A N   1 
ATOM   167  C CA  . GLN A 1 25  ? -2.346  5.882   4.045   1.00 24.87 ? 25   GLN A CA  1 
ATOM   168  C C   . GLN A 1 25  ? -1.742  5.726   5.436   1.00 25.03 ? 25   GLN A C   1 
ATOM   169  O O   . GLN A 1 25  ? -0.585  6.120   5.655   1.00 25.21 ? 25   GLN A O   1 
ATOM   170  C CB  . GLN A 1 25  ? -2.819  7.340   3.899   1.00 21.30 ? 25   GLN A CB  1 
ATOM   171  C CG  . GLN A 1 25  ? -3.536  7.950   5.173   1.00 18.92 ? 25   GLN A CG  1 
ATOM   172  C CD  . GLN A 1 25  ? -4.145  9.351   4.925   1.00 22.82 ? 25   GLN A CD  1 
ATOM   173  O OE1 . GLN A 1 25  ? -3.469  10.252  4.463   1.00 21.20 ? 25   GLN A OE1 1 
ATOM   174  N NE2 . GLN A 1 25  ? -5.421  9.519   5.235   1.00 24.69 ? 25   GLN A NE2 1 
ATOM   175  N N   . ASP A 1 26  ? -2.532  5.175   6.365   1.00 23.77 ? 26   ASP A N   1 
ATOM   176  C CA  . ASP A 1 26  ? -2.109  5.010   7.782   1.00 25.88 ? 26   ASP A CA  1 
ATOM   177  C C   . ASP A 1 26  ? -0.943  4.016   7.972   1.00 24.18 ? 26   ASP A C   1 
ATOM   178  O O   . ASP A 1 26  ? -1.124  2.786   7.901   1.00 19.44 ? 26   ASP A O   1 
ATOM   179  C CB  . ASP A 1 26  ? -3.302  4.567   8.658   1.00 26.76 ? 26   ASP A CB  1 
ATOM   180  C CG  . ASP A 1 26  ? -2.983  4.591   10.152  1.00 29.50 ? 26   ASP A CG  1 
ATOM   181  O OD1 . ASP A 1 26  ? -1.806  4.459   10.543  1.00 31.61 ? 26   ASP A OD1 1 
ATOM   182  O OD2 . ASP A 1 26  ? -3.929  4.715   10.956  1.00 35.12 ? 26   ASP A OD2 1 
ATOM   183  N N   . THR A 1 27  ? 0.235   4.578   8.234   1.00 24.78 ? 27   THR A N   1 
ATOM   184  C CA  . THR A 1 27  ? 1.474   3.807   8.405   1.00 25.68 ? 27   THR A CA  1 
ATOM   185  C C   . THR A 1 27  ? 1.387   2.790   9.530   1.00 25.49 ? 27   THR A C   1 
ATOM   186  O O   . THR A 1 27  ? 2.188   1.858   9.576   1.00 24.64 ? 27   THR A O   1 
ATOM   187  C CB  . THR A 1 27  ? 2.701   4.723   8.686   1.00 27.17 ? 27   THR A CB  1 
ATOM   188  O OG1 . THR A 1 27  ? 2.478   5.472   9.884   1.00 30.15 ? 27   THR A OG1 1 
ATOM   189  C CG2 . THR A 1 27  ? 2.931   5.696   7.530   1.00 26.42 ? 27   THR A CG2 1 
ATOM   190  N N   . SER A 1 28  ? 0.432   2.932   10.446  1.00 22.39 ? 28   SER A N   1 
ATOM   191  C CA  . SER A 1 28  ? 0.396   1.897   11.480  1.00 22.84 ? 28   SER A CA  1 
ATOM   192  C C   . SER A 1 28  ? -0.191  0.588   10.935  1.00 23.19 ? 28   SER A C   1 
ATOM   193  O O   . SER A 1 28  ? -0.228  -0.423  11.635  1.00 22.46 ? 28   SER A O   1 
ATOM   194  C CB  . SER A 1 28  ? -0.394  2.362   12.716  1.00 23.62 ? 28   SER A CB  1 
ATOM   195  O OG  . SER A 1 28  ? -1.773  2.488   12.458  1.00 25.92 ? 28   SER A OG  1 
ATOM   196  N N   . ARG A 1 29  ? -0.634  0.575   9.682   1.00 19.90 ? 29   ARG A N   1 
ATOM   197  C CA  . ARG A 1 29  ? -1.227  -0.673  9.206   1.00 22.50 ? 29   ARG A CA  1 
ATOM   198  C C   . ARG A 1 29  ? -0.300  -1.644  8.477   1.00 20.43 ? 29   ARG A C   1 
ATOM   199  O O   . ARG A 1 29  ? -0.586  -2.838  8.440   1.00 20.82 ? 29   ARG A O   1 
ATOM   200  C CB  . ARG A 1 29  ? -2.449  -0.371  8.330   1.00 32.86 ? 29   ARG A CB  1 
ATOM   201  C CG  . ARG A 1 29  ? -3.248  0.828   8.828   1.00 39.79 ? 29   ARG A CG  1 
ATOM   202  C CD  . ARG A 1 29  ? -4.677  0.822   8.350   1.00 47.91 ? 29   ARG A CD  1 
ATOM   203  N NE  . ARG A 1 29  ? -4.804  0.380   6.964   1.00 51.76 ? 29   ARG A NE  1 
ATOM   204  C CZ  . ARG A 1 29  ? -5.812  -0.368  6.537   1.00 52.67 ? 29   ARG A CZ  1 
ATOM   205  N NH1 . ARG A 1 29  ? -6.748  -0.732  7.394   1.00 54.61 ? 29   ARG A NH1 1 
ATOM   206  N NH2 . ARG A 1 29  ? -5.872  -0.765  5.270   1.00 55.25 ? 29   ARG A NH2 1 
ATOM   207  N N   . LEU A 1 30  ? 0.809   -1.146  7.930   1.00 15.41 ? 30   LEU A N   1 
ATOM   208  C CA  . LEU A 1 30  ? 1.751   -1.988  7.182   1.00 17.77 ? 30   LEU A CA  1 
ATOM   209  C C   . LEU A 1 30  ? 3.180   -1.600  7.499   1.00 15.81 ? 30   LEU A C   1 
ATOM   210  O O   . LEU A 1 30  ? 3.951   -2.417  8.001   1.00 17.70 ? 30   LEU A O   1 
ATOM   211  C CB  . LEU A 1 30  ? 1.578   -1.844  5.667   1.00 23.38 ? 30   LEU A CB  1 
ATOM   212  C CG  . LEU A 1 30  ? 0.246   -2.003  4.956   1.00 31.02 ? 30   LEU A CG  1 
ATOM   213  C CD1 . LEU A 1 30  ? 0.559   -2.072  3.444   1.00 27.92 ? 30   LEU A CD1 1 
ATOM   214  C CD2 . LEU A 1 30  ? -0.510  -3.269  5.433   1.00 33.67 ? 30   LEU A CD2 1 
ATOM   215  N N   . LEU A 1 31  ? 3.536   -0.357  7.195   1.00 16.06 ? 31   LEU A N   1 
ATOM   216  C CA  . LEU A 1 31  ? 4.879   0.105   7.473   1.00 18.78 ? 31   LEU A CA  1 
ATOM   217  C C   . LEU A 1 31  ? 5.285   -0.210  8.944   1.00 20.75 ? 31   LEU A C   1 
ATOM   218  O O   . LEU A 1 31  ? 6.264   -0.916  9.158   1.00 23.02 ? 31   LEU A O   1 
ATOM   219  C CB  . LEU A 1 31  ? 5.016   1.618   7.207   1.00 15.08 ? 31   LEU A CB  1 
ATOM   220  C CG  . LEU A 1 31  ? 6.390   2.189   7.669   1.00 21.10 ? 31   LEU A CG  1 
ATOM   221  C CD1 . LEU A 1 31  ? 7.549   1.587   6.842   1.00 12.58 ? 31   LEU A CD1 1 
ATOM   222  C CD2 . LEU A 1 31  ? 6.406   3.711   7.557   1.00 21.13 ? 31   LEU A CD2 1 
ATOM   223  N N   . ASP A 1 32  ? 4.536   0.254   9.950   1.00 16.29 ? 32   ASP A N   1 
ATOM   224  C CA  . ASP A 1 32  ? 4.967   -0.017  11.339  1.00 17.59 ? 32   ASP A CA  1 
ATOM   225  C C   . ASP A 1 32  ? 5.141   -1.508  11.705  1.00 19.95 ? 32   ASP A C   1 
ATOM   226  O O   . ASP A 1 32  ? 6.203   -1.900  12.192  1.00 19.94 ? 32   ASP A O   1 
ATOM   227  C CB  . ASP A 1 32  ? 4.057   0.669   12.381  1.00 23.84 ? 32   ASP A CB  1 
ATOM   228  C CG  . ASP A 1 32  ? 4.038   2.201   12.252  1.00 24.08 ? 32   ASP A CG  1 
ATOM   229  O OD1 . ASP A 1 32  ? 4.957   2.788   11.646  1.00 24.67 ? 32   ASP A OD1 1 
ATOM   230  O OD2 . ASP A 1 32  ? 3.086   2.814   12.773  1.00 27.96 ? 32   ASP A OD2 1 
ATOM   231  N N   . PRO A 1 33  ? 4.113   -2.356  11.483  1.00 20.93 ? 33   PRO A N   1 
ATOM   232  C CA  . PRO A 1 33  ? 4.338   -3.769  11.845  1.00 20.80 ? 33   PRO A CA  1 
ATOM   233  C C   . PRO A 1 33  ? 5.528   -4.366  11.101  1.00 21.02 ? 33   PRO A C   1 
ATOM   234  O O   . PRO A 1 33  ? 6.202   -5.252  11.606  1.00 19.65 ? 33   PRO A O   1 
ATOM   235  C CB  . PRO A 1 33  ? 3.019   -4.461  11.456  1.00 21.37 ? 33   PRO A CB  1 
ATOM   236  C CG  . PRO A 1 33  ? 2.376   -3.504  10.442  1.00 20.72 ? 33   PRO A CG  1 
ATOM   237  C CD  . PRO A 1 33  ? 2.736   -2.130  11.008  1.00 18.85 ? 33   PRO A CD  1 
ATOM   238  N N   . TYR A 1 34  ? 5.785   -3.864  9.899   1.00 22.59 ? 34   TYR A N   1 
ATOM   239  C CA  . TYR A 1 34  ? 6.893   -4.343  9.096   1.00 21.55 ? 34   TYR A CA  1 
ATOM   240  C C   . TYR A 1 34  ? 8.230   -4.002  9.774   1.00 23.42 ? 34   TYR A C   1 
ATOM   241  O O   . TYR A 1 34  ? 9.093   -4.863  9.916   1.00 26.11 ? 34   TYR A O   1 
ATOM   242  C CB  . TYR A 1 34  ? 6.867   -3.704  7.720   1.00 16.69 ? 34   TYR A CB  1 
ATOM   243  C CG  . TYR A 1 34  ? 8.071   -4.081  6.888   1.00 18.55 ? 34   TYR A CG  1 
ATOM   244  C CD1 . TYR A 1 34  ? 8.102   -5.281  6.155   1.00 19.08 ? 34   TYR A CD1 1 
ATOM   245  C CD2 . TYR A 1 34  ? 9.202   -3.275  6.883   1.00 17.11 ? 34   TYR A CD2 1 
ATOM   246  C CE1 . TYR A 1 34  ? 9.222   -5.649  5.448   1.00 17.61 ? 34   TYR A CE1 1 
ATOM   247  C CE2 . TYR A 1 34  ? 10.315  -3.630  6.205   1.00 16.61 ? 34   TYR A CE2 1 
ATOM   248  C CZ  . TYR A 1 34  ? 10.336  -4.811  5.483   1.00 22.37 ? 34   TYR A CZ  1 
ATOM   249  O OH  . TYR A 1 34  ? 11.487  -5.148  4.791   1.00 26.30 ? 34   TYR A OH  1 
ATOM   250  N N   . ILE A 1 35  ? 8.375   -2.751  10.194  1.00 21.42 ? 35   ILE A N   1 
ATOM   251  C CA  . ILE A 1 35  ? 9.592   -2.285  10.834  1.00 22.50 ? 35   ILE A CA  1 
ATOM   252  C C   . ILE A 1 35  ? 9.842   -3.143  12.059  1.00 23.83 ? 35   ILE A C   1 
ATOM   253  O O   . ILE A 1 35  ? 10.955  -3.604  12.296  1.00 23.63 ? 35   ILE A O   1 
ATOM   254  C CB  . ILE A 1 35  ? 9.460   -0.779  11.222  1.00 21.71 ? 35   ILE A CB  1 
ATOM   255  C CG1 . ILE A 1 35  ? 9.624   0.060   9.964   1.00 18.87 ? 35   ILE A CG1 1 
ATOM   256  C CG2 . ILE A 1 35  ? 10.492  -0.366  12.305  1.00 19.06 ? 35   ILE A CG2 1 
ATOM   257  C CD1 . ILE A 1 35  ? 9.541   1.587   10.191  1.00 18.69 ? 35   ILE A CD1 1 
ATOM   258  N N   . ARG A 1 36  ? 8.784   -3.379  12.816  1.00 19.66 ? 36   ARG A N   1 
ATOM   259  C CA  . ARG A 1 36  ? 8.870   -4.197  14.008  1.00 21.76 ? 36   ARG A CA  1 
ATOM   260  C C   . ARG A 1 36  ? 9.294   -5.646  13.732  1.00 22.31 ? 36   ARG A C   1 
ATOM   261  O O   . ARG A 1 36  ? 10.293  -6.139  14.266  1.00 23.92 ? 36   ARG A O   1 
ATOM   262  C CB  . ARG A 1 36  ? 7.517   -4.186  14.698  1.00 24.27 ? 36   ARG A CB  1 
ATOM   263  C CG  . ARG A 1 36  ? 7.528   -3.689  16.101  1.00 26.62 ? 36   ARG A CG  1 
ATOM   264  C CD  . ARG A 1 36  ? 6.372   -2.755  16.404  1.00 23.31 ? 36   ARG A CD  1 
ATOM   265  N NE  . ARG A 1 36  ? 5.090   -3.195  15.867  1.00 21.52 ? 36   ARG A NE  1 
ATOM   266  C CZ  . ARG A 1 36  ? 4.110   -2.358  15.536  1.00 22.43 ? 36   ARG A CZ  1 
ATOM   267  N NH1 . ARG A 1 36  ? 4.288   -1.051  15.695  1.00 18.75 ? 36   ARG A NH1 1 
ATOM   268  N NH2 . ARG A 1 36  ? 2.960   -2.821  15.055  1.00 21.88 ? 36   ARG A NH2 1 
ATOM   269  N N   . ILE A 1 37  ? 8.550   -6.336  12.882  1.00 19.39 ? 37   ILE A N   1 
ATOM   270  C CA  . ILE A 1 37  ? 8.836   -7.725  12.653  1.00 18.99 ? 37   ILE A CA  1 
ATOM   271  C C   . ILE A 1 37  ? 10.198  -7.979  11.983  1.00 21.73 ? 37   ILE A C   1 
ATOM   272  O O   . ILE A 1 37  ? 10.692  -9.087  12.031  1.00 22.34 ? 37   ILE A O   1 
ATOM   273  C CB  . ILE A 1 37  ? 7.694   -8.378  11.849  1.00 19.47 ? 37   ILE A CB  1 
ATOM   274  C CG1 . ILE A 1 37  ? 7.587   -9.876  12.178  1.00 22.42 ? 37   ILE A CG1 1 
ATOM   275  C CG2 . ILE A 1 37  ? 7.929   -8.166  10.342  1.00 15.28 ? 37   ILE A CG2 1 
ATOM   276  C CD1 . ILE A 1 37  ? 6.398   -10.624 11.421  1.00 22.25 ? 37   ILE A CD1 1 
ATOM   277  N N   . GLN A 1 38  ? 10.796  -6.969  11.365  1.00 23.96 ? 38   GLN A N   1 
ATOM   278  C CA  . GLN A 1 38  ? 12.127  -7.118  10.741  1.00 25.53 ? 38   GLN A CA  1 
ATOM   279  C C   . GLN A 1 38  ? 13.257  -6.592  11.661  1.00 26.73 ? 38   GLN A C   1 
ATOM   280  O O   . GLN A 1 38  ? 14.395  -6.447  11.233  1.00 25.91 ? 38   GLN A O   1 
ATOM   281  C CB  . GLN A 1 38  ? 12.194  -6.364  9.407   1.00 21.81 ? 38   GLN A CB  1 
ATOM   282  C CG  . GLN A 1 38  ? 11.265  -6.904  8.347   1.00 25.77 ? 38   GLN A CG  1 
ATOM   283  C CD  . GLN A 1 38  ? 11.802  -8.142  7.678   1.00 26.72 ? 38   GLN A CD  1 
ATOM   284  O OE1 . GLN A 1 38  ? 12.346  -9.028  8.319   1.00 26.90 ? 38   GLN A OE1 1 
ATOM   285  N NE2 . GLN A 1 38  ? 11.660  -8.200  6.370   1.00 31.60 ? 38   GLN A NE2 1 
ATOM   286  N N   . GLY A 1 39  ? 12.935  -6.294  12.918  1.00 27.59 ? 39   GLY A N   1 
ATOM   287  C CA  . GLY A 1 39  ? 13.949  -5.804  13.831  1.00 28.50 ? 39   GLY A CA  1 
ATOM   288  C C   . GLY A 1 39  ? 14.545  -4.437  13.487  1.00 30.12 ? 39   GLY A C   1 
ATOM   289  O O   . GLY A 1 39  ? 15.691  -4.134  13.846  1.00 31.06 ? 39   GLY A O   1 
ATOM   290  N N   . LEU A 1 40  ? 13.771  -3.598  12.818  1.00 22.91 ? 40   LEU A N   1 
ATOM   291  C CA  . LEU A 1 40  ? 14.240  -2.281  12.422  1.00 24.32 ? 40   LEU A CA  1 
ATOM   292  C C   . LEU A 1 40  ? 13.799  -1.149  13.363  1.00 25.12 ? 40   LEU A C   1 
ATOM   293  O O   . LEU A 1 40  ? 14.205  0.011   13.207  1.00 23.38 ? 40   LEU A O   1 
ATOM   294  C CB  . LEU A 1 40  ? 13.754  -1.998  11.008  1.00 23.16 ? 40   LEU A CB  1 
ATOM   295  C CG  . LEU A 1 40  ? 14.308  -2.912  9.915   1.00 24.82 ? 40   LEU A CG  1 
ATOM   296  C CD1 . LEU A 1 40  ? 13.643  -2.581  8.574   1.00 27.17 ? 40   LEU A CD1 1 
ATOM   297  C CD2 . LEU A 1 40  ? 15.832  -2.724  9.811   1.00 26.39 ? 40   LEU A CD2 1 
ATOM   298  N N   . ASP A 1 41  ? 12.980  -1.487  14.350  1.00 23.63 ? 41   ASP A N   1 
ATOM   299  C CA  . ASP A 1 41  ? 12.469  -0.494  15.280  1.00 28.18 ? 41   ASP A CA  1 
ATOM   300  C C   . ASP A 1 41  ? 13.484  0.049   16.314  1.00 29.52 ? 41   ASP A C   1 
ATOM   301  O O   . ASP A 1 41  ? 13.353  -0.155  17.509  1.00 28.61 ? 41   ASP A O   1 
ATOM   302  C CB  . ASP A 1 41  ? 11.264  -1.061  16.023  1.00 41.49 ? 41   ASP A CB  1 
ATOM   303  C CG  . ASP A 1 41  ? 10.442  0.013   16.657  1.00 43.81 ? 41   ASP A CG  1 
ATOM   304  O OD1 . ASP A 1 41  ? 10.688  1.184   16.311  1.00 49.15 ? 41   ASP A OD1 1 
ATOM   305  O OD2 . ASP A 1 41  ? 9.546   -0.292  17.467  1.00 47.50 ? 41   ASP A OD2 1 
ATOM   306  N N   . VAL A 1 42  ? 14.490  0.748   15.837  1.00 33.94 ? 42   VAL A N   1 
ATOM   307  C CA  . VAL A 1 42  ? 15.490  1.351   16.704  1.00 36.79 ? 42   VAL A CA  1 
ATOM   308  C C   . VAL A 1 42  ? 15.548  2.724   16.071  1.00 39.09 ? 42   VAL A C   1 
ATOM   309  O O   . VAL A 1 42  ? 15.672  2.835   14.857  1.00 38.38 ? 42   VAL A O   1 
ATOM   310  C CB  . VAL A 1 42  ? 16.855  0.606   16.621  1.00 37.04 ? 42   VAL A CB  1 
ATOM   311  C CG1 . VAL A 1 42  ? 16.688  -0.828  17.111  1.00 35.29 ? 42   VAL A CG1 1 
ATOM   312  C CG2 . VAL A 1 42  ? 17.363  0.576   15.205  1.00 36.31 ? 42   VAL A CG2 1 
ATOM   313  N N   . PRO A 1 43  ? 15.414  3.786   16.887  1.00 58.31 ? 43   PRO A N   1 
ATOM   314  C CA  . PRO A 1 43  ? 15.419  5.211   16.512  1.00 59.14 ? 43   PRO A CA  1 
ATOM   315  C C   . PRO A 1 43  ? 16.300  5.654   15.338  1.00 60.67 ? 43   PRO A C   1 
ATOM   316  O O   . PRO A 1 43  ? 15.823  6.298   14.397  1.00 62.25 ? 43   PRO A O   1 
ATOM   317  C CB  . PRO A 1 43  ? 15.794  5.899   17.818  1.00 66.15 ? 43   PRO A CB  1 
ATOM   318  C CG  . PRO A 1 43  ? 15.113  5.011   18.847  1.00 65.87 ? 43   PRO A CG  1 
ATOM   319  C CD  . PRO A 1 43  ? 15.485  3.634   18.357  1.00 64.26 ? 43   PRO A CD  1 
ATOM   320  N N   . LYS A 1 44  ? 17.577  5.305   15.387  1.00 46.05 ? 44   LYS A N   1 
ATOM   321  C CA  . LYS A 1 44  ? 18.500  5.686   14.335  1.00 45.79 ? 44   LYS A CA  1 
ATOM   322  C C   . LYS A 1 44  ? 18.160  5.020   12.996  1.00 46.45 ? 44   LYS A C   1 
ATOM   323  O O   . LYS A 1 44  ? 18.206  5.670   11.952  1.00 46.82 ? 44   LYS A O   1 
ATOM   324  C CB  . LYS A 1 44  ? 19.926  5.318   14.749  1.00 51.22 ? 44   LYS A CB  1 
ATOM   325  C CG  . LYS A 1 44  ? 20.340  5.852   16.116  1.00 50.64 ? 44   LYS A CG  1 
ATOM   326  C CD  . LYS A 1 44  ? 21.727  5.367   16.491  1.00 52.54 ? 44   LYS A CD  1 
ATOM   327  C CE  . LYS A 1 44  ? 22.129  5.831   17.883  1.00 52.94 ? 44   LYS A CE  1 
ATOM   328  N NZ  . LYS A 1 44  ? 23.506  5.388   18.235  1.00 53.77 ? 44   LYS A NZ  1 
ATOM   329  N N   . LEU A 1 45  ? 17.822  3.732   13.024  1.00 42.27 ? 45   LEU A N   1 
ATOM   330  C CA  . LEU A 1 45  ? 17.491  3.017   11.793  1.00 41.67 ? 45   LEU A CA  1 
ATOM   331  C C   . LEU A 1 45  ? 16.204  3.523   11.184  1.00 42.54 ? 45   LEU A C   1 
ATOM   332  O O   . LEU A 1 45  ? 16.097  3.678   9.965   1.00 42.00 ? 45   LEU A O   1 
ATOM   333  C CB  . LEU A 1 45  ? 17.354  1.528   12.058  1.00 39.76 ? 45   LEU A CB  1 
ATOM   334  C CG  . LEU A 1 45  ? 18.555  0.633   11.803  1.00 40.07 ? 45   LEU A CG  1 
ATOM   335  C CD1 . LEU A 1 45  ? 18.095  -0.816  11.973  1.00 38.29 ? 45   LEU A CD1 1 
ATOM   336  C CD2 . LEU A 1 45  ? 19.106  0.844   10.386  1.00 39.55 ? 45   LEU A CD2 1 
ATOM   337  N N   . ARG A 1 46  ? 15.226  3.786   12.038  1.00 55.19 ? 46   ARG A N   1 
ATOM   338  C CA  . ARG A 1 46  ? 13.936  4.286   11.586  1.00 57.98 ? 46   ARG A CA  1 
ATOM   339  C C   . ARG A 1 46  ? 14.028  5.447   10.594  1.00 57.57 ? 46   ARG A C   1 
ATOM   340  O O   . ARG A 1 46  ? 13.381  5.411   9.552   1.00 59.38 ? 46   ARG A O   1 
ATOM   341  C CB  . ARG A 1 46  ? 13.077  4.689   12.788  1.00 62.51 ? 46   ARG A CB  1 
ATOM   342  C CG  . ARG A 1 46  ? 12.684  3.527   13.702  1.00 64.00 ? 46   ARG A CG  1 
ATOM   343  C CD  . ARG A 1 46  ? 11.653  3.968   14.736  1.00 66.59 ? 46   ARG A CD  1 
ATOM   344  N NE  . ARG A 1 46  ? 10.326  3.399   14.487  1.00 69.63 ? 46   ARG A NE  1 
ATOM   345  C CZ  . ARG A 1 46  ? 9.596   3.605   13.389  1.00 70.76 ? 46   ARG A CZ  1 
ATOM   346  N NH1 . ARG A 1 46  ? 10.055  4.377   12.406  1.00 71.76 ? 46   ARG A NH1 1 
ATOM   347  N NH2 . ARG A 1 46  ? 8.392   3.047   13.278  1.00 70.78 ? 46   ARG A NH2 1 
ATOM   348  N N   . GLU A 1 47  ? 14.813  6.477   10.898  1.00 46.91 ? 47   GLU A N   1 
ATOM   349  C CA  . GLU A 1 47  ? 14.933  7.589   9.964   1.00 45.34 ? 47   GLU A CA  1 
ATOM   350  C C   . GLU A 1 47  ? 15.361  7.108   8.575   1.00 43.67 ? 47   GLU A C   1 
ATOM   351  O O   . GLU A 1 47  ? 15.131  7.804   7.584   1.00 44.16 ? 47   GLU A O   1 
ATOM   352  C CB  . GLU A 1 47  ? 15.951  8.624   10.459  1.00 64.95 ? 47   GLU A CB  1 
ATOM   353  C CG  . GLU A 1 47  ? 17.390  8.105   10.502  1.00 69.66 ? 47   GLU A CG  1 
ATOM   354  C CD  . GLU A 1 47  ? 18.433  9.184   10.791  1.00 71.18 ? 47   GLU A CD  1 
ATOM   355  O OE1 . GLU A 1 47  ? 19.578  8.808   11.124  1.00 71.76 ? 47   GLU A OE1 1 
ATOM   356  O OE2 . GLU A 1 47  ? 18.116  10.392  10.678  1.00 71.39 ? 47   GLU A OE2 1 
ATOM   357  N N   . HIS A 1 48  ? 15.995  5.940   8.492   1.00 37.25 ? 48   HIS A N   1 
ATOM   358  C CA  . HIS A 1 48  ? 16.431  5.416   7.189   1.00 36.37 ? 48   HIS A CA  1 
ATOM   359  C C   . HIS A 1 48  ? 15.318  4.708   6.392   1.00 35.73 ? 48   HIS A C   1 
ATOM   360  O O   . HIS A 1 48  ? 15.590  4.050   5.379   1.00 37.26 ? 48   HIS A O   1 
ATOM   361  C CB  . HIS A 1 48  ? 17.611  4.439   7.358   1.00 42.91 ? 48   HIS A CB  1 
ATOM   362  C CG  . HIS A 1 48  ? 18.847  5.067   7.923   1.00 43.82 ? 48   HIS A CG  1 
ATOM   363  N ND1 . HIS A 1 48  ? 19.617  5.965   7.216   1.00 43.32 ? 48   HIS A ND1 1 
ATOM   364  C CD2 . HIS A 1 48  ? 19.435  4.939   9.138   1.00 43.63 ? 48   HIS A CD2 1 
ATOM   365  C CE1 . HIS A 1 48  ? 20.625  6.363   7.973   1.00 46.29 ? 48   HIS A CE1 1 
ATOM   366  N NE2 . HIS A 1 48  ? 20.538  5.756   9.145   1.00 45.43 ? 48   HIS A NE2 1 
ATOM   367  N N   . CYS A 1 49  ? 14.079  4.829   6.847   1.00 37.32 ? 49   CYS A N   1 
ATOM   368  C CA  . CYS A 1 49  ? 12.950  4.224   6.162   1.00 37.22 ? 49   CYS A CA  1 
ATOM   369  C C   . CYS A 1 49  ? 12.133  5.230   5.383   1.00 38.73 ? 49   CYS A C   1 
ATOM   370  O O   . CYS A 1 49  ? 10.906  5.171   5.396   1.00 37.87 ? 49   CYS A O   1 
ATOM   371  C CB  . CYS A 1 49  ? 12.049  3.527   7.176   1.00 38.65 ? 49   CYS A CB  1 
ATOM   372  S SG  . CYS A 1 49  ? 12.894  2.071   7.826   1.00 36.04 ? 49   CYS A SG  1 
ATOM   373  N N   . ARG A 1 50  ? 12.786  6.135   4.670   1.00 41.76 ? 50   ARG A N   1 
ATOM   374  C CA  . ARG A 1 50  ? 12.020  7.123   3.939   1.00 43.32 ? 50   ARG A CA  1 
ATOM   375  C C   . ARG A 1 50  ? 11.750  6.718   2.498   1.00 42.97 ? 50   ARG A C   1 
ATOM   376  O O   . ARG A 1 50  ? 12.488  5.929   1.922   1.00 44.54 ? 50   ARG A O   1 
ATOM   377  C CB  . ARG A 1 50  ? 12.705  8.494   4.038   1.00 59.34 ? 50   ARG A CB  1 
ATOM   378  C CG  . ARG A 1 50  ? 14.196  8.524   3.765   1.00 64.07 ? 50   ARG A CG  1 
ATOM   379  C CD  . ARG A 1 50  ? 14.535  8.553   2.270   1.00 67.45 ? 50   ARG A CD  1 
ATOM   380  N NE  . ARG A 1 50  ? 14.618  7.216   1.680   1.00 72.01 ? 50   ARG A NE  1 
ATOM   381  C CZ  . ARG A 1 50  ? 15.179  6.940   0.504   1.00 72.87 ? 50   ARG A CZ  1 
ATOM   382  N NH1 . ARG A 1 50  ? 15.719  7.909   -0.225  1.00 73.25 ? 50   ARG A NH1 1 
ATOM   383  N NH2 . ARG A 1 50  ? 15.207  5.690   0.062   1.00 72.08 ? 50   ARG A NH2 1 
ATOM   384  N N   . GLU A 1 51  ? 10.657  7.226   1.933   1.00 40.39 ? 51   GLU A N   1 
ATOM   385  C CA  . GLU A 1 51  ? 10.267  6.924   0.560   1.00 40.06 ? 51   GLU A CA  1 
ATOM   386  C C   . GLU A 1 51  ? 11.433  7.044   -0.403  1.00 41.27 ? 51   GLU A C   1 
ATOM   387  O O   . GLU A 1 51  ? 12.333  7.830   -0.183  1.00 40.96 ? 51   GLU A O   1 
ATOM   388  C CB  . GLU A 1 51  ? 9.149   7.866   0.116   1.00 40.94 ? 51   GLU A CB  1 
ATOM   389  C CG  . GLU A 1 51  ? 8.885   7.882   -1.393  1.00 39.80 ? 51   GLU A CG  1 
ATOM   390  C CD  . GLU A 1 51  ? 7.620   8.669   -1.762  1.00 38.12 ? 51   GLU A CD  1 
ATOM   391  O OE1 . GLU A 1 51  ? 7.093   9.412   -0.883  1.00 35.38 ? 51   GLU A OE1 1 
ATOM   392  O OE2 . GLU A 1 51  ? 7.172   8.541   -2.929  1.00 33.89 ? 51   GLU A OE2 1 
ATOM   393  N N   . ARG A 1 52  ? 11.414  6.241   -1.459  1.00 53.14 ? 52   ARG A N   1 
ATOM   394  C CA  . ARG A 1 52  ? 12.455  6.269   -2.483  1.00 56.58 ? 52   ARG A CA  1 
ATOM   395  C C   . ARG A 1 52  ? 12.015  7.292   -3.544  1.00 57.27 ? 52   ARG A C   1 
ATOM   396  O O   . ARG A 1 52  ? 10.958  7.133   -4.162  1.00 57.33 ? 52   ARG A O   1 
ATOM   397  C CB  . ARG A 1 52  ? 12.580  4.883   -3.131  1.00 71.07 ? 52   ARG A CB  1 
ATOM   398  C CG  . ARG A 1 52  ? 13.997  4.434   -3.493  1.00 75.12 ? 52   ARG A CG  1 
ATOM   399  C CD  . ARG A 1 52  ? 14.590  5.192   -4.673  1.00 79.51 ? 52   ARG A CD  1 
ATOM   400  N NE  . ARG A 1 52  ? 15.866  4.616   -5.114  1.00 82.31 ? 52   ARG A NE  1 
ATOM   401  C CZ  . ARG A 1 52  ? 17.024  4.743   -4.469  1.00 83.91 ? 52   ARG A CZ  1 
ATOM   402  N NH1 . ARG A 1 52  ? 17.092  5.439   -3.338  1.00 84.62 ? 52   ARG A NH1 1 
ATOM   403  N NH2 . ARG A 1 52  ? 18.121  4.168   -4.956  1.00 84.93 ? 52   ARG A NH2 1 
ATOM   404  N N   . PRO A 1 53  ? 12.806  8.363   -3.759  1.00 56.10 ? 53   PRO A N   1 
ATOM   405  C CA  . PRO A 1 53  ? 12.389  9.339   -4.772  1.00 55.24 ? 53   PRO A CA  1 
ATOM   406  C C   . PRO A 1 53  ? 12.105  8.667   -6.118  1.00 54.60 ? 53   PRO A C   1 
ATOM   407  O O   . PRO A 1 53  ? 12.916  7.869   -6.616  1.00 54.02 ? 53   PRO A O   1 
ATOM   408  C CB  . PRO A 1 53  ? 13.578  10.300  -4.826  1.00 54.03 ? 53   PRO A CB  1 
ATOM   409  C CG  . PRO A 1 53  ? 14.048  10.307  -3.408  1.00 53.54 ? 53   PRO A CG  1 
ATOM   410  C CD  . PRO A 1 53  ? 14.033  8.816   -3.078  1.00 54.25 ? 53   PRO A CD  1 
ATOM   411  N N   . GLY A 1 54  ? 10.933  8.971   -6.681  1.00 58.59 ? 54   GLY A N   1 
ATOM   412  C CA  . GLY A 1 54  ? 10.546  8.408   -7.964  1.00 55.05 ? 54   GLY A CA  1 
ATOM   413  C C   . GLY A 1 54  ? 9.994   6.990   -7.908  1.00 52.75 ? 54   GLY A C   1 
ATOM   414  O O   . GLY A 1 54  ? 9.667   6.396   -8.945  1.00 50.57 ? 54   GLY A O   1 
ATOM   415  N N   . ALA A 1 55  ? 9.889   6.427   -6.705  1.00 40.09 ? 55   ALA A N   1 
ATOM   416  C CA  . ALA A 1 55  ? 9.346   5.078   -6.600  1.00 36.39 ? 55   ALA A CA  1 
ATOM   417  C C   . ALA A 1 55  ? 7.853   5.157   -6.872  1.00 32.25 ? 55   ALA A C   1 
ATOM   418  O O   . ALA A 1 55  ? 7.278   4.269   -7.483  1.00 31.68 ? 55   ALA A O   1 
ATOM   419  C CB  . ALA A 1 55  ? 9.592   4.507   -5.227  1.00 35.16 ? 55   ALA A CB  1 
ATOM   420  N N   . PHE A 1 56  ? 7.221   6.227   -6.427  1.00 29.30 ? 56   PHE A N   1 
ATOM   421  C CA  . PHE A 1 56  ? 5.792   6.327   -6.655  1.00 26.11 ? 56   PHE A CA  1 
ATOM   422  C C   . PHE A 1 56  ? 5.374   7.664   -7.230  1.00 25.93 ? 56   PHE A C   1 
ATOM   423  O O   . PHE A 1 56  ? 6.002   8.683   -6.965  1.00 27.21 ? 56   PHE A O   1 
ATOM   424  C CB  . PHE A 1 56  ? 5.030   6.100   -5.364  1.00 21.88 ? 56   PHE A CB  1 
ATOM   425  C CG  . PHE A 1 56  ? 5.112   4.710   -4.831  1.00 20.08 ? 56   PHE A CG  1 
ATOM   426  C CD1 . PHE A 1 56  ? 6.226   4.295   -4.096  1.00 19.57 ? 56   PHE A CD1 1 
ATOM   427  C CD2 . PHE A 1 56  ? 4.021   3.847   -4.955  1.00 22.34 ? 56   PHE A CD2 1 
ATOM   428  C CE1 . PHE A 1 56  ? 6.260   3.048   -3.468  1.00 20.95 ? 56   PHE A CE1 1 
ATOM   429  C CE2 . PHE A 1 56  ? 4.045   2.570   -4.321  1.00 25.22 ? 56   PHE A CE2 1 
ATOM   430  C CZ  . PHE A 1 56  ? 5.185   2.184   -3.568  1.00 21.51 ? 56   PHE A CZ  1 
ATOM   431  N N   . PRO A 1 57  ? 4.296   7.669   -8.039  1.00 23.13 ? 57   PRO A N   1 
ATOM   432  C CA  . PRO A 1 57  ? 3.742   8.860   -8.678  1.00 19.97 ? 57   PRO A CA  1 
ATOM   433  C C   . PRO A 1 57  ? 3.452   9.921   -7.632  1.00 20.59 ? 57   PRO A C   1 
ATOM   434  O O   . PRO A 1 57  ? 2.911   9.625   -6.560  1.00 19.15 ? 57   PRO A O   1 
ATOM   435  C CB  . PRO A 1 57  ? 2.460   8.334   -9.316  1.00 19.56 ? 57   PRO A CB  1 
ATOM   436  C CG  . PRO A 1 57  ? 2.835   6.934   -9.709  1.00 16.82 ? 57   PRO A CG  1 
ATOM   437  C CD  . PRO A 1 57  ? 3.515   6.482   -8.421  1.00 20.08 ? 57   PRO A CD  1 
ATOM   438  N N   . SER A 1 58  ? 3.807   11.160  -7.955  1.00 20.83 ? 58   SER A N   1 
ATOM   439  C CA  . SER A 1 58  ? 3.597   12.292  -7.065  1.00 20.89 ? 58   SER A CA  1 
ATOM   440  C C   . SER A 1 58  ? 2.121   12.675  -7.045  1.00 20.96 ? 58   SER A C   1 
ATOM   441  O O   . SER A 1 58  ? 1.388   12.339  -7.960  1.00 18.91 ? 58   SER A O   1 
ATOM   442  C CB  . SER A 1 58  ? 4.391   13.487  -7.587  1.00 28.16 ? 58   SER A CB  1 
ATOM   443  O OG  . SER A 1 58  ? 4.080   13.706  -8.964  1.00 34.09 ? 58   SER A OG  1 
ATOM   444  N N   . GLU A 1 59  ? 1.689   13.391  -6.008  1.00 23.33 ? 59   GLU A N   1 
ATOM   445  C CA  . GLU A 1 59  ? 0.311   13.875  -5.948  1.00 25.29 ? 59   GLU A CA  1 
ATOM   446  C C   . GLU A 1 59  ? 0.016   14.770  -7.181  1.00 27.31 ? 59   GLU A C   1 
ATOM   447  O O   . GLU A 1 59  ? -1.088  14.718  -7.757  1.00 24.99 ? 59   GLU A O   1 
ATOM   448  C CB  . GLU A 1 59  ? 0.088   14.699  -4.676  1.00 27.54 ? 59   GLU A CB  1 
ATOM   449  C CG  . GLU A 1 59  ? -1.322  15.307  -4.609  1.00 29.51 ? 59   GLU A CG  1 
ATOM   450  C CD  . GLU A 1 59  ? -1.700  15.855  -3.225  1.00 31.86 ? 59   GLU A CD  1 
ATOM   451  O OE1 . GLU A 1 59  ? -2.733  16.537  -3.135  1.00 33.13 ? 59   GLU A OE1 1 
ATOM   452  O OE2 . GLU A 1 59  ? -0.995  15.597  -2.227  1.00 34.59 ? 59   GLU A OE2 1 
ATOM   453  N N   . GLU A 1 60  ? 1.014   15.575  -7.571  1.00 28.40 ? 60   GLU A N   1 
ATOM   454  C CA  . GLU A 1 60  ? 0.928   16.499  -8.716  1.00 29.79 ? 60   GLU A CA  1 
ATOM   455  C C   . GLU A 1 60  ? 0.723   15.756  -10.033 1.00 28.15 ? 60   GLU A C   1 
ATOM   456  O O   . GLU A 1 60  ? -0.055  16.174  -10.862 1.00 29.66 ? 60   GLU A O   1 
ATOM   457  C CB  . GLU A 1 60  ? 2.192   17.375  -8.799  1.00 43.30 ? 60   GLU A CB  1 
ATOM   458  C CG  . GLU A 1 60  ? 2.407   18.024  -10.175 1.00 48.98 ? 60   GLU A CG  1 
ATOM   459  C CD  . GLU A 1 60  ? 3.675   18.890  -10.258 1.00 54.74 ? 60   GLU A CD  1 
ATOM   460  O OE1 . GLU A 1 60  ? 4.197   19.067  -11.389 1.00 56.61 ? 60   GLU A OE1 1 
ATOM   461  O OE2 . GLU A 1 60  ? 4.142   19.402  -9.210  1.00 54.69 ? 60   GLU A OE2 1 
ATOM   462  N N   . THR A 1 61  ? 1.448   14.676  -10.243 1.00 27.14 ? 61   THR A N   1 
ATOM   463  C CA  . THR A 1 61  ? 1.228   13.880  -11.438 1.00 26.05 ? 61   THR A CA  1 
ATOM   464  C C   . THR A 1 61  ? -0.208  13.284  -11.372 1.00 25.21 ? 61   THR A C   1 
ATOM   465  O O   . THR A 1 61  ? -0.962  13.380  -12.320 1.00 23.05 ? 61   THR A O   1 
ATOM   466  C CB  . THR A 1 61  ? 2.231   12.753  -11.495 1.00 27.12 ? 61   THR A CB  1 
ATOM   467  O OG1 . THR A 1 61  ? 3.536   13.319  -11.576 1.00 32.06 ? 61   THR A OG1 1 
ATOM   468  C CG2 . THR A 1 61  ? 1.981   11.849  -12.690 1.00 28.89 ? 61   THR A CG2 1 
ATOM   469  N N   . LEU A 1 62  ? -0.582  12.697  -10.235 1.00 22.16 ? 62   LEU A N   1 
ATOM   470  C CA  . LEU A 1 62  ? -1.916  12.105  -10.055 1.00 20.64 ? 62   LEU A CA  1 
ATOM   471  C C   . LEU A 1 62  ? -3.032  13.154  -10.315 1.00 23.72 ? 62   LEU A C   1 
ATOM   472  O O   . LEU A 1 62  ? -4.055  12.845  -10.944 1.00 22.82 ? 62   LEU A O   1 
ATOM   473  C CB  . LEU A 1 62  ? -2.021  11.565  -8.635  1.00 18.26 ? 62   LEU A CB  1 
ATOM   474  C CG  . LEU A 1 62  ? -1.859  10.076  -8.228  1.00 20.62 ? 62   LEU A CG  1 
ATOM   475  C CD1 . LEU A 1 62  ? -1.402  9.202   -9.336  1.00 14.24 ? 62   LEU A CD1 1 
ATOM   476  C CD2 . LEU A 1 62  ? -0.980  9.981   -7.001  1.00 15.35 ? 62   LEU A CD2 1 
ATOM   477  N N   . ARG A 1 63  ? -2.846  14.388  -9.838  1.00 22.35 ? 63   ARG A N   1 
ATOM   478  C CA  . ARG A 1 63  ? -3.850  15.428  -10.061 1.00 25.93 ? 63   ARG A CA  1 
ATOM   479  C C   . ARG A 1 63  ? -3.870  15.848  -11.533 1.00 25.65 ? 63   ARG A C   1 
ATOM   480  O O   . ARG A 1 63  ? -4.914  16.200  -12.073 1.00 27.12 ? 63   ARG A O   1 
ATOM   481  C CB  . ARG A 1 63  ? -3.603  16.676  -9.190  1.00 34.07 ? 63   ARG A CB  1 
ATOM   482  C CG  . ARG A 1 63  ? -4.162  16.595  -7.786  1.00 41.63 ? 63   ARG A CG  1 
ATOM   483  C CD  . ARG A 1 63  ? -5.249  17.677  -7.522  1.00 49.83 ? 63   ARG A CD  1 
ATOM   484  N NE  . ARG A 1 63  ? -5.882  17.483  -6.217  1.00 50.97 ? 63   ARG A NE  1 
ATOM   485  C CZ  . ARG A 1 63  ? -5.213  17.499  -5.067  1.00 52.49 ? 63   ARG A CZ  1 
ATOM   486  N NH1 . ARG A 1 63  ? -3.903  17.718  -5.079  1.00 53.23 ? 63   ARG A NH1 1 
ATOM   487  N NH2 . ARG A 1 63  ? -5.831  17.253  -3.919  1.00 51.51 ? 63   ARG A NH2 1 
ATOM   488  N N   . GLY A 1 64  ? -2.725  15.813  -12.180 1.00 28.91 ? 64   GLY A N   1 
ATOM   489  C CA  . GLY A 1 64  ? -2.714  16.204  -13.581 1.00 31.73 ? 64   GLY A CA  1 
ATOM   490  C C   . GLY A 1 64  ? -3.424  15.264  -14.537 1.00 30.63 ? 64   GLY A C   1 
ATOM   491  O O   . GLY A 1 64  ? -3.732  15.667  -15.664 1.00 29.68 ? 64   GLY A O   1 
ATOM   492  N N   . LEU A 1 65  ? -3.761  14.057  -14.067 1.00 31.87 ? 65   LEU A N   1 
ATOM   493  C CA  . LEU A 1 65  ? -4.344  13.011  -14.916 1.00 31.95 ? 65   LEU A CA  1 
ATOM   494  C C   . LEU A 1 65  ? -5.755  12.929  -15.512 1.00 32.53 ? 65   LEU A C   1 
ATOM   495  O O   . LEU A 1 65  ? -5.955  12.291  -16.537 1.00 38.64 ? 65   LEU A O   1 
ATOM   496  C CB  . LEU A 1 65  ? -4.080  11.647  -14.272 1.00 22.64 ? 65   LEU A CB  1 
ATOM   497  C CG  . LEU A 1 65  ? -2.606  11.206  -14.328 1.00 22.80 ? 65   LEU A CG  1 
ATOM   498  C CD1 . LEU A 1 65  ? -2.403  9.970   -13.476 1.00 18.50 ? 65   LEU A CD1 1 
ATOM   499  C CD2 . LEU A 1 65  ? -2.210  10.950  -15.793 1.00 20.21 ? 65   LEU A CD2 1 
ATOM   500  N N   . GLY A 1 66  ? -6.772  13.521  -14.988 1.00 22.63 ? 66   GLY A N   1 
ATOM   501  C CA  . GLY A 1 66  ? -7.989  13.167  -15.728 1.00 24.50 ? 66   GLY A CA  1 
ATOM   502  C C   . GLY A 1 66  ? -8.562  11.880  -15.097 1.00 23.73 ? 66   GLY A C   1 
ATOM   503  O O   . GLY A 1 66  ? -7.815  11.021  -14.637 1.00 23.35 ? 66   GLY A O   1 
ATOM   504  N N   . ARG A 1 67  ? -9.880  11.750  -15.070 1.00 23.34 ? 67   ARG A N   1 
ATOM   505  C CA  . ARG A 1 67  ? -10.553 10.634  -14.418 1.00 23.91 ? 67   ARG A CA  1 
ATOM   506  C C   . ARG A 1 67  ? -10.152 9.172   -14.743 1.00 22.52 ? 67   ARG A C   1 
ATOM   507  O O   . ARG A 1 67  ? -9.767  8.413   -13.852 1.00 23.36 ? 67   ARG A O   1 
ATOM   508  C CB  . ARG A 1 67  ? -12.039 10.828  -14.605 1.00 27.32 ? 67   ARG A CB  1 
ATOM   509  C CG  . ARG A 1 67  ? -12.939 10.111  -13.650 1.00 32.32 ? 67   ARG A CG  1 
ATOM   510  C CD  . ARG A 1 67  ? -14.324 10.801  -13.659 1.00 37.49 ? 67   ARG A CD  1 
ATOM   511  N NE  . ARG A 1 67  ? -14.705 11.125  -12.288 1.00 43.84 ? 67   ARG A NE  1 
ATOM   512  C CZ  . ARG A 1 67  ? -15.359 12.218  -11.909 1.00 41.99 ? 67   ARG A CZ  1 
ATOM   513  N NH1 . ARG A 1 67  ? -15.733 13.128  -12.803 1.00 42.77 ? 67   ARG A NH1 1 
ATOM   514  N NH2 . ARG A 1 67  ? -15.591 12.412  -10.618 1.00 41.73 ? 67   ARG A NH2 1 
ATOM   515  N N   . ARG A 1 68  ? -10.253 8.771   -15.991 1.00 22.21 ? 68   ARG A N   1 
ATOM   516  C CA  . ARG A 1 68  ? -9.895  7.401   -16.365 1.00 22.27 ? 68   ARG A CA  1 
ATOM   517  C C   . ARG A 1 68  ? -8.381  7.177   -16.207 1.00 21.49 ? 68   ARG A C   1 
ATOM   518  O O   . ARG A 1 68  ? -7.956  6.133   -15.708 1.00 20.40 ? 68   ARG A O   1 
ATOM   519  C CB  . ARG A 1 68  ? -10.372 7.106   -17.809 1.00 19.28 ? 68   ARG A CB  1 
ATOM   520  C CG  . ARG A 1 68  ? -10.261 5.643   -18.221 1.00 21.82 ? 68   ARG A CG  1 
ATOM   521  C CD  . ARG A 1 68  ? -11.058 5.346   -19.477 1.00 21.74 ? 68   ARG A CD  1 
ATOM   522  N NE  . ARG A 1 68  ? -12.495 5.122   -19.224 1.00 21.41 ? 68   ARG A NE  1 
ATOM   523  C CZ  . ARG A 1 68  ? -13.015 4.029   -18.658 1.00 22.71 ? 68   ARG A CZ  1 
ATOM   524  N NH1 . ARG A 1 68  ? -12.224 3.035   -18.261 1.00 22.94 ? 68   ARG A NH1 1 
ATOM   525  N NH2 . ARG A 1 68  ? -14.328 3.906   -18.514 1.00 21.08 ? 68   ARG A NH2 1 
ATOM   526  N N   . GLY A 1 69  ? -7.577  8.174   -16.576 1.00 18.33 ? 69   GLY A N   1 
ATOM   527  C CA  . GLY A 1 69  ? -6.120  8.063   -16.458 1.00 16.98 ? 69   GLY A CA  1 
ATOM   528  C C   . GLY A 1 69  ? -5.705  7.845   -15.000 1.00 17.24 ? 69   GLY A C   1 
ATOM   529  O O   . GLY A 1 69  ? -4.812  7.037   -14.673 1.00 15.29 ? 69   GLY A O   1 
ATOM   530  N N   . PHE A 1 70  ? -6.413  8.524   -14.105 1.00 13.42 ? 70   PHE A N   1 
ATOM   531  C CA  . PHE A 1 70  ? -6.116  8.392   -12.712 1.00 13.50 ? 70   PHE A CA  1 
ATOM   532  C C   . PHE A 1 70  ? -6.393  6.962   -12.254 1.00 14.42 ? 70   PHE A C   1 
ATOM   533  O O   . PHE A 1 70  ? -5.551  6.341   -11.624 1.00 14.87 ? 70   PHE A O   1 
ATOM   534  C CB  . PHE A 1 70  ? -6.938  9.370   -11.932 1.00 15.27 ? 70   PHE A CB  1 
ATOM   535  C CG  . PHE A 1 70  ? -6.820  9.205   -10.464 1.00 17.81 ? 70   PHE A CG  1 
ATOM   536  C CD1 . PHE A 1 70  ? -5.624  9.483   -9.817  1.00 15.81 ? 70   PHE A CD1 1 
ATOM   537  C CD2 . PHE A 1 70  ? -7.908  8.767   -9.716  1.00 16.55 ? 70   PHE A CD2 1 
ATOM   538  C CE1 . PHE A 1 70  ? -5.527  9.329   -8.427  1.00 18.89 ? 70   PHE A CE1 1 
ATOM   539  C CE2 . PHE A 1 70  ? -7.808  8.615   -8.342  1.00 18.63 ? 70   PHE A CE2 1 
ATOM   540  C CZ  . PHE A 1 70  ? -6.622  8.896   -7.694  1.00 17.40 ? 70   PHE A CZ  1 
ATOM   541  N N   . LEU A 1 71  ? -7.559  6.435   -12.601 1.00 16.98 ? 71   LEU A N   1 
ATOM   542  C CA  . LEU A 1 71  ? -7.900  5.075   -12.230 1.00 15.04 ? 71   LEU A CA  1 
ATOM   543  C C   . LEU A 1 71  ? -6.915  4.079   -12.799 1.00 16.48 ? 71   LEU A C   1 
ATOM   544  O O   . LEU A 1 71  ? -6.545  3.137   -12.094 1.00 14.71 ? 71   LEU A O   1 
ATOM   545  C CB  . LEU A 1 71  ? -9.300  4.701   -12.704 1.00 9.47  ? 71   LEU A CB  1 
ATOM   546  C CG  . LEU A 1 71  ? -10.473 5.493   -12.078 1.00 11.35 ? 71   LEU A CG  1 
ATOM   547  C CD1 . LEU A 1 71  ? -11.769 4.791   -12.519 1.00 10.94 ? 71   LEU A CD1 1 
ATOM   548  C CD2 . LEU A 1 71  ? -10.404 5.560   -10.542 1.00 9.06  ? 71   LEU A CD2 1 
ATOM   549  N N   . GLN A 1 72  ? -6.511  4.281   -14.062 1.00 12.34 ? 72   GLN A N   1 
ATOM   550  C CA  . GLN A 1 72  ? -5.561  3.397   -14.734 1.00 17.93 ? 72   GLN A CA  1 
ATOM   551  C C   . GLN A 1 72  ? -4.175  3.397   -14.094 1.00 17.58 ? 72   GLN A C   1 
ATOM   552  O O   . GLN A 1 72  ? -3.569  2.350   -13.946 1.00 17.70 ? 72   GLN A O   1 
ATOM   553  C CB  . GLN A 1 72  ? -5.396  3.770   -16.221 1.00 20.32 ? 72   GLN A CB  1 
ATOM   554  C CG  . GLN A 1 72  ? -6.689  3.646   -17.005 1.00 26.69 ? 72   GLN A CG  1 
ATOM   555  C CD  . GLN A 1 72  ? -6.471  3.907   -18.474 1.00 32.20 ? 72   GLN A CD  1 
ATOM   556  O OE1 . GLN A 1 72  ? -5.506  4.580   -18.857 1.00 33.99 ? 72   GLN A OE1 1 
ATOM   557  N NE2 . GLN A 1 72  ? -7.364  3.395   -19.308 1.00 31.34 ? 72   GLN A NE2 1 
ATOM   558  N N   . THR A 1 73  ? -3.673  4.584   -13.749 1.00 21.20 ? 73   THR A N   1 
ATOM   559  C CA  . THR A 1 73  ? -2.363  4.708   -13.131 1.00 21.11 ? 73   THR A CA  1 
ATOM   560  C C   . THR A 1 73  ? -2.406  4.146   -11.726 1.00 20.23 ? 73   THR A C   1 
ATOM   561  O O   . THR A 1 73  ? -1.474  3.499   -11.264 1.00 20.64 ? 73   THR A O   1 
ATOM   562  C CB  . THR A 1 73  ? -1.944  6.160   -13.029 1.00 24.12 ? 73   THR A CB  1 
ATOM   563  O OG1 . THR A 1 73  ? -1.749  6.679   -14.344 1.00 27.29 ? 73   THR A OG1 1 
ATOM   564  C CG2 . THR A 1 73  ? -0.679  6.296   -12.225 1.00 24.48 ? 73   THR A CG2 1 
ATOM   565  N N   . LEU A 1 74  ? -3.508  4.410   -11.044 1.00 19.91 ? 74   LEU A N   1 
ATOM   566  C CA  . LEU A 1 74  ? -3.674  3.913   -9.694  1.00 18.70 ? 74   LEU A CA  1 
ATOM   567  C C   . LEU A 1 74  ? -3.692  2.381   -9.719  1.00 19.90 ? 74   LEU A C   1 
ATOM   568  O O   . LEU A 1 74  ? -3.023  1.717   -8.934  1.00 18.89 ? 74   LEU A O   1 
ATOM   569  C CB  . LEU A 1 74  ? -4.979  4.440   -9.104  1.00 17.67 ? 74   LEU A CB  1 
ATOM   570  C CG  . LEU A 1 74  ? -5.422  3.748   -7.831  1.00 14.90 ? 74   LEU A CG  1 
ATOM   571  C CD1 . LEU A 1 74  ? -4.278  3.919   -6.835  1.00 12.86 ? 74   LEU A CD1 1 
ATOM   572  C CD2 . LEU A 1 74  ? -6.753  4.376   -7.277  1.00 15.52 ? 74   LEU A CD2 1 
ATOM   573  N N   . ASN A 1 75  ? -4.443  1.836   -10.658 1.00 18.26 ? 75   ASN A N   1 
ATOM   574  C CA  . ASN A 1 75  ? -4.577  0.414   -10.762 1.00 19.69 ? 75   ASN A CA  1 
ATOM   575  C C   . ASN A 1 75  ? -3.294  -0.288  -11.163 1.00 20.74 ? 75   ASN A C   1 
ATOM   576  O O   . ASN A 1 75  ? -3.039  -1.394  -10.677 1.00 19.79 ? 75   ASN A O   1 
ATOM   577  C CB  . ASN A 1 75  ? -5.665  0.048   -11.758 1.00 20.62 ? 75   ASN A CB  1 
ATOM   578  C CG  . ASN A 1 75  ? -6.025  -1.401  -11.678 1.00 24.86 ? 75   ASN A CG  1 
ATOM   579  O OD1 . ASN A 1 75  ? -6.090  -2.111  -12.696 1.00 25.75 ? 75   ASN A OD1 1 
ATOM   580  N ND2 . ASN A 1 75  ? -6.251  -1.872  -10.454 1.00 19.04 ? 75   ASN A ND2 1 
ATOM   581  N N   . ALA A 1 76  ? -2.511  0.336   -12.045 1.00 17.63 ? 76   ALA A N   1 
ATOM   582  C CA  . ALA A 1 76  ? -1.244  -0.245  -12.494 1.00 21.34 ? 76   ALA A CA  1 
ATOM   583  C C   . ALA A 1 76  ? -0.233  -0.187  -11.333 1.00 22.62 ? 76   ALA A C   1 
ATOM   584  O O   . ALA A 1 76  ? 0.561   -1.127  -11.139 1.00 19.66 ? 76   ALA A O   1 
ATOM   585  C CB  . ALA A 1 76  ? -0.683  0.527   -13.733 1.00 22.07 ? 76   ALA A CB  1 
ATOM   586  N N   . THR A 1 77  ? -0.252  0.912   -10.575 1.00 22.53 ? 77   THR A N   1 
ATOM   587  C CA  . THR A 1 77  ? 0.670   1.017   -9.451  1.00 23.19 ? 77   THR A CA  1 
ATOM   588  C C   . THR A 1 77  ? 0.372   -0.063  -8.407  1.00 24.23 ? 77   THR A C   1 
ATOM   589  O O   . THR A 1 77  ? 1.296   -0.727  -7.922  1.00 26.12 ? 77   THR A O   1 
ATOM   590  C CB  . THR A 1 77  ? 0.592   2.374   -8.746  1.00 23.09 ? 77   THR A CB  1 
ATOM   591  O OG1 . THR A 1 77  ? 0.986   3.415   -9.652  1.00 25.97 ? 77   THR A OG1 1 
ATOM   592  C CG2 . THR A 1 77  ? 1.494   2.398   -7.518  1.00 19.74 ? 77   THR A CG2 1 
ATOM   593  N N   . LEU A 1 78  ? -0.906  -0.245  -8.075  1.00 17.73 ? 78   LEU A N   1 
ATOM   594  C CA  . LEU A 1 78  ? -1.300  -1.244  -7.080  1.00 17.88 ? 78   LEU A CA  1 
ATOM   595  C C   . LEU A 1 78  ? -0.868  -2.595  -7.599  1.00 17.80 ? 78   LEU A C   1 
ATOM   596  O O   . LEU A 1 78  ? -0.575  -3.478  -6.808  1.00 17.93 ? 78   LEU A O   1 
ATOM   597  C CB  . LEU A 1 78  ? -2.842  -1.229  -6.790  1.00 12.26 ? 78   LEU A CB  1 
ATOM   598  C CG  . LEU A 1 78  ? -3.324  0.066   -6.059  1.00 14.65 ? 78   LEU A CG  1 
ATOM   599  C CD1 . LEU A 1 78  ? -4.827  0.194   -5.933  1.00 8.64  ? 78   LEU A CD1 1 
ATOM   600  C CD2 . LEU A 1 78  ? -2.723  0.055   -4.663  1.00 13.53 ? 78   LEU A CD2 1 
ATOM   601  N N   . GLY A 1 79  ? -0.862  -2.767  -8.922  1.00 20.26 ? 79   GLY A N   1 
ATOM   602  C CA  . GLY A 1 79  ? -0.426  -4.043  -9.491  1.00 21.29 ? 79   GLY A CA  1 
ATOM   603  C C   . GLY A 1 79  ? 1.043   -4.295  -9.119  1.00 23.15 ? 79   GLY A C   1 
ATOM   604  O O   . GLY A 1 79  ? 1.413   -5.376  -8.636  1.00 21.92 ? 79   GLY A O   1 
ATOM   605  N N   . CYS A 1 80  ? 1.878   -3.283  -9.349  1.00 25.87 ? 80   CYS A N   1 
ATOM   606  C CA  . CYS A 1 80  ? 3.293   -3.352  -9.021  1.00 30.14 ? 80   CYS A CA  1 
ATOM   607  C C   . CYS A 1 80  ? 3.443   -3.534  -7.491  1.00 29.40 ? 80   CYS A C   1 
ATOM   608  O O   . CYS A 1 80  ? 4.332   -4.234  -7.010  1.00 31.08 ? 80   CYS A O   1 
ATOM   609  C CB  . CYS A 1 80  ? 3.989   -2.064  -9.489  1.00 31.47 ? 80   CYS A CB  1 
ATOM   610  S SG  . CYS A 1 80  ? 5.657   -1.748  -8.814  1.00 45.52 ? 80   CYS A SG  1 
ATOM   611  N N   . VAL A 1 81  ? 2.561   -2.914  -6.720  1.00 25.62 ? 81   VAL A N   1 
ATOM   612  C CA  . VAL A 1 81  ? 2.637   -3.054  -5.281  1.00 22.83 ? 81   VAL A CA  1 
ATOM   613  C C   . VAL A 1 81  ? 2.340   -4.496  -4.844  1.00 24.28 ? 81   VAL A C   1 
ATOM   614  O O   . VAL A 1 81  ? 3.047   -5.038  -3.976  1.00 23.73 ? 81   VAL A O   1 
ATOM   615  C CB  . VAL A 1 81  ? 1.675   -2.085  -4.586  1.00 18.37 ? 81   VAL A CB  1 
ATOM   616  C CG1 . VAL A 1 81  ? 1.614   -2.375  -3.101  1.00 13.54 ? 81   VAL A CG1 1 
ATOM   617  C CG2 . VAL A 1 81  ? 2.167   -0.627  -4.812  1.00 17.88 ? 81   VAL A CG2 1 
ATOM   618  N N   . LEU A 1 82  ? 1.302   -5.108  -5.421  1.00 20.03 ? 82   LEU A N   1 
ATOM   619  C CA  . LEU A 1 82  ? 0.963   -6.477  -5.074  1.00 23.12 ? 82   LEU A CA  1 
ATOM   620  C C   . LEU A 1 82  ? 2.156   -7.373  -5.332  1.00 24.63 ? 82   LEU A C   1 
ATOM   621  O O   . LEU A 1 82  ? 2.456   -8.224  -4.506  1.00 23.77 ? 82   LEU A O   1 
ATOM   622  C CB  . LEU A 1 82  ? -0.219  -7.008  -5.877  1.00 21.69 ? 82   LEU A CB  1 
ATOM   623  C CG  . LEU A 1 82  ? -1.575  -6.466  -5.438  1.00 21.74 ? 82   LEU A CG  1 
ATOM   624  C CD1 . LEU A 1 82  ? -2.617  -6.888  -6.467  1.00 19.85 ? 82   LEU A CD1 1 
ATOM   625  C CD2 . LEU A 1 82  ? -1.914  -6.969  -4.037  1.00 17.25 ? 82   LEU A CD2 1 
ATOM   626  N N   . HIS A 1 83  ? 2.839   -7.162  -6.456  1.00 25.15 ? 83   HIS A N   1 
ATOM   627  C CA  . HIS A 1 83  ? 4.018   -7.977  -6.791  1.00 31.03 ? 83   HIS A CA  1 
ATOM   628  C C   . HIS A 1 83  ? 5.197   -7.761  -5.843  1.00 30.02 ? 83   HIS A C   1 
ATOM   629  O O   . HIS A 1 83  ? 5.840   -8.710  -5.422  1.00 30.17 ? 83   HIS A O   1 
ATOM   630  C CB  . HIS A 1 83  ? 4.480   -7.736  -8.235  1.00 46.51 ? 83   HIS A CB  1 
ATOM   631  C CG  . HIS A 1 83  ? 3.553   -8.315  -9.256  1.00 55.26 ? 83   HIS A CG  1 
ATOM   632  N ND1 . HIS A 1 83  ? 2.454   -7.635  -9.735  1.00 58.29 ? 83   HIS A ND1 1 
ATOM   633  C CD2 . HIS A 1 83  ? 3.513   -9.544  -9.826  1.00 60.32 ? 83   HIS A CD2 1 
ATOM   634  C CE1 . HIS A 1 83  ? 1.775   -8.419  -10.555 1.00 62.09 ? 83   HIS A CE1 1 
ATOM   635  N NE2 . HIS A 1 83  ? 2.396   -9.583  -10.627 1.00 62.22 ? 83   HIS A NE2 1 
ATOM   636  N N   . ARG A 1 84  ? 5.486   -6.517  -5.517  1.00 31.00 ? 84   ARG A N   1 
ATOM   637  C CA  . ARG A 1 84  ? 6.574   -6.234  -4.584  1.00 32.95 ? 84   ARG A CA  1 
ATOM   638  C C   . ARG A 1 84  ? 6.219   -6.814  -3.220  1.00 30.95 ? 84   ARG A C   1 
ATOM   639  O O   . ARG A 1 84  ? 7.068   -7.348  -2.519  1.00 31.14 ? 84   ARG A O   1 
ATOM   640  C CB  . ARG A 1 84  ? 6.800   -4.722  -4.447  1.00 40.88 ? 84   ARG A CB  1 
ATOM   641  C CG  . ARG A 1 84  ? 7.817   -4.169  -5.416  1.00 50.19 ? 84   ARG A CG  1 
ATOM   642  C CD  . ARG A 1 84  ? 7.196   -3.737  -6.731  1.00 55.69 ? 84   ARG A CD  1 
ATOM   643  N NE  . ARG A 1 84  ? 8.204   -3.332  -7.716  1.00 62.62 ? 84   ARG A NE  1 
ATOM   644  C CZ  . ARG A 1 84  ? 9.251   -2.540  -7.470  1.00 64.05 ? 84   ARG A CZ  1 
ATOM   645  N NH1 . ARG A 1 84  ? 9.459   -2.043  -6.248  1.00 62.28 ? 84   ARG A NH1 1 
ATOM   646  N NH2 . ARG A 1 84  ? 10.096  -2.244  -8.459  1.00 64.38 ? 84   ARG A NH2 1 
ATOM   647  N N   . LEU A 1 85  ? 4.948   -6.711  -2.865  1.00 27.75 ? 85   LEU A N   1 
ATOM   648  C CA  . LEU A 1 85  ? 4.470   -7.209  -1.592  1.00 28.49 ? 85   LEU A CA  1 
ATOM   649  C C   . LEU A 1 85  ? 4.610   -8.725  -1.512  1.00 28.10 ? 85   LEU A C   1 
ATOM   650  O O   . LEU A 1 85  ? 5.002   -9.261  -0.476  1.00 28.66 ? 85   LEU A O   1 
ATOM   651  C CB  . LEU A 1 85  ? 3.002   -6.820  -1.391  1.00 38.55 ? 85   LEU A CB  1 
ATOM   652  C CG  . LEU A 1 85  ? 2.674   -5.801  -0.300  1.00 43.90 ? 85   LEU A CG  1 
ATOM   653  C CD1 . LEU A 1 85  ? 1.198   -5.439  -0.389  1.00 45.69 ? 85   LEU A CD1 1 
ATOM   654  C CD2 . LEU A 1 85  ? 2.981   -6.378  1.072   1.00 42.80 ? 85   LEU A CD2 1 
ATOM   655  N N   . ALA A 1 86  ? 4.270   -9.412  -2.598  1.00 31.85 ? 86   ALA A N   1 
ATOM   656  C CA  . ALA A 1 86  ? 4.353   -10.868 -2.634  1.00 33.60 ? 86   ALA A CA  1 
ATOM   657  C C   . ALA A 1 86  ? 5.813   -11.231 -2.361  1.00 33.51 ? 86   ALA A C   1 
ATOM   658  O O   . ALA A 1 86  ? 6.099   -12.141 -1.597  1.00 32.23 ? 86   ALA A O   1 
ATOM   659  C CB  . ALA A 1 86  ? 3.882   -11.415 -4.044  1.00 19.69 ? 86   ALA A CB  1 
ATOM   660  N N   . ASP A 1 87  ? 6.724   -10.484 -2.979  1.00 41.69 ? 87   ASP A N   1 
ATOM   661  C CA  . ASP A 1 87  ? 8.156   -10.697 -2.803  1.00 43.00 ? 87   ASP A CA  1 
ATOM   662  C C   . ASP A 1 87  ? 8.603   -10.455 -1.365  1.00 43.23 ? 87   ASP A C   1 
ATOM   663  O O   . ASP A 1 87  ? 9.314   -11.286 -0.805  1.00 42.60 ? 87   ASP A O   1 
ATOM   664  C CB  . ASP A 1 87  ? 8.961   -9.804  -3.732  1.00 50.93 ? 87   ASP A CB  1 
ATOM   665  C CG  . ASP A 1 87  ? 10.435  -9.922  -3.482  1.00 55.34 ? 87   ASP A CG  1 
ATOM   666  O OD1 . ASP A 1 87  ? 10.888  -11.076 -3.382  1.00 60.07 ? 87   ASP A OD1 1 
ATOM   667  O OD2 . ASP A 1 87  ? 11.136  -8.891  -3.382  1.00 56.86 ? 87   ASP A OD2 1 
ATOM   668  N N   . LEU A 1 88  ? 8.191   -9.329  -0.765  1.00 32.70 ? 88   LEU A N   1 
ATOM   669  C CA  . LEU A 1 88  ? 8.547   -9.029  0.638   1.00 32.08 ? 88   LEU A CA  1 
ATOM   670  C C   . LEU A 1 88  ? 8.038   -10.093 1.595   1.00 32.05 ? 88   LEU A C   1 
ATOM   671  O O   . LEU A 1 88  ? 8.737   -10.512 2.517   1.00 30.97 ? 88   LEU A O   1 
ATOM   672  C CB  . LEU A 1 88  ? 7.930   -7.712  1.119   1.00 35.50 ? 88   LEU A CB  1 
ATOM   673  C CG  . LEU A 1 88  ? 8.591   -6.355  0.930   1.00 39.80 ? 88   LEU A CG  1 
ATOM   674  C CD1 . LEU A 1 88  ? 7.930   -5.401  1.922   1.00 35.88 ? 88   LEU A CD1 1 
ATOM   675  C CD2 . LEU A 1 88  ? 10.111  -6.420  1.189   1.00 38.80 ? 88   LEU A CD2 1 
ATOM   676  N N   . GLU A 1 89  ? 6.797   -10.507 1.379   1.00 37.03 ? 89   GLU A N   1 
ATOM   677  C CA  . GLU A 1 89  ? 6.144   -11.492 2.232   1.00 41.07 ? 89   GLU A CA  1 
ATOM   678  C C   . GLU A 1 89  ? 6.816   -12.851 2.253   1.00 41.47 ? 89   GLU A C   1 
ATOM   679  O O   . GLU A 1 89  ? 6.796   -13.531 3.275   1.00 42.29 ? 89   GLU A O   1 
ATOM   680  C CB  . GLU A 1 89  ? 4.678   -11.645 1.826   1.00 62.57 ? 89   GLU A CB  1 
ATOM   681  C CG  . GLU A 1 89  ? 3.922   -12.698 2.605   1.00 70.25 ? 89   GLU A CG  1 
ATOM   682  C CD  . GLU A 1 89  ? 2.425   -12.572 2.424   1.00 75.15 ? 89   GLU A CD  1 
ATOM   683  O OE1 . GLU A 1 89  ? 1.976   -12.552 1.257   1.00 78.91 ? 89   GLU A OE1 1 
ATOM   684  O OE2 . GLU A 1 89  ? 1.700   -12.489 3.443   1.00 76.68 ? 89   GLU A OE2 1 
ATOM   685  N N   . GLN A 1 90  ? 7.407   -13.253 1.138   1.00 42.99 ? 90   GLN A N   1 
ATOM   686  C CA  . GLN A 1 90  ? 8.075   -14.542 1.090   1.00 44.58 ? 90   GLN A CA  1 
ATOM   687  C C   . GLN A 1 90  ? 9.328   -14.521 1.980   1.00 44.87 ? 90   GLN A C   1 
ATOM   688  O O   . GLN A 1 90  ? 9.702   -15.543 2.563   1.00 47.28 ? 90   GLN A O   1 
ATOM   689  C CB  . GLN A 1 90  ? 8.488   -14.880 -0.352  1.00 50.64 ? 90   GLN A CB  1 
ATOM   690  C CG  . GLN A 1 90  ? 9.551   -13.923 -0.909  1.00 53.56 ? 90   GLN A CG  1 
ATOM   691  C CD  . GLN A 1 90  ? 10.106  -14.313 -2.281  1.00 56.42 ? 90   GLN A CD  1 
ATOM   692  O OE1 . GLN A 1 90  ? 10.959  -13.601 -2.844  1.00 54.95 ? 90   GLN A OE1 1 
ATOM   693  N NE2 . GLN A 1 90  ? 9.631   -15.443 -2.826  1.00 55.83 ? 90   GLN A NE2 1 
ATOM   694  N N   . ARG A 1 91  ? 9.964   -13.359 2.091   1.00 51.17 ? 91   ARG A N   1 
ATOM   695  C CA  . ARG A 1 91  ? 11.182  -13.215 2.878   1.00 50.73 ? 91   ARG A CA  1 
ATOM   696  C C   . ARG A 1 91  ? 10.938  -12.815 4.319   1.00 49.73 ? 91   ARG A C   1 
ATOM   697  O O   . ARG A 1 91  ? 11.885  -12.575 5.068   1.00 51.33 ? 91   ARG A O   1 
ATOM   698  C CB  . ARG A 1 91  ? 12.092  -12.155 2.269   1.00 50.72 ? 91   ARG A CB  1 
ATOM   699  C CG  . ARG A 1 91  ? 12.315  -12.280 0.787   1.00 55.70 ? 91   ARG A CG  1 
ATOM   700  C CD  . ARG A 1 91  ? 13.583  -11.567 0.433   1.00 60.66 ? 91   ARG A CD  1 
ATOM   701  N NE  . ARG A 1 91  ? 13.781  -11.469 -1.003  1.00 65.87 ? 91   ARG A NE  1 
ATOM   702  C CZ  . ARG A 1 91  ? 13.172  -10.581 -1.778  1.00 67.88 ? 91   ARG A CZ  1 
ATOM   703  N NH1 . ARG A 1 91  ? 12.317  -9.713  -1.247  1.00 68.83 ? 91   ARG A NH1 1 
ATOM   704  N NH2 . ARG A 1 91  ? 13.441  -10.546 -3.079  1.00 70.08 ? 91   ARG A NH2 1 
ATOM   705  N N   . LEU A 1 92  ? 9.677   -12.715 4.703   1.00 34.29 ? 92   LEU A N   1 
ATOM   706  C CA  . LEU A 1 92  ? 9.338   -12.301 6.052   1.00 31.16 ? 92   LEU A CA  1 
ATOM   707  C C   . LEU A 1 92  ? 9.440   -13.491 7.038   1.00 32.83 ? 92   LEU A C   1 
ATOM   708  O O   . LEU A 1 92  ? 9.227   -14.663 6.680   1.00 29.37 ? 92   LEU A O   1 
ATOM   709  C CB  . LEU A 1 92  ? 7.916   -11.747 6.009   1.00 29.62 ? 92   LEU A CB  1 
ATOM   710  C CG  . LEU A 1 92  ? 7.251   -10.584 6.731   1.00 27.38 ? 92   LEU A CG  1 
ATOM   711  C CD1 . LEU A 1 92  ? 8.026   -9.281  6.658   1.00 27.79 ? 92   LEU A CD1 1 
ATOM   712  C CD2 . LEU A 1 92  ? 5.905   -10.414 6.021   1.00 27.97 ? 92   LEU A CD2 1 
ATOM   713  N N   . PRO A 1 93  ? 9.781   -13.206 8.297   1.00 35.99 ? 93   PRO A N   1 
ATOM   714  C CA  . PRO A 1 93  ? 9.879   -14.296 9.278   1.00 33.63 ? 93   PRO A CA  1 
ATOM   715  C C   . PRO A 1 93  ? 8.573   -15.105 9.239   1.00 32.27 ? 93   PRO A C   1 
ATOM   716  O O   . PRO A 1 93  ? 7.482   -14.515 9.099   1.00 28.43 ? 93   PRO A O   1 
ATOM   717  C CB  . PRO A 1 93  ? 10.048  -13.540 10.602  1.00 34.04 ? 93   PRO A CB  1 
ATOM   718  C CG  . PRO A 1 93  ? 10.793  -12.304 10.184  1.00 36.75 ? 93   PRO A CG  1 
ATOM   719  C CD  . PRO A 1 93  ? 10.078  -11.899 8.905   1.00 33.76 ? 93   PRO A CD  1 
ATOM   720  N N   . LYS A 1 94  ? 8.683   -16.433 9.334   1.00 29.82 ? 94   LYS A N   1 
ATOM   721  C CA  . LYS A 1 94  ? 7.520   -17.345 9.320   1.00 30.64 ? 94   LYS A CA  1 
ATOM   722  C C   . LYS A 1 94  ? 6.811   -17.432 10.695  1.00 31.12 ? 94   LYS A C   1 
ATOM   723  O O   . LYS A 1 94  ? 7.471   -17.422 11.752  1.00 29.47 ? 94   LYS A O   1 
ATOM   724  C CB  . LYS A 1 94  ? 7.960   -18.744 8.900   1.00 51.89 ? 94   LYS A CB  1 
ATOM   725  C CG  . LYS A 1 94  ? 8.567   -18.818 7.512   1.00 56.64 ? 94   LYS A CG  1 
ATOM   726  C CD  . LYS A 1 94  ? 9.145   -20.207 7.213   1.00 59.63 ? 94   LYS A CD  1 
ATOM   727  C CE  . LYS A 1 94  ? 8.087   -21.313 7.228   1.00 60.83 ? 94   LYS A CE  1 
ATOM   728  N NZ  . LYS A 1 94  ? 6.927   -21.047 6.328   1.00 61.27 ? 94   LYS A NZ  1 
ATOM   729  N N   . ALA A 1 95  ? 5.479   -17.529 10.671  1.00 26.78 ? 95   ALA A N   1 
ATOM   730  C CA  . ALA A 1 95  ? 4.681   -17.581 11.887  1.00 27.30 ? 95   ALA A CA  1 
ATOM   731  C C   . ALA A 1 95  ? 5.216   -18.559 12.922  1.00 27.99 ? 95   ALA A C   1 
ATOM   732  O O   . ALA A 1 95  ? 5.227   -18.243 14.110  1.00 25.95 ? 95   ALA A O   1 
ATOM   733  C CB  . ALA A 1 95  ? 3.200   -17.926 11.572  1.00 19.86 ? 95   ALA A CB  1 
ATOM   734  N N   . GLN A 1 96  ? 5.669   -19.731 12.487  1.00 37.01 ? 96   GLN A N   1 
ATOM   735  C CA  . GLN A 1 96  ? 6.159   -20.714 13.450  1.00 39.06 ? 96   GLN A CA  1 
ATOM   736  C C   . GLN A 1 96  ? 7.480   -20.333 14.118  1.00 38.40 ? 96   GLN A C   1 
ATOM   737  O O   . GLN A 1 96  ? 7.828   -20.898 15.147  1.00 40.90 ? 96   GLN A O   1 
ATOM   738  C CB  . GLN A 1 96  ? 6.274   -22.126 12.810  1.00 37.95 ? 96   GLN A CB  1 
ATOM   739  C CG  . GLN A 1 96  ? 7.489   -22.376 11.920  1.00 41.27 ? 96   GLN A CG  1 
ATOM   740  C CD  . GLN A 1 96  ? 7.215   -22.156 10.414  1.00 47.84 ? 96   GLN A CD  1 
ATOM   741  O OE1 . GLN A 1 96  ? 7.957   -22.674 9.566   1.00 46.04 ? 96   GLN A OE1 1 
ATOM   742  N NE2 . GLN A 1 96  ? 6.165   -21.376 10.084  1.00 45.12 ? 96   GLN A NE2 1 
ATOM   743  N N   . ASP A 1 97  ? 8.218   -19.388 13.553  1.00 33.42 ? 97   ASP A N   1 
ATOM   744  C CA  . ASP A 1 97  ? 9.487   -18.976 14.172  1.00 34.37 ? 97   ASP A CA  1 
ATOM   745  C C   . ASP A 1 97  ? 9.435   -17.661 14.945  1.00 33.76 ? 97   ASP A C   1 
ATOM   746  O O   . ASP A 1 97  ? 10.441  -17.253 15.535  1.00 36.79 ? 97   ASP A O   1 
ATOM   747  C CB  . ASP A 1 97  ? 10.582  -18.849 13.121  1.00 32.14 ? 97   ASP A CB  1 
ATOM   748  C CG  . ASP A 1 97  ? 10.680  -20.070 12.251  1.00 35.12 ? 97   ASP A CG  1 
ATOM   749  O OD1 . ASP A 1 97  ? 10.657  -21.195 12.813  1.00 36.95 ? 97   ASP A OD1 1 
ATOM   750  O OD2 . ASP A 1 97  ? 10.785  -19.901 11.019  1.00 34.31 ? 97   ASP A OD2 1 
ATOM   751  N N   . LEU A 1 98  ? 8.280   -16.999 14.960  1.00 29.26 ? 98   LEU A N   1 
ATOM   752  C CA  . LEU A 1 98  ? 8.191   -15.703 15.627  1.00 28.08 ? 98   LEU A CA  1 
ATOM   753  C C   . LEU A 1 98  ? 8.528   -15.713 17.111  1.00 29.72 ? 98   LEU A C   1 
ATOM   754  O O   . LEU A 1 98  ? 9.313   -14.874 17.570  1.00 28.66 ? 98   LEU A O   1 
ATOM   755  C CB  . LEU A 1 98  ? 6.815   -15.067 15.429  1.00 23.82 ? 98   LEU A CB  1 
ATOM   756  C CG  . LEU A 1 98  ? 6.380   -14.908 13.970  1.00 23.05 ? 98   LEU A CG  1 
ATOM   757  C CD1 . LEU A 1 98  ? 5.124   -14.101 13.945  1.00 21.07 ? 98   LEU A CD1 1 
ATOM   758  C CD2 . LEU A 1 98  ? 7.513   -14.229 13.148  1.00 21.03 ? 98   LEU A CD2 1 
ATOM   759  N N   . GLU A 1 99  ? 7.925   -16.624 17.869  1.00 27.73 ? 99   GLU A N   1 
ATOM   760  C CA  . GLU A 1 99  ? 8.206   -16.668 19.297  1.00 27.97 ? 99   GLU A CA  1 
ATOM   761  C C   . GLU A 1 99  ? 9.722   -16.811 19.610  1.00 26.65 ? 99   GLU A C   1 
ATOM   762  O O   . GLU A 1 99  ? 10.275  -16.030 20.389  1.00 23.24 ? 99   GLU A O   1 
ATOM   763  C CB  . GLU A 1 99  ? 7.425   -17.821 19.956  1.00 33.38 ? 99   GLU A CB  1 
ATOM   764  C CG  . GLU A 1 99  ? 7.460   -17.791 21.472  1.00 37.31 ? 99   GLU A CG  1 
ATOM   765  C CD  . GLU A 1 99  ? 6.363   -18.656 22.126  1.00 42.16 ? 99   GLU A CD  1 
ATOM   766  O OE1 . GLU A 1 99  ? 5.536   -18.054 22.868  1.00 41.73 ? 99   GLU A OE1 1 
ATOM   767  O OE2 . GLU A 1 99  ? 6.337   -19.906 21.907  1.00 36.97 ? 99   GLU A OE2 1 
ATOM   768  N N   . ARG A 1 100 ? 10.378  -17.799 19.008  1.00 22.56 ? 100  ARG A N   1 
ATOM   769  C CA  . ARG A 1 100 ? 11.799  -18.028 19.254  1.00 23.74 ? 100  ARG A CA  1 
ATOM   770  C C   . ARG A 1 100 ? 12.622  -16.788 18.869  1.00 22.13 ? 100  ARG A C   1 
ATOM   771  O O   . ARG A 1 100 ? 13.629  -16.495 19.492  1.00 22.60 ? 100  ARG A O   1 
ATOM   772  C CB  . ARG A 1 100 ? 12.263  -19.276 18.470  1.00 27.64 ? 100  ARG A CB  1 
ATOM   773  C CG  . ARG A 1 100 ? 13.700  -19.709 18.716  1.00 30.53 ? 100  ARG A CG  1 
ATOM   774  C CD  . ARG A 1 100 ? 14.102  -21.030 17.960  1.00 34.45 ? 100  ARG A CD  1 
ATOM   775  N NE  . ARG A 1 100 ? 15.472  -21.467 18.305  1.00 36.53 ? 100  ARG A NE  1 
ATOM   776  C CZ  . ARG A 1 100 ? 15.766  -22.342 19.269  1.00 36.88 ? 100  ARG A CZ  1 
ATOM   777  N NH1 . ARG A 1 100 ? 14.794  -22.891 19.970  1.00 36.93 ? 100  ARG A NH1 1 
ATOM   778  N NH2 . ARG A 1 100 ? 17.027  -22.636 19.568  1.00 33.84 ? 100  ARG A NH2 1 
ATOM   779  N N   . SER A 1 101 ? 12.175  -16.033 17.870  1.00 24.17 ? 101  SER A N   1 
ATOM   780  C CA  . SER A 1 101 ? 12.899  -14.835 17.442  1.00 23.05 ? 101  SER A CA  1 
ATOM   781  C C   . SER A 1 101 ? 12.460  -13.604 18.209  1.00 25.10 ? 101  SER A C   1 
ATOM   782  O O   . SER A 1 101 ? 12.987  -12.513 17.989  1.00 27.25 ? 101  SER A O   1 
ATOM   783  C CB  . SER A 1 101 ? 12.713  -14.606 15.934  1.00 25.01 ? 101  SER A CB  1 
ATOM   784  O OG  . SER A 1 101 ? 13.128  -15.745 15.165  1.00 25.81 ? 101  SER A OG  1 
ATOM   785  N N   . GLY A 1 102 ? 11.503  -13.774 19.124  1.00 22.70 ? 102  GLY A N   1 
ATOM   786  C CA  . GLY A 1 102 ? 11.028  -12.639 19.902  1.00 21.93 ? 102  GLY A CA  1 
ATOM   787  C C   . GLY A 1 102 ? 10.096  -11.678 19.154  1.00 24.15 ? 102  GLY A C   1 
ATOM   788  O O   . GLY A 1 102 ? 9.917   -10.545 19.574  1.00 23.38 ? 102  GLY A O   1 
ATOM   789  N N   . LEU A 1 103 ? 9.485   -12.128 18.067  1.00 26.72 ? 103  LEU A N   1 
ATOM   790  C CA  . LEU A 1 103 ? 8.603   -11.275 17.269  1.00 27.24 ? 103  LEU A CA  1 
ATOM   791  C C   . LEU A 1 103 ? 7.123   -11.500 17.597  1.00 26.69 ? 103  LEU A C   1 
ATOM   792  O O   . LEU A 1 103 ? 6.769   -12.488 18.206  1.00 28.47 ? 103  LEU A O   1 
ATOM   793  C CB  . LEU A 1 103 ? 8.902   -11.512 15.777  1.00 20.23 ? 103  LEU A CB  1 
ATOM   794  C CG  . LEU A 1 103 ? 10.392  -11.393 15.445  1.00 19.69 ? 103  LEU A CG  1 
ATOM   795  C CD1 . LEU A 1 103 ? 10.657  -11.922 14.035  1.00 17.61 ? 103  LEU A CD1 1 
ATOM   796  C CD2 . LEU A 1 103 ? 10.863  -9.921  15.612  1.00 17.51 ? 103  LEU A CD2 1 
ATOM   797  N N   . ASN A 1 104 ? 6.274   -10.575 17.155  1.00 26.09 ? 104  ASN A N   1 
ATOM   798  C CA  . ASN A 1 104 ? 4.832   -10.539 17.444  1.00 24.21 ? 104  ASN A CA  1 
ATOM   799  C C   . ASN A 1 104 ? 3.898   -11.018 16.283  1.00 25.62 ? 104  ASN A C   1 
ATOM   800  O O   . ASN A 1 104 ? 3.909   -10.461 15.158  1.00 22.07 ? 104  ASN A O   1 
ATOM   801  C CB  . ASN A 1 104 ? 4.539   -9.083  17.853  1.00 23.52 ? 104  ASN A CB  1 
ATOM   802  C CG  . ASN A 1 104 ? 3.168   -8.870  18.451  1.00 23.68 ? 104  ASN A CG  1 
ATOM   803  O OD1 . ASN A 1 104 ? 2.867   -7.756  18.867  1.00 25.41 ? 104  ASN A OD1 1 
ATOM   804  N ND2 . ASN A 1 104 ? 2.330   -9.910  18.504  1.00 21.69 ? 104  ASN A ND2 1 
ATOM   805  N N   . ILE A 1 105 ? 3.086   -12.039 16.568  1.00 24.41 ? 105  ILE A N   1 
ATOM   806  C CA  . ILE A 1 105 ? 2.188   -12.592 15.567  1.00 23.98 ? 105  ILE A CA  1 
ATOM   807  C C   . ILE A 1 105 ? 1.210   -11.501 15.131  1.00 23.87 ? 105  ILE A C   1 
ATOM   808  O O   . ILE A 1 105 ? 0.802   -11.471 13.978  1.00 26.23 ? 105  ILE A O   1 
ATOM   809  C CB  . ILE A 1 105 ? 1.403   -13.853 16.101  1.00 27.94 ? 105  ILE A CB  1 
ATOM   810  C CG1 . ILE A 1 105 ? 0.646   -14.555 14.965  1.00 25.42 ? 105  ILE A CG1 1 
ATOM   811  C CG2 . ILE A 1 105 ? 0.317   -13.416 17.130  1.00 24.67 ? 105  ILE A CG2 1 
ATOM   812  C CD1 . ILE A 1 105 ? 1.487   -15.061 13.802  1.00 28.97 ? 105  ILE A CD1 1 
ATOM   813  N N   . GLU A 1 106 ? 0.866   -10.567 16.011  1.00 23.42 ? 106  GLU A N   1 
ATOM   814  C CA  . GLU A 1 106 ? -0.061  -9.536  15.574  1.00 22.42 ? 106  GLU A CA  1 
ATOM   815  C C   . GLU A 1 106 ? 0.546   -8.707  14.436  1.00 22.73 ? 106  GLU A C   1 
ATOM   816  O O   . GLU A 1 106 ? -0.169  -8.288  13.563  1.00 21.18 ? 106  GLU A O   1 
ATOM   817  C CB  . GLU A 1 106 ? -0.494  -8.612  16.698  1.00 23.58 ? 106  GLU A CB  1 
ATOM   818  C CG  . GLU A 1 106 ? -1.546  -7.607  16.185  1.00 22.38 ? 106  GLU A CG  1 
ATOM   819  C CD  . GLU A 1 106 ? -2.046  -6.635  17.229  1.00 25.69 ? 106  GLU A CD  1 
ATOM   820  O OE1 . GLU A 1 106 ? -1.549  -6.661  18.389  1.00 24.34 ? 106  GLU A OE1 1 
ATOM   821  O OE2 . GLU A 1 106 ? -2.945  -5.828  16.873  1.00 28.14 ? 106  GLU A OE2 1 
ATOM   822  N N   . ASP A 1 107 ? 1.856   -8.473  14.454  1.00 22.54 ? 107  ASP A N   1 
ATOM   823  C CA  . ASP A 1 107 ? 2.492   -7.721  13.370  1.00 21.86 ? 107  ASP A CA  1 
ATOM   824  C C   . ASP A 1 107 ? 2.387   -8.505  12.077  1.00 23.14 ? 107  ASP A C   1 
ATOM   825  O O   . ASP A 1 107 ? 2.154   -7.910  11.009  1.00 22.63 ? 107  ASP A O   1 
ATOM   826  C CB  . ASP A 1 107 ? 3.967   -7.429  13.642  1.00 20.23 ? 107  ASP A CB  1 
ATOM   827  C CG  . ASP A 1 107 ? 4.174   -6.397  14.750  1.00 20.42 ? 107  ASP A CG  1 
ATOM   828  O OD1 . ASP A 1 107 ? 3.316   -5.514  14.970  1.00 19.44 ? 107  ASP A OD1 1 
ATOM   829  O OD2 . ASP A 1 107 ? 5.235   -6.451  15.380  1.00 27.26 ? 107  ASP A OD2 1 
ATOM   830  N N   . LEU A 1 108 ? 2.541   -9.829  12.145  1.00 18.29 ? 108  LEU A N   1 
ATOM   831  C CA  . LEU A 1 108 ? 2.461   -10.605 10.900  1.00 22.72 ? 108  LEU A CA  1 
ATOM   832  C C   . LEU A 1 108 ? 0.996   -10.634 10.367  1.00 22.04 ? 108  LEU A C   1 
ATOM   833  O O   . LEU A 1 108 ? 0.784   -10.592 9.169   1.00 22.46 ? 108  LEU A O   1 
ATOM   834  C CB  . LEU A 1 108 ? 2.986   -12.049 11.090  1.00 21.57 ? 108  LEU A CB  1 
ATOM   835  C CG  . LEU A 1 108 ? 2.884   -12.995 9.885   1.00 24.96 ? 108  LEU A CG  1 
ATOM   836  C CD1 . LEU A 1 108 ? 3.850   -12.587 8.769   1.00 23.96 ? 108  LEU A CD1 1 
ATOM   837  C CD2 . LEU A 1 108 ? 3.256   -14.432 10.338  1.00 27.47 ? 108  LEU A CD2 1 
ATOM   838  N N   . GLU A 1 109 ? 0.019   -10.685 11.271  1.00 21.28 ? 109  GLU A N   1 
ATOM   839  C CA  . GLU A 1 109 ? -1.396  -10.697 10.908  1.00 23.27 ? 109  GLU A CA  1 
ATOM   840  C C   . GLU A 1 109 ? -1.791  -9.401  10.200  1.00 25.09 ? 109  GLU A C   1 
ATOM   841  O O   . GLU A 1 109 ? -2.485  -9.434  9.173   1.00 20.79 ? 109  GLU A O   1 
ATOM   842  C CB  . GLU A 1 109 ? -2.253  -10.890 12.149  1.00 21.80 ? 109  GLU A CB  1 
ATOM   843  C CG  . GLU A 1 109 ? -2.090  -12.276 12.742  1.00 23.08 ? 109  GLU A CG  1 
ATOM   844  C CD  . GLU A 1 109 ? -2.685  -12.393 14.117  1.00 23.10 ? 109  GLU A CD  1 
ATOM   845  O OE1 . GLU A 1 109 ? -3.070  -13.513 14.460  1.00 30.05 ? 109  GLU A OE1 1 
ATOM   846  O OE2 . GLU A 1 109 ? -2.771  -11.389 14.861  1.00 22.08 ? 109  GLU A OE2 1 
ATOM   847  N N   . LYS A 1 110 ? -1.346  -8.266  10.750  1.00 27.40 ? 110  LYS A N   1 
ATOM   848  C CA  . LYS A 1 110 ? -1.618  -6.982  10.117  1.00 27.44 ? 110  LYS A CA  1 
ATOM   849  C C   . LYS A 1 110 ? -1.054  -7.008  8.698   1.00 27.97 ? 110  LYS A C   1 
ATOM   850  O O   . LYS A 1 110 ? -1.734  -6.607  7.746   1.00 27.43 ? 110  LYS A O   1 
ATOM   851  C CB  . LYS A 1 110 ? -0.968  -5.822  10.899  1.00 23.17 ? 110  LYS A CB  1 
ATOM   852  C CG  . LYS A 1 110 ? -1.812  -5.361  12.091  1.00 20.50 ? 110  LYS A CG  1 
ATOM   853  C CD  . LYS A 1 110 ? -1.069  -4.369  13.043  1.00 20.53 ? 110  LYS A CD  1 
ATOM   854  C CE  . LYS A 1 110 ? -1.930  -4.083  14.294  1.00 19.77 ? 110  LYS A CE  1 
ATOM   855  N NZ  . LYS A 1 110 ? -1.185  -3.517  15.476  1.00 21.79 ? 110  LYS A NZ  1 
ATOM   856  N N   . LEU A 1 111 ? 0.179   -7.500  8.565   1.00 25.08 ? 111  LEU A N   1 
ATOM   857  C CA  . LEU A 1 111 ? 0.854   -7.532  7.262   1.00 26.31 ? 111  LEU A CA  1 
ATOM   858  C C   . LEU A 1 111 ? 0.128   -8.411  6.264   1.00 27.46 ? 111  LEU A C   1 
ATOM   859  O O   . LEU A 1 111 ? 0.204   -8.180  5.058   1.00 30.29 ? 111  LEU A O   1 
ATOM   860  C CB  . LEU A 1 111 ? 2.336   -7.998  7.388   1.00 22.95 ? 111  LEU A CB  1 
ATOM   861  C CG  . LEU A 1 111 ? 3.238   -6.916  8.000   1.00 29.24 ? 111  LEU A CG  1 
ATOM   862  C CD1 . LEU A 1 111 ? 4.608   -7.425  8.431   1.00 27.72 ? 111  LEU A CD1 1 
ATOM   863  C CD2 . LEU A 1 111 ? 3.372   -5.821  6.976   1.00 30.95 ? 111  LEU A CD2 1 
ATOM   864  N N   . GLN A 1 112 ? -0.575  -9.417  6.756   1.00 26.76 ? 112  GLN A N   1 
ATOM   865  C CA  . GLN A 1 112 ? -1.285  -10.291 5.852   1.00 29.75 ? 112  GLN A CA  1 
ATOM   866  C C   . GLN A 1 112 ? -2.581  -9.701  5.318   1.00 28.87 ? 112  GLN A C   1 
ATOM   867  O O   . GLN A 1 112 ? -3.153  -10.245 4.384   1.00 31.03 ? 112  GLN A O   1 
ATOM   868  C CB  . GLN A 1 112 ? -1.488  -11.653 6.506   1.00 32.52 ? 112  GLN A CB  1 
ATOM   869  C CG  . GLN A 1 112 ? -0.134  -12.360 6.608   1.00 33.96 ? 112  GLN A CG  1 
ATOM   870  C CD  . GLN A 1 112 ? -0.174  -13.587 7.453   1.00 34.78 ? 112  GLN A CD  1 
ATOM   871  O OE1 . GLN A 1 112 ? -0.891  -13.642 8.459   1.00 32.85 ? 112  GLN A OE1 1 
ATOM   872  N NE2 . GLN A 1 112 ? 0.613   -14.586 7.074   1.00 35.46 ? 112  GLN A NE2 1 
ATOM   873  N N   . MET A 1 113 ? -3.034  -8.592  5.894   1.00 26.46 ? 113  MET A N   1 
ATOM   874  C CA  . MET A 1 113 ? -4.238  -7.900  5.382   1.00 28.61 ? 113  MET A CA  1 
ATOM   875  C C   . MET A 1 113 ? -3.869  -7.092  4.114   1.00 25.17 ? 113  MET A C   1 
ATOM   876  O O   . MET A 1 113 ? -4.720  -6.782  3.289   1.00 28.02 ? 113  MET A O   1 
ATOM   877  C CB  . MET A 1 113 ? -4.783  -6.873  6.394   1.00 33.40 ? 113  MET A CB  1 
ATOM   878  C CG  . MET A 1 113 ? -5.297  -7.424  7.693   1.00 40.49 ? 113  MET A CG  1 
ATOM   879  S SD  . MET A 1 113 ? -6.495  -8.694  7.433   1.00 48.85 ? 113  MET A SD  1 
ATOM   880  C CE  . MET A 1 113 ? -7.852  -7.723  6.709   1.00 47.29 ? 113  MET A CE  1 
ATOM   881  N N   . ALA A 1 114 ? -2.601  -6.750  3.950   1.00 26.76 ? 114  ALA A N   1 
ATOM   882  C CA  . ALA A 1 114 ? -2.227  -5.907  2.807   1.00 24.95 ? 114  ALA A CA  1 
ATOM   883  C C   . ALA A 1 114 ? -2.766  -6.358  1.452   1.00 23.61 ? 114  ALA A C   1 
ATOM   884  O O   . ALA A 1 114 ? -3.360  -5.573  0.713   1.00 25.33 ? 114  ALA A O   1 
ATOM   885  C CB  . ALA A 1 114 ? -0.696  -5.747  2.730   1.00 14.09 ? 114  ALA A CB  1 
ATOM   886  N N   . ARG A 1 115 ? -2.558  -7.616  1.117   1.00 17.53 ? 115  ARG A N   1 
ATOM   887  C CA  . ARG A 1 115 ? -2.992  -8.115  -0.178  1.00 20.51 ? 115  ARG A CA  1 
ATOM   888  C C   . ARG A 1 115 ? -4.537  -8.115  -0.347  1.00 19.40 ? 115  ARG A C   1 
ATOM   889  O O   . ARG A 1 115 ? -5.044  -7.579  -1.341  1.00 19.56 ? 115  ARG A O   1 
ATOM   890  C CB  . ARG A 1 115 ? -2.397  -9.514  -0.426  1.00 23.55 ? 115  ARG A CB  1 
ATOM   891  C CG  . ARG A 1 115 ? -2.932  -10.245 -1.666  1.00 27.16 ? 115  ARG A CG  1 
ATOM   892  C CD  . ARG A 1 115 ? -2.094  -11.521 -1.963  1.00 32.68 ? 115  ARG A CD  1 
ATOM   893  N NE  . ARG A 1 115 ? -1.801  -11.563 -3.391  1.00 39.61 ? 115  ARG A NE  1 
ATOM   894  C CZ  . ARG A 1 115 ? -2.642  -12.051 -4.293  1.00 41.62 ? 115  ARG A CZ  1 
ATOM   895  N NH1 . ARG A 1 115 ? -3.817  -12.574 -3.917  1.00 43.63 ? 115  ARG A NH1 1 
ATOM   896  N NH2 . ARG A 1 115 ? -2.350  -11.936 -5.578  1.00 43.19 ? 115  ARG A NH2 1 
ATOM   897  N N   . PRO A 1 116 ? -5.289  -8.700  0.604   1.00 18.77 ? 116  PRO A N   1 
ATOM   898  C CA  . PRO A 1 116 ? -6.757  -8.719  0.489   1.00 20.23 ? 116  PRO A CA  1 
ATOM   899  C C   . PRO A 1 116 ? -7.332  -7.288  0.412   1.00 19.74 ? 116  PRO A C   1 
ATOM   900  O O   . PRO A 1 116 ? -8.255  -7.019  -0.341  1.00 20.94 ? 116  PRO A O   1 
ATOM   901  C CB  . PRO A 1 116 ? -7.217  -9.432  1.772   1.00 25.51 ? 116  PRO A CB  1 
ATOM   902  C CG  . PRO A 1 116 ? -6.043  -10.279 2.159   1.00 25.28 ? 116  PRO A CG  1 
ATOM   903  C CD  . PRO A 1 116 ? -4.839  -9.413  1.813   1.00 24.92 ? 116  PRO A CD  1 
ATOM   904  N N   . ASN A 1 117 ? -6.800  -6.379  1.211   1.00 20.27 ? 117  ASN A N   1 
ATOM   905  C CA  . ASN A 1 117 ? -7.277  -4.990  1.166   1.00 19.21 ? 117  ASN A CA  1 
ATOM   906  C C   . ASN A 1 117 ? -7.053  -4.354  -0.217  1.00 19.07 ? 117  ASN A C   1 
ATOM   907  O O   . ASN A 1 117 ? -7.931  -3.668  -0.752  1.00 19.98 ? 117  ASN A O   1 
ATOM   908  C CB  . ASN A 1 117 ? -6.511  -4.100  2.159   1.00 23.88 ? 117  ASN A CB  1 
ATOM   909  C CG  . ASN A 1 117 ? -6.931  -4.293  3.605   1.00 30.39 ? 117  ASN A CG  1 
ATOM   910  O OD1 . ASN A 1 117 ? -7.928  -4.947  3.909   1.00 31.12 ? 117  ASN A OD1 1 
ATOM   911  N ND2 . ASN A 1 117 ? -6.158  -3.684  4.516   1.00 30.28 ? 117  ASN A ND2 1 
ATOM   912  N N   . ILE A 1 118 ? -5.845  -4.515  -0.748  1.00 13.19 ? 118  ILE A N   1 
ATOM   913  C CA  . ILE A 1 118 ? -5.523  -3.929  -2.041  1.00 12.77 ? 118  ILE A CA  1 
ATOM   914  C C   . ILE A 1 118 ? -6.372  -4.573  -3.154  1.00 15.07 ? 118  ILE A C   1 
ATOM   915  O O   . ILE A 1 118 ? -6.807  -3.868  -4.069  1.00 12.86 ? 118  ILE A O   1 
ATOM   916  C CB  . ILE A 1 118 ? -4.035  -4.077  -2.336  1.00 16.37 ? 118  ILE A CB  1 
ATOM   917  C CG1 . ILE A 1 118 ? -3.239  -3.133  -1.410  1.00 19.45 ? 118  ILE A CG1 1 
ATOM   918  C CG2 . ILE A 1 118 ? -3.745  -3.809  -3.766  1.00 14.15 ? 118  ILE A CG2 1 
ATOM   919  C CD1 . ILE A 1 118 ? -1.716  -3.342  -1.480  1.00 15.80 ? 118  ILE A CD1 1 
ATOM   920  N N   . LEU A 1 119 ? -6.610  -5.890  -3.083  1.00 15.42 ? 119  LEU A N   1 
ATOM   921  C CA  . LEU A 1 119 ? -7.467  -6.557  -4.093  1.00 17.82 ? 119  LEU A CA  1 
ATOM   922  C C   . LEU A 1 119 ? -8.885  -5.958  -4.010  1.00 15.60 ? 119  LEU A C   1 
ATOM   923  O O   . LEU A 1 119 ? -9.531  -5.723  -5.030  1.00 14.52 ? 119  LEU A O   1 
ATOM   924  C CB  . LEU A 1 119 ? -7.559  -8.087  -3.844  1.00 19.13 ? 119  LEU A CB  1 
ATOM   925  C CG  . LEU A 1 119 ? -6.259  -8.916  -3.953  1.00 24.20 ? 119  LEU A CG  1 
ATOM   926  C CD1 . LEU A 1 119 ? -6.504  -10.440 -3.649  1.00 22.53 ? 119  LEU A CD1 1 
ATOM   927  C CD2 . LEU A 1 119 ? -5.688  -8.744  -5.312  1.00 19.24 ? 119  LEU A CD2 1 
ATOM   928  N N   . GLY A 1 120 ? -9.363  -5.717  -2.784  1.00 19.26 ? 120  GLY A N   1 
ATOM   929  C CA  . GLY A 1 120 ? -10.683 -5.120  -2.597  1.00 17.60 ? 120  GLY A CA  1 
ATOM   930  C C   . GLY A 1 120 ? -10.745 -3.727  -3.253  1.00 20.39 ? 120  GLY A C   1 
ATOM   931  O O   . GLY A 1 120 ? -11.736 -3.360  -3.923  1.00 16.42 ? 120  GLY A O   1 
ATOM   932  N N   . LEU A 1 121 ? -9.679  -2.947  -3.067  1.00 19.24 ? 121  LEU A N   1 
ATOM   933  C CA  . LEU A 1 121 ? -9.634  -1.619  -3.657  1.00 18.36 ? 121  LEU A CA  1 
ATOM   934  C C   . LEU A 1 121 ? -9.620  -1.766  -5.165  1.00 20.28 ? 121  LEU A C   1 
ATOM   935  O O   . LEU A 1 121 ? -10.349 -1.055  -5.859  1.00 20.27 ? 121  LEU A O   1 
ATOM   936  C CB  . LEU A 1 121 ? -8.388  -0.850  -3.193  1.00 17.25 ? 121  LEU A CB  1 
ATOM   937  C CG  . LEU A 1 121 ? -8.046  0.471   -3.891  1.00 17.67 ? 121  LEU A CG  1 
ATOM   938  C CD1 . LEU A 1 121 ? -9.200  1.412   -3.777  1.00 17.39 ? 121  LEU A CD1 1 
ATOM   939  C CD2 . LEU A 1 121 ? -6.797  1.095   -3.245  1.00 18.18 ? 121  LEU A CD2 1 
ATOM   940  N N   . ARG A 1 122 ? -8.780  -2.668  -5.679  1.00 12.11 ? 122  ARG A N   1 
ATOM   941  C CA  . ARG A 1 122 ? -8.730  -2.877  -7.129  1.00 14.63 ? 122  ARG A CA  1 
ATOM   942  C C   . ARG A 1 122 ? -10.112 -3.258  -7.711  1.00 13.74 ? 122  ARG A C   1 
ATOM   943  O O   . ARG A 1 122 ? -10.453 -2.794  -8.788  1.00 9.48  ? 122  ARG A O   1 
ATOM   944  C CB  . ARG A 1 122 ? -7.716  -3.967  -7.472  1.00 19.47 ? 122  ARG A CB  1 
ATOM   945  C CG  . ARG A 1 122 ? -6.326  -3.622  -6.964  1.00 19.34 ? 122  ARG A CG  1 
ATOM   946  C CD  . ARG A 1 122 ? -5.378  -3.519  -8.106  1.00 22.54 ? 122  ARG A CD  1 
ATOM   947  N NE  . ARG A 1 122 ? -5.029  -4.834  -8.590  1.00 23.73 ? 122  ARG A NE  1 
ATOM   948  C CZ  . ARG A 1 122 ? -4.344  -5.070  -9.699  1.00 25.74 ? 122  ARG A CZ  1 
ATOM   949  N NH1 . ARG A 1 122 ? -3.921  -4.069  -10.493 1.00 20.16 ? 122  ARG A NH1 1 
ATOM   950  N NH2 . ARG A 1 122 ? -4.041  -6.326  -9.974  1.00 24.41 ? 122  ARG A NH2 1 
ATOM   951  N N   . ASN A 1 123 ? -10.890 -4.092  -7.007  1.00 15.44 ? 123  ASN A N   1 
ATOM   952  C CA  . ASN A 1 123 ? -12.239 -4.442  -7.482  1.00 15.16 ? 123  ASN A CA  1 
ATOM   953  C C   . ASN A 1 123 ? -13.109 -3.184  -7.562  1.00 16.21 ? 123  ASN A C   1 
ATOM   954  O O   . ASN A 1 123 ? -13.885 -3.019  -8.516  1.00 17.52 ? 123  ASN A O   1 
ATOM   955  C CB  . ASN A 1 123 ? -12.971 -5.450  -6.569  1.00 17.21 ? 123  ASN A CB  1 
ATOM   956  C CG  . ASN A 1 123 ? -12.316 -6.844  -6.547  1.00 26.59 ? 123  ASN A CG  1 
ATOM   957  O OD1 . ASN A 1 123 ? -11.655 -7.264  -7.506  1.00 32.52 ? 123  ASN A OD1 1 
ATOM   958  N ND2 . ASN A 1 123 ? -12.531 -7.581  -5.449  1.00 28.21 ? 123  ASN A ND2 1 
ATOM   959  N N   . ASN A 1 124 ? -13.010 -2.296  -6.572  1.00 14.40 ? 124  ASN A N   1 
ATOM   960  C CA  . ASN A 1 124 ? -13.854 -1.100  -6.609  1.00 14.42 ? 124  ASN A CA  1 
ATOM   961  C C   . ASN A 1 124 ? -13.411 -0.132  -7.717  1.00 14.15 ? 124  ASN A C   1 
ATOM   962  O O   . ASN A 1 124 ? -14.213 0.602   -8.304  1.00 14.12 ? 124  ASN A O   1 
ATOM   963  C CB  . ASN A 1 124 ? -13.863 -0.393  -5.248  1.00 14.08 ? 124  ASN A CB  1 
ATOM   964  C CG  . ASN A 1 124 ? -14.799 -1.050  -4.267  1.00 13.60 ? 124  ASN A CG  1 
ATOM   965  O OD1 . ASN A 1 124 ? -15.655 -1.810  -4.665  1.00 15.55 ? 124  ASN A OD1 1 
ATOM   966  N ND2 . ASN A 1 124 ? -14.650 -0.745  -2.975  1.00 15.08 ? 124  ASN A ND2 1 
ATOM   967  N N   . ILE A 1 125 ? -12.143 -0.189  -8.046  1.00 12.09 ? 125  ILE A N   1 
ATOM   968  C CA  . ILE A 1 125 ? -11.628 0.683   -9.061  1.00 13.89 ? 125  ILE A CA  1 
ATOM   969  C C   . ILE A 1 125 ? -12.181 0.256   -10.385 1.00 14.11 ? 125  ILE A C   1 
ATOM   970  O O   . ILE A 1 125 ? -12.523 1.108   -11.195 1.00 15.56 ? 125  ILE A O   1 
ATOM   971  C CB  . ILE A 1 125 ? -10.126 0.648   -9.105  1.00 10.46 ? 125  ILE A CB  1 
ATOM   972  C CG1 . ILE A 1 125 ? -9.562  1.494   -7.948  1.00 12.70 ? 125  ILE A CG1 1 
ATOM   973  C CG2 . ILE A 1 125 ? -9.635  1.150   -10.455 1.00 15.42 ? 125  ILE A CG2 1 
ATOM   974  C CD1 . ILE A 1 125 ? -8.154  0.970   -7.471  1.00 13.63 ? 125  ILE A CD1 1 
ATOM   975  N N   . TYR A 1 126 ? -12.287 -1.054  -10.585 1.00 14.87 ? 126  TYR A N   1 
ATOM   976  C CA  . TYR A 1 126 ? -12.805 -1.597  -11.842 1.00 15.90 ? 126  TYR A CA  1 
ATOM   977  C C   . TYR A 1 126 ? -14.300 -1.240  -11.916 1.00 15.99 ? 126  TYR A C   1 
ATOM   978  O O   . TYR A 1 126 ? -14.821 -0.808  -12.943 1.00 15.54 ? 126  TYR A O   1 
ATOM   979  C CB  . TYR A 1 126 ? -12.651 -3.125  -11.876 1.00 12.36 ? 126  TYR A CB  1 
ATOM   980  C CG  . TYR A 1 126 ? -13.400 -3.753  -13.045 1.00 16.67 ? 126  TYR A CG  1 
ATOM   981  C CD1 . TYR A 1 126 ? -12.883 -3.700  -14.354 1.00 15.33 ? 126  TYR A CD1 1 
ATOM   982  C CD2 . TYR A 1 126 ? -14.607 -4.391  -12.844 1.00 17.42 ? 126  TYR A CD2 1 
ATOM   983  C CE1 . TYR A 1 126 ? -13.565 -4.281  -15.407 1.00 17.96 ? 126  TYR A CE1 1 
ATOM   984  C CE2 . TYR A 1 126 ? -15.301 -4.978  -13.896 1.00 17.70 ? 126  TYR A CE2 1 
ATOM   985  C CZ  . TYR A 1 126 ? -14.772 -4.918  -15.167 1.00 17.95 ? 126  TYR A CZ  1 
ATOM   986  O OH  . TYR A 1 126 ? -15.441 -5.499  -16.191 1.00 15.60 ? 126  TYR A OH  1 
ATOM   987  N N   . CYS A 1 127 ? -15.001 -1.403  -10.816 1.00 14.44 ? 127  CYS A N   1 
ATOM   988  C CA  . CYS A 1 127 ? -16.421 -1.071  -10.891 1.00 17.76 ? 127  CYS A CA  1 
ATOM   989  C C   . CYS A 1 127 ? -16.582 0.383   -11.288 1.00 16.86 ? 127  CYS A C   1 
ATOM   990  O O   . CYS A 1 127 ? -17.428 0.690   -12.112 1.00 16.74 ? 127  CYS A O   1 
ATOM   991  C CB  . CYS A 1 127 ? -17.143 -1.346  -9.568  1.00 16.12 ? 127  CYS A CB  1 
ATOM   992  S SG  . CYS A 1 127 ? -17.131 -3.096  -8.974  1.00 19.84 ? 127  CYS A SG  1 
ATOM   993  N N   . MET A 1 128 ? -15.741 1.278   -10.747 1.00 20.68 ? 128  MET A N   1 
ATOM   994  C CA  . MET A 1 128 ? -15.856 2.725   -11.062 1.00 18.01 ? 128  MET A CA  1 
ATOM   995  C C   . MET A 1 128 ? -15.524 3.002   -12.516 1.00 18.23 ? 128  MET A C   1 
ATOM   996  O O   . MET A 1 128 ? -16.180 3.804   -13.161 1.00 18.86 ? 128  MET A O   1 
ATOM   997  C CB  . MET A 1 128 ? -14.959 3.575   -10.157 1.00 9.50  ? 128  MET A CB  1 
ATOM   998  C CG  . MET A 1 128 ? -15.034 5.108   -10.448 1.00 12.47 ? 128  MET A CG  1 
ATOM   999  S SD  . MET A 1 128 ? -16.726 5.844   -10.184 1.00 12.94 ? 128  MET A SD  1 
ATOM   1000 C CE  . MET A 1 128 ? -16.828 6.239   -8.313  1.00 8.39  ? 128  MET A CE  1 
ATOM   1001 N N   . ALA A 1 129 ? -14.492 2.326   -13.003 1.00 15.19 ? 129  ALA A N   1 
ATOM   1002 C CA  . ALA A 1 129 ? -14.049 2.425   -14.378 1.00 15.46 ? 129  ALA A CA  1 
ATOM   1003 C C   . ALA A 1 129 ? -15.244 2.058   -15.273 1.00 15.62 ? 129  ALA A C   1 
ATOM   1004 O O   . ALA A 1 129 ? -15.411 2.661   -16.331 1.00 15.75 ? 129  ALA A O   1 
ATOM   1005 C CB  . ALA A 1 129 ? -12.886 1.437   -14.625 1.00 13.07 ? 129  ALA A CB  1 
ATOM   1006 N N   . GLN A 1 130 ? -16.049 1.067   -14.847 1.00 11.40 ? 130  GLN A N   1 
ATOM   1007 C CA  . GLN A 1 130 ? -17.239 0.664   -15.600 1.00 16.30 ? 130  GLN A CA  1 
ATOM   1008 C C   . GLN A 1 130 ? -18.334 1.769   -15.576 1.00 18.63 ? 130  GLN A C   1 
ATOM   1009 O O   . GLN A 1 130 ? -19.195 1.805   -16.438 1.00 18.43 ? 130  GLN A O   1 
ATOM   1010 C CB  . GLN A 1 130 ? -17.842 -0.663  -15.058 1.00 12.84 ? 130  GLN A CB  1 
ATOM   1011 C CG  . GLN A 1 130 ? -17.046 -1.954  -15.474 1.00 12.13 ? 130  GLN A CG  1 
ATOM   1012 C CD  . GLN A 1 130 ? -16.943 -2.167  -17.006 1.00 16.86 ? 130  GLN A CD  1 
ATOM   1013 O OE1 . GLN A 1 130 ? -17.941 -2.103  -17.738 1.00 20.68 ? 130  GLN A OE1 1 
ATOM   1014 N NE2 . GLN A 1 130 ? -15.730 -2.429  -17.485 1.00 14.74 ? 130  GLN A NE2 1 
ATOM   1015 N N   . LEU A 1 131 ? -18.283 2.681   -14.610 1.00 23.03 ? 131  LEU A N   1 
ATOM   1016 C CA  . LEU A 1 131 ? -19.300 3.751   -14.514 1.00 26.48 ? 131  LEU A CA  1 
ATOM   1017 C C   . LEU A 1 131 ? -18.891 4.977   -15.309 1.00 28.49 ? 131  LEU A C   1 
ATOM   1018 O O   . LEU A 1 131 ? -19.713 5.816   -15.610 1.00 31.93 ? 131  LEU A O   1 
ATOM   1019 C CB  . LEU A 1 131 ? -19.500 4.160   -13.046 1.00 24.63 ? 131  LEU A CB  1 
ATOM   1020 C CG  . LEU A 1 131 ? -20.760 3.700   -12.339 1.00 28.38 ? 131  LEU A CG  1 
ATOM   1021 C CD1 . LEU A 1 131 ? -21.292 2.479   -13.040 1.00 29.95 ? 131  LEU A CD1 1 
ATOM   1022 C CD2 . LEU A 1 131 ? -20.520 3.493   -10.860 1.00 24.79 ? 131  LEU A CD2 1 
ATOM   1023 N N   . LEU A 1 132 ? -17.606 5.101   -15.620 1.00 21.98 ? 132  LEU A N   1 
ATOM   1024 C CA  . LEU A 1 132 ? -17.145 6.254   -16.372 1.00 26.65 ? 132  LEU A CA  1 
ATOM   1025 C C   . LEU A 1 132 ? -17.579 6.141   -17.830 1.00 31.34 ? 132  LEU A C   1 
ATOM   1026 O O   . LEU A 1 132 ? -17.503 5.072   -18.442 1.00 28.90 ? 132  LEU A O   1 
ATOM   1027 C CB  . LEU A 1 132 ? -15.620 6.364   -16.331 1.00 29.32 ? 132  LEU A CB  1 
ATOM   1028 C CG  . LEU A 1 132 ? -14.973 6.446   -14.950 1.00 30.92 ? 132  LEU A CG  1 
ATOM   1029 C CD1 . LEU A 1 132 ? -13.499 6.810   -15.099 1.00 26.88 ? 132  LEU A CD1 1 
ATOM   1030 C CD2 . LEU A 1 132 ? -15.724 7.472   -14.097 1.00 26.67 ? 132  LEU A CD2 1 
ATOM   1031 N N   . ASP A 1 133 ? -18.026 7.257   -18.380 1.00 52.50 ? 133  ASP A N   1 
ATOM   1032 C CA  . ASP A 1 133 ? -18.464 7.312   -19.766 1.00 58.05 ? 133  ASP A CA  1 
ATOM   1033 C C   . ASP A 1 133 ? -17.241 7.461   -20.640 1.00 60.17 ? 133  ASP A C   1 
ATOM   1034 O O   . ASP A 1 133 ? -16.580 8.493   -20.607 1.00 61.36 ? 133  ASP A O   1 
ATOM   1035 C CB  . ASP A 1 133 ? -19.411 8.498   -19.960 1.00 57.83 ? 133  ASP A CB  1 
ATOM   1036 C CG  . ASP A 1 133 ? -20.859 8.116   -19.747 1.00 60.34 ? 133  ASP A CG  1 
ATOM   1037 O OD1 . ASP A 1 133 ? -21.433 7.476   -20.662 1.00 62.46 ? 133  ASP A OD1 1 
ATOM   1038 O OD2 . ASP A 1 133 ? -21.418 8.436   -18.671 1.00 59.35 ? 133  ASP A OD2 1 
ATOM   1039 N N   . ASN A 1 134 ? -16.933 6.423   -21.409 1.00 70.60 ? 134  ASN A N   1 
ATOM   1040 C CA  . ASN A 1 134 ? -15.762 6.450   -22.279 1.00 73.88 ? 134  ASN A CA  1 
ATOM   1041 C C   . ASN A 1 134 ? -15.820 5.418   -23.417 1.00 76.13 ? 134  ASN A C   1 
ATOM   1042 O O   . ASN A 1 134 ? -15.747 4.204   -23.193 1.00 76.27 ? 134  ASN A O   1 
ATOM   1043 C CB  . ASN A 1 134 ? -14.505 6.232   -21.440 1.00 64.52 ? 134  ASN A CB  1 
ATOM   1044 C CG  . ASN A 1 134 ? -14.320 7.305   -20.365 1.00 65.14 ? 134  ASN A CG  1 
ATOM   1045 O OD1 . ASN A 1 134 ? -14.134 8.483   -20.671 1.00 67.15 ? 134  ASN A OD1 1 
ATOM   1046 N ND2 . ASN A 1 134 ? -14.374 6.897   -19.102 1.00 64.11 ? 134  ASN A ND2 1 
ATOM   1047 N N   . ALA A 1 156 ? 22.633  -8.467  -5.414  1.00 71.49 ? 156  ALA A N   1 
ATOM   1048 C CA  . ALA A 1 156 ? 22.696  -7.004  -5.391  1.00 71.26 ? 156  ALA A CA  1 
ATOM   1049 C C   . ALA A 1 156 ? 22.899  -6.492  -3.963  1.00 69.37 ? 156  ALA A C   1 
ATOM   1050 O O   . ALA A 1 156 ? 23.957  -5.955  -3.620  1.00 71.25 ? 156  ALA A O   1 
ATOM   1051 C CB  . ALA A 1 156 ? 21.399  -6.411  -5.992  1.00 58.94 ? 156  ALA A CB  1 
ATOM   1052 N N   . SER A 1 157 ? 21.871  -6.668  -3.138  1.00 53.37 ? 157  SER A N   1 
ATOM   1053 C CA  . SER A 1 157 ? 21.903  -6.239  -1.748  1.00 49.13 ? 157  SER A CA  1 
ATOM   1054 C C   . SER A 1 157 ? 21.844  -7.453  -0.826  1.00 46.30 ? 157  SER A C   1 
ATOM   1055 O O   . SER A 1 157 ? 21.225  -8.462  -1.171  1.00 46.98 ? 157  SER A O   1 
ATOM   1056 C CB  . SER A 1 157 ? 20.687  -5.344  -1.454  1.00 52.06 ? 157  SER A CB  1 
ATOM   1057 O OG  . SER A 1 157 ? 20.604  -4.243  -2.344  1.00 53.46 ? 157  SER A OG  1 
ATOM   1058 N N   . ASP A 1 158 ? 22.485  -7.371  0.340   1.00 36.25 ? 158  ASP A N   1 
ATOM   1059 C CA  . ASP A 1 158 ? 22.404  -8.475  1.282   1.00 32.27 ? 158  ASP A CA  1 
ATOM   1060 C C   . ASP A 1 158 ? 21.039  -8.422  1.990   1.00 31.07 ? 158  ASP A C   1 
ATOM   1061 O O   . ASP A 1 158 ? 20.191  -7.551  1.667   1.00 30.68 ? 158  ASP A O   1 
ATOM   1062 C CB  . ASP A 1 158 ? 23.567  -8.463  2.284   1.00 34.98 ? 158  ASP A CB  1 
ATOM   1063 C CG  . ASP A 1 158 ? 23.788  -7.124  2.950   1.00 34.99 ? 158  ASP A CG  1 
ATOM   1064 O OD1 . ASP A 1 158 ? 22.905  -6.233  2.900   1.00 33.74 ? 158  ASP A OD1 1 
ATOM   1065 O OD2 . ASP A 1 158 ? 24.872  -6.979  3.563   1.00 32.20 ? 158  ASP A OD2 1 
ATOM   1066 N N   . ALA A 1 159 ? 20.789  -9.360  2.907   1.00 28.51 ? 159  ALA A N   1 
ATOM   1067 C CA  . ALA A 1 159 ? 19.487  -9.410  3.574   1.00 27.64 ? 159  ALA A CA  1 
ATOM   1068 C C   . ALA A 1 159 ? 19.177  -8.203  4.419   1.00 26.05 ? 159  ALA A C   1 
ATOM   1069 O O   . ALA A 1 159 ? 18.022  -7.823  4.557   1.00 26.84 ? 159  ALA A O   1 
ATOM   1070 C CB  . ALA A 1 159 ? 19.359  -10.657 4.426   1.00 24.83 ? 159  ALA A CB  1 
ATOM   1071 N N   . PHE A 1 160 ? 20.211  -7.612  4.998   1.00 25.03 ? 160  PHE A N   1 
ATOM   1072 C CA  . PHE A 1 160 ? 20.024  -6.454  5.844   1.00 21.34 ? 160  PHE A CA  1 
ATOM   1073 C C   . PHE A 1 160 ? 19.528  -5.308  4.988   1.00 21.31 ? 160  PHE A C   1 
ATOM   1074 O O   . PHE A 1 160 ? 18.534  -4.640  5.314   1.00 19.21 ? 160  PHE A O   1 
ATOM   1075 C CB  . PHE A 1 160 ? 21.335  -6.068  6.532   1.00 21.17 ? 160  PHE A CB  1 
ATOM   1076 C CG  . PHE A 1 160 ? 21.198  -4.877  7.420   1.00 22.60 ? 160  PHE A CG  1 
ATOM   1077 C CD1 . PHE A 1 160 ? 20.698  -5.010  8.718   1.00 24.03 ? 160  PHE A CD1 1 
ATOM   1078 C CD2 . PHE A 1 160 ? 21.497  -3.617  6.947   1.00 19.36 ? 160  PHE A CD2 1 
ATOM   1079 C CE1 . PHE A 1 160 ? 20.506  -3.906  9.515   1.00 25.01 ? 160  PHE A CE1 1 
ATOM   1080 C CE2 . PHE A 1 160 ? 21.312  -2.495  7.741   1.00 21.86 ? 160  PHE A CE2 1 
ATOM   1081 C CZ  . PHE A 1 160 ? 20.817  -2.636  9.022   1.00 23.93 ? 160  PHE A CZ  1 
ATOM   1082 N N   . GLN A 1 161 ? 20.216  -5.109  3.873   1.00 20.59 ? 161  GLN A N   1 
ATOM   1083 C CA  . GLN A 1 161 ? 19.882  -4.034  2.961   1.00 24.91 ? 161  GLN A CA  1 
ATOM   1084 C C   . GLN A 1 161 ? 18.484  -4.239  2.373   1.00 25.47 ? 161  GLN A C   1 
ATOM   1085 O O   . GLN A 1 161 ? 17.767  -3.279  2.138   1.00 29.25 ? 161  GLN A O   1 
ATOM   1086 C CB  . GLN A 1 161 ? 20.920  -3.953  1.832   1.00 26.35 ? 161  GLN A CB  1 
ATOM   1087 C CG  . GLN A 1 161 ? 20.670  -2.829  0.849   1.00 30.65 ? 161  GLN A CG  1 
ATOM   1088 C CD  . GLN A 1 161 ? 20.566  -1.515  1.560   1.00 36.72 ? 161  GLN A CD  1 
ATOM   1089 O OE1 . GLN A 1 161 ? 21.376  -1.215  2.451   1.00 36.64 ? 161  GLN A OE1 1 
ATOM   1090 N NE2 . GLN A 1 161 ? 19.574  -0.709  1.188   1.00 38.27 ? 161  GLN A NE2 1 
ATOM   1091 N N   . ARG A 1 162 ? 18.108  -5.482  2.122   1.00 26.55 ? 162  ARG A N   1 
ATOM   1092 C CA  . ARG A 1 162 ? 16.797  -5.731  1.544   1.00 29.13 ? 162  ARG A CA  1 
ATOM   1093 C C   . ARG A 1 162 ? 15.664  -5.385  2.510   1.00 28.03 ? 162  ARG A C   1 
ATOM   1094 O O   . ARG A 1 162 ? 14.610  -4.924  2.089   1.00 27.53 ? 162  ARG A O   1 
ATOM   1095 C CB  . ARG A 1 162 ? 16.709  -7.166  1.029   1.00 30.97 ? 162  ARG A CB  1 
ATOM   1096 C CG  . ARG A 1 162 ? 16.935  -7.245  -0.501  1.00 37.06 ? 162  ARG A CG  1 
ATOM   1097 C CD  . ARG A 1 162 ? 17.772  -8.435  -0.940  1.00 42.31 ? 162  ARG A CD  1 
ATOM   1098 N NE  . ARG A 1 162 ? 17.513  -9.643  -0.159  1.00 50.35 ? 162  ARG A NE  1 
ATOM   1099 C CZ  . ARG A 1 162 ? 18.379  -10.662 -0.042  1.00 54.67 ? 162  ARG A CZ  1 
ATOM   1100 N NH1 . ARG A 1 162 ? 19.565  -10.619 -0.667  1.00 51.54 ? 162  ARG A NH1 1 
ATOM   1101 N NH2 . ARG A 1 162 ? 18.078  -11.710 0.735   1.00 54.02 ? 162  ARG A NH2 1 
ATOM   1102 N N   . LYS A 1 163 ? 15.894  -5.565  3.805   1.00 26.71 ? 163  LYS A N   1 
ATOM   1103 C CA  . LYS A 1 163 ? 14.867  -5.224  4.795   1.00 26.89 ? 163  LYS A CA  1 
ATOM   1104 C C   . LYS A 1 163 ? 14.643  -3.710  4.718   1.00 24.65 ? 163  LYS A C   1 
ATOM   1105 O O   . LYS A 1 163 ? 13.515  -3.224  4.703   1.00 25.59 ? 163  LYS A O   1 
ATOM   1106 C CB  . LYS A 1 163 ? 15.330  -5.596  6.204   1.00 23.14 ? 163  LYS A CB  1 
ATOM   1107 C CG  . LYS A 1 163 ? 15.578  -7.070  6.430   1.00 26.26 ? 163  LYS A CG  1 
ATOM   1108 C CD  . LYS A 1 163 ? 15.938  -7.293  7.913   1.00 28.56 ? 163  LYS A CD  1 
ATOM   1109 C CE  . LYS A 1 163 ? 16.337  -8.755  8.187   1.00 32.88 ? 163  LYS A CE  1 
ATOM   1110 N NZ  . LYS A 1 163 ? 16.218  -9.076  9.660   1.00 33.37 ? 163  LYS A NZ  1 
ATOM   1111 N N   . LEU A 1 164 ? 15.736  -2.961  4.652   1.00 22.17 ? 164  LEU A N   1 
ATOM   1112 C CA  . LEU A 1 164 ? 15.649  -1.504  4.557   1.00 21.66 ? 164  LEU A CA  1 
ATOM   1113 C C   . LEU A 1 164 ? 14.896  -1.048  3.298   1.00 19.78 ? 164  LEU A C   1 
ATOM   1114 O O   . LEU A 1 164 ? 14.152  -0.098  3.372   1.00 21.36 ? 164  LEU A O   1 
ATOM   1115 C CB  . LEU A 1 164 ? 17.043  -0.897  4.585   1.00 27.36 ? 164  LEU A CB  1 
ATOM   1116 C CG  . LEU A 1 164 ? 17.538  -0.191  5.847   1.00 29.78 ? 164  LEU A CG  1 
ATOM   1117 C CD1 . LEU A 1 164 ? 17.132  -0.903  7.121   1.00 30.97 ? 164  LEU A CD1 1 
ATOM   1118 C CD2 . LEU A 1 164 ? 19.050  -0.085  5.710   1.00 27.21 ? 164  LEU A CD2 1 
ATOM   1119 N N   . GLU A 1 165 ? 15.128  -1.689  2.153   1.00 20.74 ? 165  GLU A N   1 
ATOM   1120 C CA  . GLU A 1 165 ? 14.401  -1.358  0.927   1.00 25.53 ? 165  GLU A CA  1 
ATOM   1121 C C   . GLU A 1 165 ? 12.885  -1.636  1.144   1.00 24.51 ? 165  GLU A C   1 
ATOM   1122 O O   . GLU A 1 165 ? 12.051  -0.860  0.685   1.00 23.82 ? 165  GLU A O   1 
ATOM   1123 C CB  . GLU A 1 165 ? 14.899  -2.191  -0.266  1.00 36.97 ? 165  GLU A CB  1 
ATOM   1124 C CG  . GLU A 1 165 ? 16.224  -1.744  -0.827  1.00 46.27 ? 165  GLU A CG  1 
ATOM   1125 C CD  . GLU A 1 165 ? 16.185  -0.302  -1.291  1.00 53.80 ? 165  GLU A CD  1 
ATOM   1126 O OE1 . GLU A 1 165 ? 15.454  -0.017  -2.268  1.00 56.56 ? 165  GLU A OE1 1 
ATOM   1127 O OE2 . GLU A 1 165 ? 16.881  0.551   -0.675  1.00 57.29 ? 165  GLU A OE2 1 
ATOM   1128 N N   . GLY A 1 166 ? 12.553  -2.732  1.834   1.00 21.30 ? 166  GLY A N   1 
ATOM   1129 C CA  . GLY A 1 166 ? 11.154  -3.026  2.127   1.00 23.24 ? 166  GLY A CA  1 
ATOM   1130 C C   . GLY A 1 166 ? 10.523  -1.852  2.867   1.00 23.26 ? 166  GLY A C   1 
ATOM   1131 O O   . GLY A 1 166 ? 9.408   -1.433  2.593   1.00 23.28 ? 166  GLY A O   1 
ATOM   1132 N N   . CYS A 1 167 ? 11.293  -1.319  3.810   1.00 23.40 ? 167  CYS A N   1 
ATOM   1133 C CA  . CYS A 1 167 ? 10.977  -0.177  4.659   1.00 22.75 ? 167  CYS A CA  1 
ATOM   1134 C C   . CYS A 1 167 ? 10.598  1.035   3.822   1.00 21.54 ? 167  CYS A C   1 
ATOM   1135 O O   . CYS A 1 167 ? 9.556   1.683   3.983   1.00 18.87 ? 167  CYS A O   1 
ATOM   1136 C CB  . CYS A 1 167 ? 12.269  0.229   5.439   1.00 34.41 ? 167  CYS A CB  1 
ATOM   1137 S SG  . CYS A 1 167 ? 11.794  0.556   7.096   1.00 51.11 ? 167  CYS A SG  1 
ATOM   1138 N N   . ARG A 1 168 ? 11.531  1.367   2.948   1.00 20.24 ? 168  ARG A N   1 
ATOM   1139 C CA  . ARG A 1 168 ? 11.377  2.524   2.115   1.00 21.23 ? 168  ARG A CA  1 
ATOM   1140 C C   . ARG A 1 168 ? 10.232  2.328   1.166   1.00 17.43 ? 168  ARG A C   1 
ATOM   1141 O O   . ARG A 1 168 ? 9.447   3.231   0.974   1.00 19.43 ? 168  ARG A O   1 
ATOM   1142 C CB  . ARG A 1 168 ? 12.694  2.797   1.387   1.00 28.41 ? 168  ARG A CB  1 
ATOM   1143 C CG  . ARG A 1 168 ? 13.850  2.925   2.386   1.00 30.16 ? 168  ARG A CG  1 
ATOM   1144 C CD  . ARG A 1 168 ? 15.159  3.351   1.769   1.00 34.94 ? 168  ARG A CD  1 
ATOM   1145 N NE  . ARG A 1 168 ? 16.160  3.388   2.831   1.00 39.55 ? 168  ARG A NE  1 
ATOM   1146 C CZ  . ARG A 1 168 ? 17.346  2.784   2.774   1.00 40.38 ? 168  ARG A CZ  1 
ATOM   1147 N NH1 . ARG A 1 168 ? 17.703  2.099   1.688   1.00 40.01 ? 168  ARG A NH1 1 
ATOM   1148 N NH2 . ARG A 1 168 ? 18.141  2.806   3.839   1.00 39.97 ? 168  ARG A NH2 1 
ATOM   1149 N N   . PHE A 1 169 ? 10.139  1.152   0.574   1.00 20.96 ? 169  PHE A N   1 
ATOM   1150 C CA  . PHE A 1 169 ? 9.048   0.861   -0.343  1.00 21.30 ? 169  PHE A CA  1 
ATOM   1151 C C   . PHE A 1 169 ? 7.660   1.074   0.358   1.00 21.87 ? 169  PHE A C   1 
ATOM   1152 O O   . PHE A 1 169 ? 6.830   1.807   -0.139  1.00 20.22 ? 169  PHE A O   1 
ATOM   1153 C CB  . PHE A 1 169 ? 9.180   -0.568  -0.832  1.00 21.20 ? 169  PHE A CB  1 
ATOM   1154 C CG  . PHE A 1 169 ? 7.963   -1.072  -1.520  1.00 27.01 ? 169  PHE A CG  1 
ATOM   1155 C CD1 . PHE A 1 169 ? 7.607   -0.590  -2.771  1.00 28.10 ? 169  PHE A CD1 1 
ATOM   1156 C CD2 . PHE A 1 169 ? 7.134   -1.999  -0.897  1.00 28.05 ? 169  PHE A CD2 1 
ATOM   1157 C CE1 . PHE A 1 169 ? 6.420   -1.030  -3.396  1.00 27.71 ? 169  PHE A CE1 1 
ATOM   1158 C CE2 . PHE A 1 169 ? 5.960   -2.434  -1.517  1.00 29.74 ? 169  PHE A CE2 1 
ATOM   1159 C CZ  . PHE A 1 169 ? 5.612   -1.939  -2.769  1.00 27.25 ? 169  PHE A CZ  1 
ATOM   1160 N N   . LEU A 1 170 ? 7.433   0.456   1.520   1.00 17.04 ? 170  LEU A N   1 
ATOM   1161 C CA  . LEU A 1 170 ? 6.159   0.628   2.210   1.00 17.85 ? 170  LEU A CA  1 
ATOM   1162 C C   . LEU A 1 170 ? 5.891   2.081   2.583   1.00 19.67 ? 170  LEU A C   1 
ATOM   1163 O O   . LEU A 1 170 ? 4.741   2.551   2.552   1.00 15.89 ? 170  LEU A O   1 
ATOM   1164 C CB  . LEU A 1 170 ? 6.088   -0.257  3.487   1.00 15.39 ? 170  LEU A CB  1 
ATOM   1165 C CG  . LEU A 1 170 ? 6.076   -1.751  3.196   1.00 14.86 ? 170  LEU A CG  1 
ATOM   1166 C CD1 . LEU A 1 170 ? 6.179   -2.584  4.476   1.00 13.96 ? 170  LEU A CD1 1 
ATOM   1167 C CD2 . LEU A 1 170 ? 4.772   -2.070  2.427   1.00 15.65 ? 170  LEU A CD2 1 
ATOM   1168 N N   . HIS A 1 171 ? 6.952   2.803   2.930   1.00 21.31 ? 171  HIS A N   1 
ATOM   1169 C CA  . HIS A 1 171 ? 6.782   4.197   3.299   1.00 22.18 ? 171  HIS A CA  1 
ATOM   1170 C C   . HIS A 1 171 ? 6.255   4.984   2.105   1.00 21.24 ? 171  HIS A C   1 
ATOM   1171 O O   . HIS A 1 171 ? 5.341   5.818   2.250   1.00 22.01 ? 171  HIS A O   1 
ATOM   1172 C CB  . HIS A 1 171 ? 8.106   4.791   3.772   1.00 30.88 ? 171  HIS A CB  1 
ATOM   1173 C CG  . HIS A 1 171 ? 7.939   6.009   4.620   1.00 34.63 ? 171  HIS A CG  1 
ATOM   1174 N ND1 . HIS A 1 171 ? 7.119   7.057   4.264   1.00 40.76 ? 171  HIS A ND1 1 
ATOM   1175 C CD2 . HIS A 1 171 ? 8.510   6.364   5.793   1.00 37.38 ? 171  HIS A CD2 1 
ATOM   1176 C CE1 . HIS A 1 171 ? 7.196   8.005   5.179   1.00 41.29 ? 171  HIS A CE1 1 
ATOM   1177 N NE2 . HIS A 1 171 ? 8.034   7.607   6.118   1.00 40.19 ? 171  HIS A NE2 1 
ATOM   1178 N N   . GLY A 1 172 ? 6.838   4.700   0.937   1.00 19.40 ? 172  GLY A N   1 
ATOM   1179 C CA  . GLY A 1 172 ? 6.432   5.334   -0.303  1.00 18.77 ? 172  GLY A CA  1 
ATOM   1180 C C   . GLY A 1 172 ? 4.985   4.949   -0.633  1.00 18.69 ? 172  GLY A C   1 
ATOM   1181 O O   . GLY A 1 172 ? 4.217   5.790   -1.120  1.00 17.10 ? 172  GLY A O   1 
ATOM   1182 N N   . TYR A 1 173 ? 4.604   3.701   -0.343  1.00 16.37 ? 173  TYR A N   1 
ATOM   1183 C CA  . TYR A 1 173 ? 3.238   3.227   -0.649  1.00 15.82 ? 173  TYR A CA  1 
ATOM   1184 C C   . TYR A 1 173 ? 2.220   4.007   0.156   1.00 15.59 ? 173  TYR A C   1 
ATOM   1185 O O   . TYR A 1 173 ? 1.217   4.468   -0.396  1.00 18.03 ? 173  TYR A O   1 
ATOM   1186 C CB  . TYR A 1 173 ? 3.089   1.718   -0.381  1.00 17.10 ? 173  TYR A CB  1 
ATOM   1187 C CG  . TYR A 1 173 ? 1.651   1.214   -0.250  1.00 18.58 ? 173  TYR A CG  1 
ATOM   1188 C CD1 . TYR A 1 173 ? 0.825   1.045   -1.381  1.00 21.00 ? 173  TYR A CD1 1 
ATOM   1189 C CD2 . TYR A 1 173 ? 1.117   0.892   0.999   1.00 23.71 ? 173  TYR A CD2 1 
ATOM   1190 C CE1 . TYR A 1 173 ? -0.500  0.564   -1.271  1.00 18.78 ? 173  TYR A CE1 1 
ATOM   1191 C CE2 . TYR A 1 173 ? -0.204  0.406   1.124   1.00 22.78 ? 173  TYR A CE2 1 
ATOM   1192 C CZ  . TYR A 1 173 ? -1.003  0.251   -0.017  1.00 23.08 ? 173  TYR A CZ  1 
ATOM   1193 O OH  . TYR A 1 173 ? -2.318  -0.170  0.118   1.00 23.89 ? 173  TYR A OH  1 
ATOM   1194 N N   . HIS A 1 174 ? 2.467   4.165   1.453   1.00 15.31 ? 174  HIS A N   1 
ATOM   1195 C CA  . HIS A 1 174 ? 1.549   4.937   2.288   1.00 17.05 ? 174  HIS A CA  1 
ATOM   1196 C C   . HIS A 1 174 ? 1.422   6.407   1.821   1.00 15.95 ? 174  HIS A C   1 
ATOM   1197 O O   . HIS A 1 174 ? 0.327   6.957   1.797   1.00 15.16 ? 174  HIS A O   1 
ATOM   1198 C CB  . HIS A 1 174 ? 1.989   4.908   3.761   1.00 19.38 ? 174  HIS A CB  1 
ATOM   1199 C CG  . HIS A 1 174 ? 1.727   3.604   4.440   1.00 20.03 ? 174  HIS A CG  1 
ATOM   1200 N ND1 . HIS A 1 174 ? 0.484   3.010   4.452   1.00 18.85 ? 174  HIS A ND1 1 
ATOM   1201 C CD2 . HIS A 1 174 ? 2.553   2.761   5.100   1.00 21.59 ? 174  HIS A CD2 1 
ATOM   1202 C CE1 . HIS A 1 174 ? 0.556   1.850   5.082   1.00 24.16 ? 174  HIS A CE1 1 
ATOM   1203 N NE2 . HIS A 1 174 ? 1.800   1.674   5.487   1.00 23.74 ? 174  HIS A NE2 1 
ATOM   1204 N N   . ARG A 1 175 ? 2.538   7.037   1.469   1.00 19.71 ? 175  ARG A N   1 
ATOM   1205 C CA  . ARG A 1 175 ? 2.490   8.422   1.012   1.00 20.40 ? 175  ARG A CA  1 
ATOM   1206 C C   . ARG A 1 175 ? 1.673   8.448   -0.273  1.00 20.98 ? 175  ARG A C   1 
ATOM   1207 O O   . ARG A 1 175 ? 0.820   9.292   -0.442  1.00 22.95 ? 175  ARG A O   1 
ATOM   1208 C CB  . ARG A 1 175 ? 3.892   8.987   0.770   1.00 21.79 ? 175  ARG A CB  1 
ATOM   1209 C CG  . ARG A 1 175 ? 3.918   10.523  0.499   1.00 25.71 ? 175  ARG A CG  1 
ATOM   1210 C CD  . ARG A 1 175 ? 3.497   10.883  -0.955  1.00 28.60 ? 175  ARG A CD  1 
ATOM   1211 N NE  . ARG A 1 175 ? 4.413   10.288  -1.937  1.00 23.94 ? 175  ARG A NE  1 
ATOM   1212 C CZ  . ARG A 1 175 ? 4.129   10.077  -3.222  1.00 28.28 ? 175  ARG A CZ  1 
ATOM   1213 N NH1 . ARG A 1 175 ? 2.924   10.407  -3.747  1.00 26.43 ? 175  ARG A NH1 1 
ATOM   1214 N NH2 . ARG A 1 175 ? 5.051   9.509   -3.986  1.00 24.18 ? 175  ARG A NH2 1 
ATOM   1215 N N   . PHE A 1 176 ? 1.933   7.502   -1.168  1.00 19.49 ? 176  PHE A N   1 
ATOM   1216 C CA  . PHE A 1 176 ? 1.169   7.393   -2.397  1.00 18.03 ? 176  PHE A CA  1 
ATOM   1217 C C   . PHE A 1 176 ? -0.352  7.300   -2.081  1.00 18.26 ? 176  PHE A C   1 
ATOM   1218 O O   . PHE A 1 176 ? -1.137  8.037   -2.663  1.00 18.36 ? 176  PHE A O   1 
ATOM   1219 C CB  . PHE A 1 176 ? 1.631   6.146   -3.169  1.00 18.81 ? 176  PHE A CB  1 
ATOM   1220 C CG  . PHE A 1 176 ? 0.805   5.819   -4.378  1.00 17.59 ? 176  PHE A CG  1 
ATOM   1221 C CD1 . PHE A 1 176 ? 0.878   6.601   -5.529  1.00 15.37 ? 176  PHE A CD1 1 
ATOM   1222 C CD2 . PHE A 1 176 ? -0.011  4.681   -4.395  1.00 18.12 ? 176  PHE A CD2 1 
ATOM   1223 C CE1 . PHE A 1 176 ? 0.150   6.234   -6.688  1.00 15.04 ? 176  PHE A CE1 1 
ATOM   1224 C CE2 . PHE A 1 176 ? -0.737  4.321   -5.548  1.00 15.40 ? 176  PHE A CE2 1 
ATOM   1225 C CZ  . PHE A 1 176 ? -0.651  5.092   -6.678  1.00 10.91 ? 176  PHE A CZ  1 
ATOM   1226 N N   . MET A 1 177 ? -0.765  6.425   -1.158  1.00 19.16 ? 177  MET A N   1 
ATOM   1227 C CA  . MET A 1 177 ? -2.199  6.307   -0.871  1.00 18.79 ? 177  MET A CA  1 
ATOM   1228 C C   . MET A 1 177 ? -2.761  7.621   -0.327  1.00 18.87 ? 177  MET A C   1 
ATOM   1229 O O   . MET A 1 177 ? -3.916  7.963   -0.559  1.00 17.51 ? 177  MET A O   1 
ATOM   1230 C CB  . MET A 1 177 ? -2.480  5.139   0.095   1.00 12.32 ? 177  MET A CB  1 
ATOM   1231 C CG  . MET A 1 177 ? -2.126  3.797   -0.516  1.00 16.32 ? 177  MET A CG  1 
ATOM   1232 S SD  . MET A 1 177 ? -2.932  3.467   -2.109  1.00 19.92 ? 177  MET A SD  1 
ATOM   1233 C CE  . MET A 1 177 ? -4.627  3.552   -1.571  1.00 9.91  ? 177  MET A CE  1 
ATOM   1234 N N   . HIS A 1 178 ? -1.914  8.367   0.367   1.00 18.67 ? 178  HIS A N   1 
ATOM   1235 C CA  . HIS A 1 178 ? -2.329  9.644   0.917   1.00 18.75 ? 178  HIS A CA  1 
ATOM   1236 C C   . HIS A 1 178 ? -2.666  10.561  -0.259  1.00 18.69 ? 178  HIS A C   1 
ATOM   1237 O O   . HIS A 1 178 ? -3.716  11.191  -0.271  1.00 19.90 ? 178  HIS A O   1 
ATOM   1238 C CB  . HIS A 1 178 ? -1.205  10.279  1.762   1.00 19.63 ? 178  HIS A CB  1 
ATOM   1239 C CG  . HIS A 1 178 ? -1.458  11.709  2.078   1.00 18.31 ? 178  HIS A CG  1 
ATOM   1240 N ND1 . HIS A 1 178 ? -2.397  12.103  3.007   1.00 22.71 ? 178  HIS A ND1 1 
ATOM   1241 C CD2 . HIS A 1 178 ? -1.018  12.843  1.485   1.00 20.91 ? 178  HIS A CD2 1 
ATOM   1242 C CE1 . HIS A 1 178 ? -2.526  13.419  2.975   1.00 24.41 ? 178  HIS A CE1 1 
ATOM   1243 N NE2 . HIS A 1 178 ? -1.698  13.893  2.060   1.00 24.76 ? 178  HIS A NE2 1 
ATOM   1244 N N   . SER A 1 179 ? -1.763  10.638  -1.229  1.00 16.76 ? 179  SER A N   1 
ATOM   1245 C CA  . SER A 1 179 ? -1.980  11.476  -2.397  1.00 19.62 ? 179  SER A CA  1 
ATOM   1246 C C   . SER A 1 179 ? -3.232  11.029  -3.145  1.00 18.20 ? 179  SER A C   1 
ATOM   1247 O O   . SER A 1 179 ? -3.996  11.847  -3.662  1.00 18.51 ? 179  SER A O   1 
ATOM   1248 C CB  . SER A 1 179 ? -0.781  11.398  -3.350  1.00 16.36 ? 179  SER A CB  1 
ATOM   1249 O OG  . SER A 1 179 ? 0.380   11.877  -2.696  1.00 20.24 ? 179  SER A OG  1 
ATOM   1250 N N   . VAL A 1 180 ? -3.407  9.720   -3.209  1.00 16.80 ? 180  VAL A N   1 
ATOM   1251 C CA  . VAL A 1 180 ? -4.546  9.112   -3.890  1.00 14.30 ? 180  VAL A CA  1 
ATOM   1252 C C   . VAL A 1 180 ? -5.833  9.495   -3.191  1.00 12.39 ? 180  VAL A C   1 
ATOM   1253 O O   . VAL A 1 180 ? -6.779  9.873   -3.838  1.00 14.47 ? 180  VAL A O   1 
ATOM   1254 C CB  . VAL A 1 180 ? -4.367  7.597   -3.948  1.00 12.18 ? 180  VAL A CB  1 
ATOM   1255 C CG1 . VAL A 1 180 ? -5.738  6.895   -4.221  1.00 11.54 ? 180  VAL A CG1 1 
ATOM   1256 C CG2 . VAL A 1 180 ? -3.324  7.280   -5.067  1.00 11.15 ? 180  VAL A CG2 1 
ATOM   1257 N N   . GLY A 1 181 ? -5.865  9.438   -1.865  1.00 14.36 ? 181  GLY A N   1 
ATOM   1258 C CA  . GLY A 1 181 ? -7.083  9.823   -1.163  1.00 13.48 ? 181  GLY A CA  1 
ATOM   1259 C C   . GLY A 1 181 ? -7.380  11.295  -1.392  1.00 14.32 ? 181  GLY A C   1 
ATOM   1260 O O   . GLY A 1 181 ? -8.543  11.686  -1.449  1.00 15.26 ? 181  GLY A O   1 
ATOM   1261 N N   . ARG A 1 182 ? -6.336  12.110  -1.547  1.00 17.65 ? 182  ARG A N   1 
ATOM   1262 C CA  . ARG A 1 182 ? -6.532  13.544  -1.785  1.00 19.70 ? 182  ARG A CA  1 
ATOM   1263 C C   . ARG A 1 182 ? -7.193  13.792  -3.139  1.00 18.20 ? 182  ARG A C   1 
ATOM   1264 O O   . ARG A 1 182 ? -8.104  14.600  -3.220  1.00 16.61 ? 182  ARG A O   1 
ATOM   1265 C CB  . ARG A 1 182 ? -5.226  14.331  -1.666  1.00 21.71 ? 182  ARG A CB  1 
ATOM   1266 C CG  . ARG A 1 182 ? -4.727  14.502  -0.201  1.00 30.33 ? 182  ARG A CG  1 
ATOM   1267 C CD  . ARG A 1 182 ? -5.794  15.112  0.693   1.00 34.07 ? 182  ARG A CD  1 
ATOM   1268 N NE  . ARG A 1 182 ? -6.797  14.146  1.171   1.00 38.42 ? 182  ARG A NE  1 
ATOM   1269 C CZ  . ARG A 1 182 ? -7.974  14.476  1.727   1.00 40.87 ? 182  ARG A CZ  1 
ATOM   1270 N NH1 . ARG A 1 182 ? -8.339  15.756  1.881   1.00 35.81 ? 182  ARG A NH1 1 
ATOM   1271 N NH2 . ARG A 1 182 ? -8.780  13.518  2.167   1.00 40.80 ? 182  ARG A NH2 1 
ATOM   1272 N N   . VAL A 1 183 ? -6.763  13.070  -4.178  1.00 15.24 ? 183  VAL A N   1 
ATOM   1273 C CA  . VAL A 1 183 ? -7.394  13.215  -5.486  1.00 15.44 ? 183  VAL A CA  1 
ATOM   1274 C C   . VAL A 1 183 ? -8.870  12.769  -5.400  1.00 14.87 ? 183  VAL A C   1 
ATOM   1275 O O   . VAL A 1 183 ? -9.782  13.451  -5.889  1.00 13.29 ? 183  VAL A O   1 
ATOM   1276 C CB  . VAL A 1 183 ? -6.617  12.415  -6.561  1.00 21.83 ? 183  VAL A CB  1 
ATOM   1277 C CG1 . VAL A 1 183 ? -7.369  12.429  -7.902  1.00 22.28 ? 183  VAL A CG1 1 
ATOM   1278 C CG2 . VAL A 1 183 ? -5.237  13.060  -6.762  1.00 21.21 ? 183  VAL A CG2 1 
ATOM   1279 N N   . PHE A 1 184 ? -9.129  11.651  -4.723  1.00 12.82 ? 184  PHE A N   1 
ATOM   1280 C CA  . PHE A 1 184 ? -10.509 11.209  -4.620  1.00 11.43 ? 184  PHE A CA  1 
ATOM   1281 C C   . PHE A 1 184 ? -11.412 12.132  -3.836  1.00 12.06 ? 184  PHE A C   1 
ATOM   1282 O O   . PHE A 1 184 ? -12.629 12.178  -4.096  1.00 13.26 ? 184  PHE A O   1 
ATOM   1283 C CB  . PHE A 1 184 ? -10.586 9.813   -4.005  1.00 10.76 ? 184  PHE A CB  1 
ATOM   1284 C CG  . PHE A 1 184 ? -10.440 8.699   -5.013  1.00 10.29 ? 184  PHE A CG  1 
ATOM   1285 C CD1 . PHE A 1 184 ? -9.541  7.626   -4.777  1.00 7.02  ? 184  PHE A CD1 1 
ATOM   1286 C CD2 . PHE A 1 184 ? -11.279 8.653   -6.111  1.00 7.60  ? 184  PHE A CD2 1 
ATOM   1287 C CE1 . PHE A 1 184 ? -9.515  6.510   -5.640  1.00 10.98 ? 184  PHE A CE1 1 
ATOM   1288 C CE2 . PHE A 1 184 ? -11.259 7.536   -6.993  1.00 13.98 ? 184  PHE A CE2 1 
ATOM   1289 C CZ  . PHE A 1 184 ? -10.385 6.460   -6.762  1.00 7.67  ? 184  PHE A CZ  1 
ATOM   1290 N N   . SER A 1 185 ? -10.850 12.827  -2.848  1.00 14.37 ? 185  SER A N   1 
ATOM   1291 C CA  . SER A 1 185 ? -11.697 13.706  -2.039  1.00 18.88 ? 185  SER A CA  1 
ATOM   1292 C C   . SER A 1 185 ? -12.243 14.860  -2.896  1.00 17.75 ? 185  SER A C   1 
ATOM   1293 O O   . SER A 1 185 ? -13.198 15.490  -2.511  1.00 16.76 ? 185  SER A O   1 
ATOM   1294 C CB  . SER A 1 185 ? -10.939 14.287  -0.825  1.00 17.72 ? 185  SER A CB  1 
ATOM   1295 O OG  . SER A 1 185 ? -9.914  15.160  -1.288  1.00 25.02 ? 185  SER A OG  1 
ATOM   1296 N N   . LYS A 1 186 ? -11.628 15.130  -4.044  1.00 16.14 ? 186  LYS A N   1 
ATOM   1297 C CA  . LYS A 1 186 ? -12.121 16.216  -4.874  1.00 16.48 ? 186  LYS A CA  1 
ATOM   1298 C C   . LYS A 1 186 ? -12.932 15.707  -6.056  1.00 18.70 ? 186  LYS A C   1 
ATOM   1299 O O   . LYS A 1 186 ? -13.236 16.468  -6.968  1.00 17.94 ? 186  LYS A O   1 
ATOM   1300 C CB  . LYS A 1 186 ? -10.965 17.085  -5.362  1.00 18.50 ? 186  LYS A CB  1 
ATOM   1301 C CG  . LYS A 1 186 ? -10.206 17.861  -4.227  1.00 19.85 ? 186  LYS A CG  1 
ATOM   1302 C CD  . LYS A 1 186 ? -9.170  18.763  -4.869  1.00 23.67 ? 186  LYS A CD  1 
ATOM   1303 C CE  . LYS A 1 186 ? -8.338  19.508  -3.837  1.00 25.24 ? 186  LYS A CE  1 
ATOM   1304 N NZ  . LYS A 1 186 ? -9.155  20.045  -2.716  1.00 25.59 ? 186  LYS A NZ  1 
ATOM   1305 N N   . TRP A 1 187 ? -13.230 14.408  -6.054  1.00 20.57 ? 187  TRP A N   1 
ATOM   1306 C CA  . TRP A 1 187 ? -14.027 13.807  -7.114  1.00 21.20 ? 187  TRP A CA  1 
ATOM   1307 C C   . TRP A 1 187 ? -15.482 14.261  -6.963  1.00 23.04 ? 187  TRP A C   1 
ATOM   1308 O O   . TRP A 1 187 ? -15.884 14.605  -5.838  1.00 20.47 ? 187  TRP A O   1 
ATOM   1309 C CB  . TRP A 1 187 ? -13.983 12.275  -7.040  1.00 15.90 ? 187  TRP A CB  1 
ATOM   1310 C CG  . TRP A 1 187 ? -12.960 11.615  -7.962  1.00 14.02 ? 187  TRP A CG  1 
ATOM   1311 C CD1 . TRP A 1 187 ? -11.630 11.922  -8.078  1.00 12.58 ? 187  TRP A CD1 1 
ATOM   1312 C CD2 . TRP A 1 187 ? -13.189 10.508  -8.844  1.00 11.99 ? 187  TRP A CD2 1 
ATOM   1313 N NE1 . TRP A 1 187 ? -11.025 11.083  -8.976  1.00 15.64 ? 187  TRP A NE1 1 
ATOM   1314 C CE2 . TRP A 1 187 ? -11.957 10.202  -9.463  1.00 11.48 ? 187  TRP A CE2 1 
ATOM   1315 C CE3 . TRP A 1 187 ? -14.312 9.745   -9.161  1.00 11.73 ? 187  TRP A CE3 1 
ATOM   1316 C CZ2 . TRP A 1 187 ? -11.811 9.162   -10.396 1.00 9.42  ? 187  TRP A CZ2 1 
ATOM   1317 C CZ3 . TRP A 1 187 ? -14.170 8.693   -10.099 1.00 14.23 ? 187  TRP A CZ3 1 
ATOM   1318 C CH2 . TRP A 1 187 ? -12.922 8.423   -10.697 1.00 9.74  ? 187  TRP A CH2 1 
ATOM   1319 O OXT . TRP A 1 187 ? -16.208 14.216  -7.985  1.00 27.92 ? 187  TRP A OXT 1 
HETATM 1320 O O   . HOH B 2 .   ? -8.335  10.368  -18.365 1.00 19.14 ? 1167 HOH A O   1 
HETATM 1321 O O   . HOH B 2 .   ? -8.893  1.322   -15.041 1.00 33.21 ? 1168 HOH A O   1 
HETATM 1322 O O   . HOH B 2 .   ? 0.393   -1.100  14.244  1.00 21.29 ? 1169 HOH A O   1 
HETATM 1323 O O   . HOH B 2 .   ? -8.930  -7.609  -7.404  1.00 28.46 ? 1170 HOH A O   1 
HETATM 1324 O O   . HOH B 2 .   ? 7.249   -8.227  15.668  1.00 16.43 ? 1171 HOH A O   1 
HETATM 1325 O O   . HOH B 2 .   ? -12.222 -9.535  -10.115 1.00 30.52 ? 1172 HOH A O   1 
HETATM 1326 O O   . HOH B 2 .   ? 2.365   1.495   15.034  1.00 40.27 ? 1173 HOH A O   1 
HETATM 1327 O O   . HOH B 2 .   ? -20.435 5.177   0.346   1.00 26.92 ? 1174 HOH A O   1 
HETATM 1328 O O   . HOH B 2 .   ? 12.696  0.486   -1.722  1.00 30.88 ? 1175 HOH A O   1 
HETATM 1329 O O   . HOH B 2 .   ? 5.267   11.633  -10.336 1.00 32.13 ? 1176 HOH A O   1 
HETATM 1330 O O   . HOH B 2 .   ? -5.328  11.630  1.554   1.00 32.31 ? 1177 HOH A O   1 
HETATM 1331 O O   . HOH B 2 .   ? -6.820  13.189  -11.352 1.00 18.04 ? 1178 HOH A O   1 
HETATM 1332 O O   . HOH B 2 .   ? -12.727 1.387   3.921   1.00 27.36 ? 1179 HOH A O   1 
HETATM 1333 O O   . HOH B 2 .   ? 24.180  -4.526  0.707   1.00 32.97 ? 1180 HOH A O   1 
HETATM 1334 O O   . HOH B 2 .   ? 8.728   -20.000 17.504  1.00 34.53 ? 1182 HOH A O   1 
HETATM 1335 O O   . HOH B 2 .   ? 2.392   7.819   -13.102 1.00 39.86 ? 1183 HOH A O   1 
HETATM 1336 O O   . HOH B 2 .   ? -2.158  -12.297 2.625   1.00 35.40 ? 1184 HOH A O   1 
HETATM 1337 O O   . HOH B 2 .   ? 22.822  -8.939  5.522   1.00 28.21 ? 1185 HOH A O   1 
HETATM 1338 O O   . HOH B 2 .   ? 9.562   4.381   -1.762  1.00 40.37 ? 1186 HOH A O   1 
HETATM 1339 O O   . HOH B 2 .   ? -22.753 9.006   -16.110 1.00 37.97 ? 1187 HOH A O   1 
HETATM 1340 O O   . HOH B 2 .   ? -0.840  18.781  -11.849 1.00 31.42 ? 1188 HOH A O   1 
HETATM 1341 O O   . HOH B 2 .   ? -5.037  11.257  -18.281 1.00 35.69 ? 1189 HOH A O   1 
HETATM 1342 O O   . HOH B 2 .   ? 6.709   0.595   16.545  1.00 27.50 ? 1190 HOH A O   1 
HETATM 1343 O O   . HOH B 2 .   ? -18.400 -1.857  -3.998  1.00 32.19 ? 1191 HOH A O   1 
HETATM 1344 O O   . HOH B 2 .   ? 0.128   13.985  -14.664 1.00 32.56 ? 1192 HOH A O   1 
HETATM 1345 O O   . HOH B 2 .   ? 18.833  3.577   19.771  1.00 52.02 ? 1193 HOH A O   1 
HETATM 1346 O O   . HOH B 2 .   ? 1.175   -3.141  -13.159 1.00 30.05 ? 1194 HOH A O   1 
HETATM 1347 O O   . HOH B 2 .   ? 5.589   1.021   -7.717  1.00 47.44 ? 1195 HOH A O   1 
HETATM 1348 O O   . HOH B 2 .   ? 4.530   -17.368 7.839   1.00 25.53 ? 1196 HOH A O   1 
HETATM 1349 O O   . HOH B 2 .   ? -6.011  7.059   7.957   1.00 47.49 ? 1197 HOH A O   1 
HETATM 1350 O O   . HOH B 2 .   ? 0.177   7.331   9.280   1.00 39.96 ? 1198 HOH A O   1 
HETATM 1351 O O   . HOH B 2 .   ? -0.445  -15.925 10.575  1.00 36.46 ? 1199 HOH A O   1 
HETATM 1352 O O   . HOH B 2 .   ? 3.715   14.012  -3.768  1.00 31.77 ? 1200 HOH A O   1 
HETATM 1353 O O   . HOH B 2 .   ? 0.368   -9.531  -2.933  1.00 35.71 ? 1201 HOH A O   1 
HETATM 1354 O O   . HOH B 2 .   ? 12.307  -23.066 20.418  1.00 50.37 ? 1202 HOH A O   1 
HETATM 1355 O O   . HOH B 2 .   ? -12.612 0.911   -2.017  1.00 17.80 ? 1203 HOH A O   1 
HETATM 1356 O O   . HOH B 2 .   ? -4.017  -3.090  10.578  1.00 53.93 ? 1204 HOH A O   1 
HETATM 1357 O O   . HOH B 2 .   ? -7.849  -8.523  -11.018 1.00 37.50 ? 1205 HOH A O   1 
HETATM 1358 O O   . HOH B 2 .   ? 16.274  2.067   -2.970  1.00 53.02 ? 1206 HOH A O   1 
HETATM 1359 O O   . HOH B 2 .   ? -8.933  -2.799  -10.901 1.00 27.83 ? 1207 HOH A O   1 
HETATM 1360 O O   . HOH B 2 .   ? -4.193  -0.219  -15.493 1.00 39.72 ? 1208 HOH A O   1 
HETATM 1361 O O   . HOH B 2 .   ? 6.928   10.264  2.190   1.00 47.64 ? 1209 HOH A O   1 
HETATM 1362 O O   . HOH B 2 .   ? -0.458  -9.205  2.417   1.00 29.63 ? 1210 HOH A O   1 
HETATM 1363 O O   . HOH B 2 .   ? 3.440   1.313   -12.590 1.00 52.43 ? 1211 HOH A O   1 
HETATM 1364 O O   . HOH B 2 .   ? -3.105  8.679   -18.449 1.00 48.80 ? 1212 HOH A O   1 
HETATM 1365 O O   . HOH B 2 .   ? 13.382  -9.728  12.522  1.00 32.90 ? 1214 HOH A O   1 
HETATM 1366 O O   . HOH B 2 .   ? 1.432   -13.404 -1.778  1.00 53.99 ? 1215 HOH A O   1 
HETATM 1367 O O   . HOH B 2 .   ? -2.337  0.594   4.202   1.00 27.50 ? 1216 HOH A O   1 
HETATM 1368 O O   . HOH B 2 .   ? 1.772   -17.481 8.005   1.00 38.64 ? 1217 HOH A O   1 
HETATM 1369 O O   . HOH B 2 .   ? 2.958   -14.004 5.551   1.00 38.89 ? 1218 HOH A O   1 
HETATM 1370 O O   . HOH B 2 .   ? -10.694 10.581  -0.248  1.00 25.41 ? 1219 HOH A O   1 
HETATM 1371 O O   . HOH B 2 .   ? -12.844 12.155  1.146   1.00 36.93 ? 1220 HOH A O   1 
HETATM 1372 O O   . HOH B 2 .   ? 10.714  -17.900 5.457   1.00 64.51 ? 1221 HOH A O   1 
HETATM 1373 O O   . HOH B 2 .   ? -19.964 9.736   -2.192  1.00 35.36 ? 1222 HOH A O   1 
HETATM 1374 O O   . HOH B 2 .   ? 15.497  -14.713 20.057  1.00 22.97 ? 1224 HOH A O   1 
HETATM 1375 O O   . HOH B 2 .   ? 0.620   -5.314  16.186  1.00 20.01 ? 1225 HOH A O   1 
HETATM 1376 O O   . HOH B 2 .   ? 4.065   -21.872 10.591  1.00 49.85 ? 1226 HOH A O   1 
HETATM 1377 O O   . HOH B 2 .   ? 5.331   -10.198 20.554  1.00 34.79 ? 1227 HOH A O   1 
HETATM 1378 O O   . HOH B 2 .   ? 7.040   -15.743 5.089   1.00 47.89 ? 1228 HOH A O   1 
HETATM 1379 O O   . HOH B 2 .   ? -23.245 -1.402  -2.276  1.00 44.34 ? 1229 HOH A O   1 
HETATM 1380 O O   . HOH B 2 .   ? -20.238 -3.531  -1.003  1.00 36.21 ? 1230 HOH A O   1 
HETATM 1381 O O   . HOH B 2 .   ? -26.066 0.021   4.729   1.00 52.90 ? 1231 HOH A O   1 
HETATM 1382 O O   . HOH B 2 .   ? 12.408  -20.950 15.157  1.00 39.02 ? 1232 HOH A O   1 
HETATM 1383 O O   . HOH B 2 .   ? -26.077 14.312  3.035   1.00 62.07 ? 1233 HOH A O   1 
HETATM 1384 O O   . HOH B 2 .   ? 14.557  -8.914  15.249  1.00 39.79 ? 1234 HOH A O   1 
HETATM 1385 O O   . HOH B 2 .   ? -12.775 -6.879  -10.216 1.00 19.99 ? 1235 HOH A O   1 
HETATM 1386 O O   . HOH B 2 .   ? -9.682  -6.050  -10.417 1.00 40.21 ? 1237 HOH A O   1 
HETATM 1387 O O   . HOH B 2 .   ? 7.823   11.627  -9.528  1.00 55.06 ? 1238 HOH A O   1 
HETATM 1388 O O   . HOH B 2 .   ? -10.577 -4.117  5.671   1.00 51.85 ? 1240 HOH A O   1 
HETATM 1389 O O   . HOH B 2 .   ? -28.131 4.575   -8.954  1.00 60.14 ? 1241 HOH A O   1 
HETATM 1390 O O   . HOH B 2 .   ? 14.735  -12.613 21.142  1.00 38.29 ? 1242 HOH A O   1 
HETATM 1391 O O   . HOH B 2 .   ? 3.184   16.755  -5.430  1.00 41.44 ? 1243 HOH A O   1 
HETATM 1392 O O   . HOH B 2 .   ? -1.011  -6.930  -15.105 1.00 37.03 ? 1244 HOH A O   1 
HETATM 1393 O O   . HOH B 2 .   ? -6.455  -7.543  -8.290  1.00 31.37 ? 1245 HOH A O   1 
HETATM 1394 O O   . HOH B 2 .   ? -14.600 -5.839  -9.218  1.00 31.71 ? 1246 HOH A O   1 
HETATM 1395 O O   . HOH B 2 .   ? 3.926   -13.467 18.650  1.00 35.72 ? 1247 HOH A O   1 
HETATM 1396 O O   . HOH B 2 .   ? 4.950   -5.890  18.294  1.00 32.37 ? 1248 HOH A O   1 
HETATM 1397 O O   . HOH B 2 .   ? -5.593  13.203  4.130   1.00 48.29 ? 1249 HOH A O   1 
HETATM 1398 O O   . HOH B 2 .   ? 0.299   13.931  -1.130  1.00 27.62 ? 1250 HOH A O   1 
HETATM 1399 O O   . HOH B 2 .   ? 10.637  1.579   -3.699  1.00 46.71 ? 1251 HOH A O   1 
HETATM 1400 O O   . HOH B 2 .   ? -4.050  0.889   12.024  1.00 47.21 ? 1252 HOH A O   1 
HETATM 1401 O O   . HOH B 2 .   ? 7.621   -13.320 21.281  1.00 47.65 ? 1253 HOH A O   1 
HETATM 1402 O O   . HOH B 2 .   ? 8.512   -21.393 21.105  1.00 46.83 ? 1254 HOH A O   1 
HETATM 1403 O O   . HOH B 2 .   ? 5.831   5.668   10.493  1.00 53.45 ? 1255 HOH A O   1 
HETATM 1404 O O   . HOH B 2 .   ? -3.753  -2.058  3.584   1.00 38.76 ? 1256 HOH A O   1 
HETATM 1405 O O   . HOH B 2 .   ? 3.584   7.655   10.526  1.00 46.37 ? 1257 HOH A O   1 
HETATM 1406 O O   . HOH B 2 .   ? -17.766 11.332  -14.639 1.00 47.00 ? 1258 HOH A O   1 
HETATM 1407 O O   . HOH B 2 .   ? 19.607  -9.006  8.080   1.00 43.01 ? 1259 HOH A O   1 
HETATM 1408 O O   . HOH B 2 .   ? 10.469  -8.890  4.222   1.00 31.19 ? 1260 HOH A O   1 
HETATM 1409 O O   . HOH B 2 .   ? 12.471  -15.309 12.665  1.00 37.67 ? 1261 HOH A O   1 
HETATM 1410 O O   . HOH B 2 .   ? -24.828 8.993   -8.188  1.00 42.12 ? 1262 HOH A O   1 
HETATM 1411 O O   . HOH B 2 .   ? -23.917 6.993   -22.533 1.00 40.49 ? 1263 HOH A O   1 
HETATM 1412 O O   . HOH B 2 .   ? 1.417   -22.090 11.309  1.00 44.90 ? 1264 HOH A O   1 
HETATM 1413 O O   . HOH B 2 .   ? -9.490  2.086   -18.034 1.00 29.97 ? 1265 HOH A O   1 
HETATM 1414 O O   . HOH B 2 .   ? 7.255   0.652   13.906  1.00 43.65 ? 1266 HOH A O   1 
HETATM 1415 O O   . HOH B 2 .   ? 1.261   12.810  -16.527 1.00 48.17 ? 1267 HOH A O   1 
HETATM 1416 O O   . HOH B 2 .   ? -21.694 2.223   -17.298 1.00 35.93 ? 1268 HOH A O   1 
HETATM 1417 O O   . HOH B 2 .   ? 0.334   -7.175  20.395  1.00 30.76 ? 1269 HOH A O   1 
HETATM 1418 O O   . HOH B 2 .   ? 7.604   -8.951  20.148  1.00 42.24 ? 1270 HOH A O   1 
HETATM 1419 O O   . HOH B 2 .   ? -16.205 -4.600  -5.719  1.00 35.65 ? 1271 HOH A O   1 
HETATM 1420 O O   . HOH B 2 .   ? 6.123   15.627  -9.239  1.00 39.23 ? 1273 HOH A O   1 
HETATM 1421 O O   . HOH B 2 .   ? 4.663   -14.615 -1.380  1.00 46.64 ? 1274 HOH A O   1 
HETATM 1422 O O   . HOH B 2 .   ? 17.440  -5.547  12.208  1.00 38.73 ? 1275 HOH A O   1 
HETATM 1423 O O   . HOH B 2 .   ? -2.043  -3.972  -15.067 1.00 46.35 ? 1276 HOH A O   1 
HETATM 1424 O O   . HOH B 2 .   ? -20.927 -4.532  -5.932  1.00 40.56 ? 1277 HOH A O   1 
HETATM 1425 O O   . HOH B 2 .   ? -27.847 3.909   -1.269  1.00 41.51 ? 1278 HOH A O   1 
HETATM 1426 O O   . HOH B 2 .   ? -13.064 9.171   3.790   1.00 43.13 ? 1279 HOH A O   1 
HETATM 1427 O O   . HOH B 2 .   ? 1.148   8.181   5.625   1.00 35.78 ? 1280 HOH A O   1 
HETATM 1428 O O   . HOH B 2 .   ? 10.050  7.357   9.459   1.00 47.44 ? 1281 HOH A O   1 
HETATM 1429 O O   . HOH B 2 .   ? 20.995  8.609   4.798   1.00 40.50 ? 1282 HOH A O   1 
HETATM 1430 O O   . HOH B 2 .   ? 6.846   11.503  -5.601  1.00 41.48 ? 1283 HOH A O   1 
HETATM 1431 O O   . HOH B 2 .   ? 1.439   -10.491 -0.454  1.00 31.21 ? 1284 HOH A O   1 
HETATM 1432 O O   . HOH B 2 .   ? 15.658  -12.396 4.994   1.00 40.76 ? 1285 HOH A O   1 
HETATM 1433 O O   . HOH B 2 .   ? 11.094  -3.907  -1.128  1.00 37.41 ? 1286 HOH A O   1 
HETATM 1434 O O   . HOH B 2 .   ? 8.187   10.162  8.667   1.00 36.66 ? 1287 HOH A O   1 
HETATM 1435 O O   . HOH B 2 .   ? -5.281  20.875  -2.879  1.00 39.05 ? 1288 HOH A O   1 
# 
